data_1BAU
# 
_entry.id   1BAU 
# 
_audit_conform.dict_name       mmcif_pdbx.dic 
_audit_conform.dict_version    5.392 
_audit_conform.dict_location   http://mmcif.pdb.org/dictionaries/ascii/mmcif_pdbx.dic 
# 
loop_
_database_2.database_id 
_database_2.database_code 
_database_2.pdbx_database_accession 
_database_2.pdbx_DOI 
PDB   1BAU         pdb_00001bau 10.2210/pdb1bau/pdb 
WWPDB D_1000171538 ?            ?                   
# 
loop_
_pdbx_audit_revision_history.ordinal 
_pdbx_audit_revision_history.data_content_type 
_pdbx_audit_revision_history.major_revision 
_pdbx_audit_revision_history.minor_revision 
_pdbx_audit_revision_history.revision_date 
1 'Structure model' 1 0 1999-04-27 
2 'Structure model' 1 1 2008-03-24 
3 'Structure model' 1 2 2011-07-13 
4 'Structure model' 1 3 2022-02-16 
5 'Structure model' 1 4 2024-05-22 
# 
_pdbx_audit_revision_details.ordinal             1 
_pdbx_audit_revision_details.revision_ordinal    1 
_pdbx_audit_revision_details.data_content_type   'Structure model' 
_pdbx_audit_revision_details.provider            repository 
_pdbx_audit_revision_details.type                'Initial release' 
_pdbx_audit_revision_details.description         ? 
_pdbx_audit_revision_details.details             ? 
# 
loop_
_pdbx_audit_revision_group.ordinal 
_pdbx_audit_revision_group.revision_ordinal 
_pdbx_audit_revision_group.data_content_type 
_pdbx_audit_revision_group.group 
1 2 'Structure model' 'Version format compliance' 
2 3 'Structure model' 'Version format compliance' 
3 4 'Structure model' 'Data collection'           
4 4 'Structure model' 'Database references'       
5 4 'Structure model' 'Derived calculations'      
6 4 'Structure model' Other                       
7 5 'Structure model' 'Data collection'           
# 
loop_
_pdbx_audit_revision_category.ordinal 
_pdbx_audit_revision_category.revision_ordinal 
_pdbx_audit_revision_category.data_content_type 
_pdbx_audit_revision_category.category 
1 4 'Structure model' database_2            
2 4 'Structure model' pdbx_database_status  
3 4 'Structure model' pdbx_nmr_software     
4 4 'Structure model' pdbx_struct_assembly  
5 4 'Structure model' pdbx_struct_oper_list 
6 5 'Structure model' chem_comp_atom        
7 5 'Structure model' chem_comp_bond        
# 
loop_
_pdbx_audit_revision_item.ordinal 
_pdbx_audit_revision_item.revision_ordinal 
_pdbx_audit_revision_item.data_content_type 
_pdbx_audit_revision_item.item 
1 4 'Structure model' '_database_2.pdbx_DOI'                
2 4 'Structure model' '_database_2.pdbx_database_accession' 
3 4 'Structure model' '_pdbx_database_status.process_site'  
4 4 'Structure model' '_pdbx_nmr_software.name'             
# 
_pdbx_database_status.status_code                     REL 
_pdbx_database_status.entry_id                        1BAU 
_pdbx_database_status.recvd_initial_deposition_date   1998-04-18 
_pdbx_database_status.deposit_site                    ? 
_pdbx_database_status.process_site                    BNL 
_pdbx_database_status.status_code_sf                  ? 
_pdbx_database_status.status_code_mr                  REL 
_pdbx_database_status.SG_entry                        ? 
_pdbx_database_status.pdb_format_compatible           Y 
_pdbx_database_status.status_code_cs                  ? 
_pdbx_database_status.status_code_nmr_data            ? 
_pdbx_database_status.methods_development_category    ? 
# 
loop_
_audit_author.name 
_audit_author.pdbx_ordinal 
'Mujeeb, A.'    1 
'Clever, J.L.'  2 
'Billeci, T.M.' 3 
'James, T.L.'   4 
'Parslow, T.G.' 5 
# 
_citation.id                        primary 
_citation.title                     'Structure of the dimer initiation complex of HIV-1 genomic RNA.' 
_citation.journal_abbrev            Nat.Struct.Biol. 
_citation.journal_volume            5 
_citation.page_first                432 
_citation.page_last                 436 
_citation.year                      1998 
_citation.journal_id_ASTM           NSBIEW 
_citation.country                   US 
_citation.journal_id_ISSN           1072-8368 
_citation.journal_id_CSD            2024 
_citation.book_publisher            ? 
_citation.pdbx_database_id_PubMed   9628479 
_citation.pdbx_database_id_DOI      10.1038/nsb0698-432 
# 
loop_
_citation_author.citation_id 
_citation_author.name 
_citation_author.ordinal 
_citation_author.identifier_ORCID 
primary 'Mujeeb, A.'    1 ? 
primary 'Clever, J.L.'  2 ? 
primary 'Billeci, T.M.' 3 ? 
primary 'James, T.L.'   4 ? 
primary 'Parslow, T.G.' 5 ? 
# 
_entity.id                         1 
_entity.type                       polymer 
_entity.src_method                 syn 
_entity.pdbx_description           'SL1 RNA DIMER' 
_entity.formula_weight             7417.488 
_entity.pdbx_number_of_molecules   2 
_entity.pdbx_ec                    ? 
_entity.pdbx_mutation              ? 
_entity.pdbx_fragment              'HIV-1 PACKAGING SIGNAL, RESIDUE 248-270' 
_entity.details                    'ENGINEERED SEQUENCE IN THE LOWER STEM REGION' 
# 
_entity_poly.entity_id                      1 
_entity_poly.type                           polyribonucleotide 
_entity_poly.nstd_linkage                   no 
_entity_poly.nstd_monomer                   no 
_entity_poly.pdbx_seq_one_letter_code       GGCAAUGAAGCGCGCACGUUGCC 
_entity_poly.pdbx_seq_one_letter_code_can   GGCAAUGAAGCGCGCACGUUGCC 
_entity_poly.pdbx_strand_id                 A,B 
_entity_poly.pdbx_target_identifier         ? 
# 
loop_
_entity_poly_seq.entity_id 
_entity_poly_seq.num 
_entity_poly_seq.mon_id 
_entity_poly_seq.hetero 
1 1  G n 
1 2  G n 
1 3  C n 
1 4  A n 
1 5  A n 
1 6  U n 
1 7  G n 
1 8  A n 
1 9  A n 
1 10 G n 
1 11 C n 
1 12 G n 
1 13 C n 
1 14 G n 
1 15 C n 
1 16 A n 
1 17 C n 
1 18 G n 
1 19 U n 
1 20 U n 
1 21 G n 
1 22 C n 
1 23 C n 
# 
_pdbx_entity_src_syn.entity_id              1 
_pdbx_entity_src_syn.pdbx_src_id            1 
_pdbx_entity_src_syn.pdbx_alt_source_flag   sample 
_pdbx_entity_src_syn.pdbx_beg_seq_num       ? 
_pdbx_entity_src_syn.pdbx_end_seq_num       ? 
_pdbx_entity_src_syn.organism_scientific    ? 
_pdbx_entity_src_syn.organism_common_name   ? 
_pdbx_entity_src_syn.ncbi_taxonomy_id       ? 
_pdbx_entity_src_syn.details                'RNA SYNTHESIZED USING T7 RNA TRANSCRIPTION' 
# 
loop_
_chem_comp.id 
_chem_comp.type 
_chem_comp.mon_nstd_flag 
_chem_comp.name 
_chem_comp.pdbx_synonyms 
_chem_comp.formula 
_chem_comp.formula_weight 
A 'RNA linking' y "ADENOSINE-5'-MONOPHOSPHATE" ? 'C10 H14 N5 O7 P' 347.221 
C 'RNA linking' y "CYTIDINE-5'-MONOPHOSPHATE"  ? 'C9 H14 N3 O8 P'  323.197 
G 'RNA linking' y "GUANOSINE-5'-MONOPHOSPHATE" ? 'C10 H14 N5 O8 P' 363.221 
U 'RNA linking' y "URIDINE-5'-MONOPHOSPHATE"   ? 'C9 H13 N2 O9 P'  324.181 
# 
loop_
_pdbx_poly_seq_scheme.asym_id 
_pdbx_poly_seq_scheme.entity_id 
_pdbx_poly_seq_scheme.seq_id 
_pdbx_poly_seq_scheme.mon_id 
_pdbx_poly_seq_scheme.ndb_seq_num 
_pdbx_poly_seq_scheme.pdb_seq_num 
_pdbx_poly_seq_scheme.auth_seq_num 
_pdbx_poly_seq_scheme.pdb_mon_id 
_pdbx_poly_seq_scheme.auth_mon_id 
_pdbx_poly_seq_scheme.pdb_strand_id 
_pdbx_poly_seq_scheme.pdb_ins_code 
_pdbx_poly_seq_scheme.hetero 
A 1 1  G 1  1  1  G G A . n 
A 1 2  G 2  2  2  G G A . n 
A 1 3  C 3  3  3  C C A . n 
A 1 4  A 4  4  4  A A A . n 
A 1 5  A 5  5  5  A A A . n 
A 1 6  U 6  6  6  U U A . n 
A 1 7  G 7  7  7  G G A . n 
A 1 8  A 8  8  8  A A A . n 
A 1 9  A 9  9  9  A A A . n 
A 1 10 G 10 10 10 G G A . n 
A 1 11 C 11 11 11 C C A . n 
A 1 12 G 12 12 12 G G A . n 
A 1 13 C 13 13 13 C C A . n 
A 1 14 G 14 14 14 G G A . n 
A 1 15 C 15 15 15 C C A . n 
A 1 16 A 16 16 16 A A A . n 
A 1 17 C 17 17 17 C C A . n 
A 1 18 G 18 18 18 G G A . n 
A 1 19 U 19 19 19 U U A . n 
A 1 20 U 20 20 20 U U A . n 
A 1 21 G 21 21 21 G G A . n 
A 1 22 C 22 22 22 C C A . n 
A 1 23 C 23 23 23 C C A . n 
B 1 1  G 1  1  1  G G B . n 
B 1 2  G 2  2  2  G G B . n 
B 1 3  C 3  3  3  C C B . n 
B 1 4  A 4  4  4  A A B . n 
B 1 5  A 5  5  5  A A B . n 
B 1 6  U 6  6  6  U U B . n 
B 1 7  G 7  7  7  G G B . n 
B 1 8  A 8  8  8  A A B . n 
B 1 9  A 9  9  9  A A B . n 
B 1 10 G 10 10 10 G G B . n 
B 1 11 C 11 11 11 C C B . n 
B 1 12 G 12 12 12 G G B . n 
B 1 13 C 13 13 13 C C B . n 
B 1 14 G 14 14 14 G G B . n 
B 1 15 C 15 15 15 C C B . n 
B 1 16 A 16 16 16 A A B . n 
B 1 17 C 17 17 17 C C B . n 
B 1 18 G 18 18 18 G G B . n 
B 1 19 U 19 19 19 U U B . n 
B 1 20 U 20 20 20 U U B . n 
B 1 21 G 21 21 21 G G B . n 
B 1 22 C 22 22 22 C C B . n 
B 1 23 C 23 23 23 C C B . n 
# 
loop_
_software.name 
_software.classification 
_software.version 
_software.citation_id 
_software.pdbx_ordinal 
DYANA 'model building' . ? 1 
AMBER refinement       . ? 2 
DYANA refinement       . ? 3 
# 
_cell.entry_id           1BAU 
_cell.length_a           1.000 
_cell.length_b           1.000 
_cell.length_c           1.000 
_cell.angle_alpha        90.00 
_cell.angle_beta         90.00 
_cell.angle_gamma        90.00 
_cell.Z_PDB              1 
_cell.pdbx_unique_axis   ? 
# 
_symmetry.entry_id                         1BAU 
_symmetry.space_group_name_H-M             'P 1' 
_symmetry.pdbx_full_space_group_name_H-M   ? 
_symmetry.cell_setting                     ? 
_symmetry.Int_Tables_number                1 
# 
_exptl.entry_id          1BAU 
_exptl.method            'SOLUTION NMR' 
_exptl.crystals_number   ? 
# 
_struct.entry_id                  1BAU 
_struct.title                     'NMR STRUCTURE OF THE DIMER INITIATION COMPLEX OF HIV-1 GENOMIC RNA, MINIMIZED AVERAGE STRUCTURE' 
_struct.pdbx_model_details        ? 
_struct.pdbx_CASP_flag            ? 
_struct.pdbx_model_type_details   ? 
# 
_struct_keywords.entry_id        1BAU 
_struct_keywords.pdbx_keywords   RNA 
_struct_keywords.text            'RIBONUCLEIC ACID, HIV-1, DIMERIZATION, ENCAPSIDATION, RNA' 
# 
loop_
_struct_asym.id 
_struct_asym.pdbx_blank_PDB_chainid_flag 
_struct_asym.pdbx_modified 
_struct_asym.entity_id 
_struct_asym.details 
A N N 1 ? 
B N N 1 ? 
# 
_struct_ref.id                         1 
_struct_ref.entity_id                  1 
_struct_ref.db_name                    PDB 
_struct_ref.db_code                    1BAU 
_struct_ref.pdbx_db_accession          1BAU 
_struct_ref.pdbx_db_isoform            ? 
_struct_ref.pdbx_seq_one_letter_code   ? 
_struct_ref.pdbx_align_begin           ? 
# 
loop_
_struct_ref_seq.align_id 
_struct_ref_seq.ref_id 
_struct_ref_seq.pdbx_PDB_id_code 
_struct_ref_seq.pdbx_strand_id 
_struct_ref_seq.seq_align_beg 
_struct_ref_seq.pdbx_seq_align_beg_ins_code 
_struct_ref_seq.seq_align_end 
_struct_ref_seq.pdbx_seq_align_end_ins_code 
_struct_ref_seq.pdbx_db_accession 
_struct_ref_seq.db_align_beg 
_struct_ref_seq.pdbx_db_align_beg_ins_code 
_struct_ref_seq.db_align_end 
_struct_ref_seq.pdbx_db_align_end_ins_code 
_struct_ref_seq.pdbx_auth_seq_align_beg 
_struct_ref_seq.pdbx_auth_seq_align_end 
1 1 1BAU A 1 ? 23 ? 1BAU 1 ? 23 ? 1 23 
2 1 1BAU B 1 ? 23 ? 1BAU 1 ? 23 ? 1 23 
# 
_pdbx_struct_assembly.id                   1 
_pdbx_struct_assembly.details              author_defined_assembly 
_pdbx_struct_assembly.method_details       ? 
_pdbx_struct_assembly.oligomeric_details   dimeric 
_pdbx_struct_assembly.oligomeric_count     2 
# 
_pdbx_struct_assembly_gen.assembly_id       1 
_pdbx_struct_assembly_gen.oper_expression   1 
_pdbx_struct_assembly_gen.asym_id_list      A,B 
# 
_pdbx_struct_oper_list.id                   1 
_pdbx_struct_oper_list.type                 'identity operation' 
_pdbx_struct_oper_list.name                 1_555 
_pdbx_struct_oper_list.symmetry_operation   x,y,z 
_pdbx_struct_oper_list.matrix[1][1]         1.0000000000 
_pdbx_struct_oper_list.matrix[1][2]         0.0000000000 
_pdbx_struct_oper_list.matrix[1][3]         0.0000000000 
_pdbx_struct_oper_list.vector[1]            0.0000000000 
_pdbx_struct_oper_list.matrix[2][1]         0.0000000000 
_pdbx_struct_oper_list.matrix[2][2]         1.0000000000 
_pdbx_struct_oper_list.matrix[2][3]         0.0000000000 
_pdbx_struct_oper_list.vector[2]            0.0000000000 
_pdbx_struct_oper_list.matrix[3][1]         0.0000000000 
_pdbx_struct_oper_list.matrix[3][2]         0.0000000000 
_pdbx_struct_oper_list.matrix[3][3]         1.0000000000 
_pdbx_struct_oper_list.vector[3]            0.0000000000 
# 
_struct_biol.id   1 
# 
loop_
_struct_conn.id 
_struct_conn.conn_type_id 
_struct_conn.pdbx_leaving_atom_flag 
_struct_conn.pdbx_PDB_id 
_struct_conn.ptnr1_label_asym_id 
_struct_conn.ptnr1_label_comp_id 
_struct_conn.ptnr1_label_seq_id 
_struct_conn.ptnr1_label_atom_id 
_struct_conn.pdbx_ptnr1_label_alt_id 
_struct_conn.pdbx_ptnr1_PDB_ins_code 
_struct_conn.pdbx_ptnr1_standard_comp_id 
_struct_conn.ptnr1_symmetry 
_struct_conn.ptnr2_label_asym_id 
_struct_conn.ptnr2_label_comp_id 
_struct_conn.ptnr2_label_seq_id 
_struct_conn.ptnr2_label_atom_id 
_struct_conn.pdbx_ptnr2_label_alt_id 
_struct_conn.pdbx_ptnr2_PDB_ins_code 
_struct_conn.ptnr1_auth_asym_id 
_struct_conn.ptnr1_auth_comp_id 
_struct_conn.ptnr1_auth_seq_id 
_struct_conn.ptnr2_auth_asym_id 
_struct_conn.ptnr2_auth_comp_id 
_struct_conn.ptnr2_auth_seq_id 
_struct_conn.ptnr2_symmetry 
_struct_conn.pdbx_ptnr3_label_atom_id 
_struct_conn.pdbx_ptnr3_label_seq_id 
_struct_conn.pdbx_ptnr3_label_comp_id 
_struct_conn.pdbx_ptnr3_label_asym_id 
_struct_conn.pdbx_ptnr3_label_alt_id 
_struct_conn.pdbx_ptnr3_PDB_ins_code 
_struct_conn.details 
_struct_conn.pdbx_dist_value 
_struct_conn.pdbx_value_order 
_struct_conn.pdbx_role 
hydrog1  hydrog ? ? A G 1  N1 ? ? ? 1_555 A C 23 N3 ? ? A G 1  A C 23 1_555 ? ? ? ? ? ? WATSON-CRICK            ? ? ? 
hydrog2  hydrog ? ? A G 1  N2 ? ? ? 1_555 A C 23 O2 ? ? A G 1  A C 23 1_555 ? ? ? ? ? ? WATSON-CRICK            ? ? ? 
hydrog3  hydrog ? ? A G 1  O6 ? ? ? 1_555 A C 23 N4 ? ? A G 1  A C 23 1_555 ? ? ? ? ? ? WATSON-CRICK            ? ? ? 
hydrog4  hydrog ? ? A G 2  N1 ? ? ? 1_555 A C 22 N3 ? ? A G 2  A C 22 1_555 ? ? ? ? ? ? WATSON-CRICK            ? ? ? 
hydrog5  hydrog ? ? A G 2  N2 ? ? ? 1_555 A C 22 O2 ? ? A G 2  A C 22 1_555 ? ? ? ? ? ? WATSON-CRICK            ? ? ? 
hydrog6  hydrog ? ? A G 2  O6 ? ? ? 1_555 A C 22 N4 ? ? A G 2  A C 22 1_555 ? ? ? ? ? ? WATSON-CRICK            ? ? ? 
hydrog7  hydrog ? ? A C 3  N3 ? ? ? 1_555 A G 21 N1 ? ? A C 3  A G 21 1_555 ? ? ? ? ? ? WATSON-CRICK            ? ? ? 
hydrog8  hydrog ? ? A C 3  N4 ? ? ? 1_555 A G 21 O6 ? ? A C 3  A G 21 1_555 ? ? ? ? ? ? WATSON-CRICK            ? ? ? 
hydrog9  hydrog ? ? A C 3  O2 ? ? ? 1_555 A G 21 N2 ? ? A C 3  A G 21 1_555 ? ? ? ? ? ? WATSON-CRICK            ? ? ? 
hydrog10 hydrog ? ? A A 4  N1 ? ? ? 1_555 A U 20 N3 ? ? A A 4  A U 20 1_555 ? ? ? ? ? ? WATSON-CRICK            ? ? ? 
hydrog11 hydrog ? ? A A 4  N6 ? ? ? 1_555 A U 20 O4 ? ? A A 4  A U 20 1_555 ? ? ? ? ? ? WATSON-CRICK            ? ? ? 
hydrog12 hydrog ? ? A A 5  N1 ? ? ? 1_555 A U 19 N3 ? ? A A 5  A U 19 1_555 ? ? ? ? ? ? WATSON-CRICK            ? ? ? 
hydrog13 hydrog ? ? A A 5  N6 ? ? ? 1_555 A U 19 O4 ? ? A A 5  A U 19 1_555 ? ? ? ? ? ? WATSON-CRICK            ? ? ? 
hydrog14 hydrog ? ? A U 6  N3 ? ? ? 1_555 A G 18 O6 ? ? A U 6  A G 18 1_555 ? ? ? ? ? ? TYPE_28_PAIR            ? ? ? 
hydrog15 hydrog ? ? A U 6  O2 ? ? ? 1_555 A G 18 N1 ? ? A U 6  A G 18 1_555 ? ? ? ? ? ? TYPE_28_PAIR            ? ? ? 
hydrog16 hydrog ? ? A G 7  N2 ? ? ? 1_555 A C 17 N3 ? ? A G 7  A C 17 1_555 ? ? ? ? ? ? 'G-C PAIR'              ? ? ? 
hydrog17 hydrog ? ? A A 9  N6 ? ? ? 1_555 B A 16 N3 ? ? A A 9  B A 16 1_555 ? ? ? ? ? ? 'A-A MISPAIR'           ? ? ? 
hydrog18 hydrog ? ? A G 10 N1 ? ? ? 1_555 B G 14 O6 ? ? A G 10 B G 14 1_555 ? ? ? ? ? ? 'G-G MISPAIR'           ? ? ? 
hydrog19 hydrog ? ? A G 10 N1 ? ? ? 1_555 B C 15 N3 ? ? A G 10 B C 15 1_555 ? ? ? ? ? ? WATSON-CRICK            ? ? ? 
hydrog20 hydrog ? ? A G 10 N2 ? ? ? 1_555 B C 15 O2 ? ? A G 10 B C 15 1_555 ? ? ? ? ? ? WATSON-CRICK            ? ? ? 
hydrog21 hydrog ? ? A G 10 O6 ? ? ? 1_555 B C 15 N4 ? ? A G 10 B C 15 1_555 ? ? ? ? ? ? WATSON-CRICK            ? ? ? 
hydrog22 hydrog ? ? A G 12 N1 ? ? ? 1_555 B C 13 O2 ? ? A G 12 B C 13 1_555 ? ? ? ? ? ? 'REVERSED WATSON-CRICK' ? ? ? 
hydrog23 hydrog ? ? A G 12 N2 ? ? ? 1_555 B C 13 N3 ? ? A G 12 B C 13 1_555 ? ? ? ? ? ? 'REVERSED WATSON-CRICK' ? ? ? 
hydrog24 hydrog ? ? A C 13 N4 ? ? ? 1_555 B G 12 O6 ? ? A C 13 B G 12 1_555 ? ? ? ? ? ? 'C-G PAIR'              ? ? ? 
hydrog25 hydrog ? ? A G 14 N1 ? ? ? 1_555 B C 11 N3 ? ? A G 14 B C 11 1_555 ? ? ? ? ? ? 'G-C PAIR'              ? ? ? 
hydrog26 hydrog ? ? A C 15 N3 ? ? ? 1_555 B G 10 N1 ? ? A C 15 B G 10 1_555 ? ? ? ? ? ? WATSON-CRICK            ? ? ? 
hydrog27 hydrog ? ? A C 15 N4 ? ? ? 1_555 B G 10 O6 ? ? A C 15 B G 10 1_555 ? ? ? ? ? ? WATSON-CRICK            ? ? ? 
hydrog28 hydrog ? ? A C 15 O2 ? ? ? 1_555 B G 10 N2 ? ? A C 15 B G 10 1_555 ? ? ? ? ? ? WATSON-CRICK            ? ? ? 
hydrog29 hydrog ? ? A A 16 N3 ? ? ? 1_555 B A 9  N6 ? ? A A 16 B A 9  1_555 ? ? ? ? ? ? 'A-A MISPAIR'           ? ? ? 
hydrog30 hydrog ? ? B G 1  N1 ? ? ? 1_555 B C 23 N3 ? ? B G 1  B C 23 1_555 ? ? ? ? ? ? WATSON-CRICK            ? ? ? 
hydrog31 hydrog ? ? B G 1  N2 ? ? ? 1_555 B C 23 O2 ? ? B G 1  B C 23 1_555 ? ? ? ? ? ? WATSON-CRICK            ? ? ? 
hydrog32 hydrog ? ? B G 1  O6 ? ? ? 1_555 B C 23 N4 ? ? B G 1  B C 23 1_555 ? ? ? ? ? ? WATSON-CRICK            ? ? ? 
hydrog33 hydrog ? ? B G 2  N1 ? ? ? 1_555 B C 22 N3 ? ? B G 2  B C 22 1_555 ? ? ? ? ? ? WATSON-CRICK            ? ? ? 
hydrog34 hydrog ? ? B G 2  N2 ? ? ? 1_555 B C 22 O2 ? ? B G 2  B C 22 1_555 ? ? ? ? ? ? WATSON-CRICK            ? ? ? 
hydrog35 hydrog ? ? B G 2  O6 ? ? ? 1_555 B C 22 N4 ? ? B G 2  B C 22 1_555 ? ? ? ? ? ? WATSON-CRICK            ? ? ? 
hydrog36 hydrog ? ? B C 3  N3 ? ? ? 1_555 B G 21 N1 ? ? B C 3  B G 21 1_555 ? ? ? ? ? ? WATSON-CRICK            ? ? ? 
hydrog37 hydrog ? ? B C 3  N4 ? ? ? 1_555 B G 21 O6 ? ? B C 3  B G 21 1_555 ? ? ? ? ? ? WATSON-CRICK            ? ? ? 
hydrog38 hydrog ? ? B C 3  O2 ? ? ? 1_555 B G 21 N2 ? ? B C 3  B G 21 1_555 ? ? ? ? ? ? WATSON-CRICK            ? ? ? 
hydrog39 hydrog ? ? B A 4  N1 ? ? ? 1_555 B U 20 N3 ? ? B A 4  B U 20 1_555 ? ? ? ? ? ? WATSON-CRICK            ? ? ? 
hydrog40 hydrog ? ? B A 4  N6 ? ? ? 1_555 B U 20 O4 ? ? B A 4  B U 20 1_555 ? ? ? ? ? ? WATSON-CRICK            ? ? ? 
hydrog41 hydrog ? ? B A 5  N1 ? ? ? 1_555 B U 19 N3 ? ? B A 5  B U 19 1_555 ? ? ? ? ? ? WATSON-CRICK            ? ? ? 
hydrog42 hydrog ? ? B A 5  N6 ? ? ? 1_555 B U 19 O4 ? ? B A 5  B U 19 1_555 ? ? ? ? ? ? WATSON-CRICK            ? ? ? 
hydrog43 hydrog ? ? B U 6  N3 ? ? ? 1_555 B G 18 O6 ? ? B U 6  B G 18 1_555 ? ? ? ? ? ? TYPE_28_PAIR            ? ? ? 
hydrog44 hydrog ? ? B U 6  O2 ? ? ? 1_555 B G 18 N1 ? ? B U 6  B G 18 1_555 ? ? ? ? ? ? TYPE_28_PAIR            ? ? ? 
hydrog45 hydrog ? ? B G 7  N2 ? ? ? 1_555 B C 17 N3 ? ? B G 7  B C 17 1_555 ? ? ? ? ? ? 'G-C PAIR'              ? ? ? 
# 
_struct_conn_type.id          hydrog 
_struct_conn_type.criteria    ? 
_struct_conn_type.reference   ? 
# 
loop_
_pdbx_validate_close_contact.id 
_pdbx_validate_close_contact.PDB_model_num 
_pdbx_validate_close_contact.auth_atom_id_1 
_pdbx_validate_close_contact.auth_asym_id_1 
_pdbx_validate_close_contact.auth_comp_id_1 
_pdbx_validate_close_contact.auth_seq_id_1 
_pdbx_validate_close_contact.PDB_ins_code_1 
_pdbx_validate_close_contact.label_alt_id_1 
_pdbx_validate_close_contact.auth_atom_id_2 
_pdbx_validate_close_contact.auth_asym_id_2 
_pdbx_validate_close_contact.auth_comp_id_2 
_pdbx_validate_close_contact.auth_seq_id_2 
_pdbx_validate_close_contact.PDB_ins_code_2 
_pdbx_validate_close_contact.label_alt_id_2 
_pdbx_validate_close_contact.dist 
1  1 H21 A G 12 ? ? O2  B C 13 ? ? 0.32 
2  1 O2  A C 13 ? ? H21 B G 12 ? ? 0.74 
3  1 H1  A G 12 ? ? N3  B C 13 ? ? 0.80 
4  1 C2  A C 13 ? ? H21 B G 12 ? ? 1.08 
5  1 O6  A G 12 ? ? H41 B C 13 ? ? 1.13 
6  1 N3  A C 13 ? ? H1  B G 12 ? ? 1.14 
7  1 N3  A C 11 ? ? H1  B G 14 ? ? 1.19 
8  1 O2  A C 11 ? ? H21 B G 14 ? ? 1.23 
9  1 C4  A C 11 ? ? H1  B G 14 ? ? 1.26 
10 1 H1  A G 14 ? ? H41 B C 11 ? ? 1.27 
11 1 N2  A G 12 ? ? O2  B C 13 ? ? 1.27 
12 1 H41 A C 11 ? ? C6  B G 14 ? ? 1.30 
13 1 C2  A C 11 ? ? H21 B G 14 ? ? 1.31 
14 1 H41 A C 13 ? ? O6  B G 12 ? ? 1.33 
15 1 H21 A G 12 ? ? C2  B C 13 ? ? 1.34 
16 1 N3  A C 11 ? ? H21 B G 14 ? ? 1.38 
17 1 N4  A C 11 ? ? H1  B G 14 ? ? 1.39 
18 1 O6  A G 14 ? ? H41 B C 11 ? ? 1.40 
19 1 H41 A C 11 ? ? N1  B G 14 ? ? 1.41 
20 1 H41 A C 11 ? ? O6  B G 14 ? ? 1.44 
21 1 O2  A C 13 ? ? N2  B G 12 ? ? 1.47 
22 1 H1  A G 14 ? ? N3  B C 11 ? ? 1.50 
23 1 H21 A G 10 ? ? O2  B C 15 ? ? 1.54 
24 1 C5  A C 17 ? ? H61 B A 9  ? ? 1.58 
25 1 OP1 A A 9  ? ? OP1 B A 9  ? ? 1.78 
26 1 N1  A G 12 ? ? N3  B C 13 ? ? 1.78 
27 1 C5  A C 17 ? ? N6  B A 9  ? ? 1.86 
28 1 N4  A C 11 ? ? O6  B G 14 ? ? 1.89 
29 1 N3  A C 11 ? ? N1  B G 14 ? ? 1.91 
30 1 N6  A A 9  ? ? C5  B C 17 ? ? 1.92 
31 1 N3  A C 13 ? ? N1  B G 12 ? ? 1.97 
32 1 N4  A C 11 ? ? N1  B G 14 ? ? 1.99 
33 1 O2  A C 11 ? ? N2  B G 14 ? ? 2.00 
34 1 C6  A C 17 ? ? N6  B A 9  ? ? 2.02 
35 1 N3  A C 11 ? ? N2  B G 14 ? ? 2.02 
36 1 C2  A C 13 ? ? N2  B G 12 ? ? 2.10 
37 1 O6  A G 14 ? ? N4  B C 11 ? ? 2.12 
38 1 O6  A G 12 ? ? N4  B C 13 ? ? 2.15 
39 1 N4  A C 11 ? ? C6  B G 14 ? ? 2.18 
# 
loop_
_pdbx_validate_rmsd_bond.id 
_pdbx_validate_rmsd_bond.PDB_model_num 
_pdbx_validate_rmsd_bond.auth_atom_id_1 
_pdbx_validate_rmsd_bond.auth_asym_id_1 
_pdbx_validate_rmsd_bond.auth_comp_id_1 
_pdbx_validate_rmsd_bond.auth_seq_id_1 
_pdbx_validate_rmsd_bond.PDB_ins_code_1 
_pdbx_validate_rmsd_bond.label_alt_id_1 
_pdbx_validate_rmsd_bond.auth_atom_id_2 
_pdbx_validate_rmsd_bond.auth_asym_id_2 
_pdbx_validate_rmsd_bond.auth_comp_id_2 
_pdbx_validate_rmsd_bond.auth_seq_id_2 
_pdbx_validate_rmsd_bond.PDB_ins_code_2 
_pdbx_validate_rmsd_bond.label_alt_id_2 
_pdbx_validate_rmsd_bond.bond_value 
_pdbx_validate_rmsd_bond.bond_target_value 
_pdbx_validate_rmsd_bond.bond_deviation 
_pdbx_validate_rmsd_bond.bond_standard_deviation 
_pdbx_validate_rmsd_bond.linker_flag 
1 1 C6 A A 9 ? ? N1 A A 9 ? ? 1.299 1.351 -0.052 0.007 N 
2 1 C6 B A 9 ? ? N1 B A 9 ? ? 1.300 1.351 -0.051 0.007 N 
# 
loop_
_pdbx_validate_rmsd_angle.id 
_pdbx_validate_rmsd_angle.PDB_model_num 
_pdbx_validate_rmsd_angle.auth_atom_id_1 
_pdbx_validate_rmsd_angle.auth_asym_id_1 
_pdbx_validate_rmsd_angle.auth_comp_id_1 
_pdbx_validate_rmsd_angle.auth_seq_id_1 
_pdbx_validate_rmsd_angle.PDB_ins_code_1 
_pdbx_validate_rmsd_angle.label_alt_id_1 
_pdbx_validate_rmsd_angle.auth_atom_id_2 
_pdbx_validate_rmsd_angle.auth_asym_id_2 
_pdbx_validate_rmsd_angle.auth_comp_id_2 
_pdbx_validate_rmsd_angle.auth_seq_id_2 
_pdbx_validate_rmsd_angle.PDB_ins_code_2 
_pdbx_validate_rmsd_angle.label_alt_id_2 
_pdbx_validate_rmsd_angle.auth_atom_id_3 
_pdbx_validate_rmsd_angle.auth_asym_id_3 
_pdbx_validate_rmsd_angle.auth_comp_id_3 
_pdbx_validate_rmsd_angle.auth_seq_id_3 
_pdbx_validate_rmsd_angle.PDB_ins_code_3 
_pdbx_validate_rmsd_angle.label_alt_id_3 
_pdbx_validate_rmsd_angle.angle_value 
_pdbx_validate_rmsd_angle.angle_target_value 
_pdbx_validate_rmsd_angle.angle_deviation 
_pdbx_validate_rmsd_angle.angle_standard_deviation 
_pdbx_validate_rmsd_angle.linker_flag 
1  1 C5    A A 4  ? ? C6    A A 4  ? ? N1    A A 4  ? ? 120.82 117.70 3.12  0.50 N 
2  1 "O4'" A U 6  ? ? "C1'" A U 6  ? ? N1    A U 6  ? ? 112.84 108.50 4.34  0.70 N 
3  1 C8    A G 7  ? ? N9    A G 7  ? ? C4    A G 7  ? ? 103.49 106.40 -2.91 0.40 N 
4  1 "C4'" A A 8  ? ? "C3'" A A 8  ? ? "C2'" A A 8  ? ? 93.33  102.60 -9.27 1.00 N 
5  1 "C3'" A A 8  ? ? "C2'" A A 8  ? ? "C1'" A A 8  ? ? 107.38 101.50 5.88  0.80 N 
6  1 N9    A A 8  ? ? "C1'" A A 8  ? ? "C2'" A A 8  ? ? 122.22 114.00 8.22  1.30 N 
7  1 C2    A A 8  ? ? N3    A A 8  ? ? C4    A A 8  ? ? 113.74 110.60 3.14  0.50 N 
8  1 C5    A A 8  ? ? C6    A A 8  ? ? N1    A A 8  ? ? 120.94 117.70 3.24  0.50 N 
9  1 N1    A A 8  ? ? C6    A A 8  ? ? N6    A A 8  ? ? 111.79 118.60 -6.81 0.60 N 
10 1 "C5'" A A 9  ? ? "C4'" A A 9  ? ? "O4'" A A 9  ? ? 117.16 109.80 7.36  0.90 N 
11 1 C5    A A 9  ? ? N7    A A 9  ? ? C8    A A 9  ? ? 100.52 103.90 -3.38 0.50 N 
12 1 N7    A A 9  ? ? C8    A A 9  ? ? N9    A A 9  ? ? 117.52 113.80 3.72  0.50 N 
13 1 C8    A A 9  ? ? N9    A A 9  ? ? C4    A A 9  ? ? 103.05 105.80 -2.75 0.40 N 
14 1 N1    A A 9  ? ? C6    A A 9  ? ? N6    A A 9  ? ? 113.97 118.60 -4.63 0.60 N 
15 1 "O4'" A G 10 ? ? "C1'" A G 10 ? ? N9    A G 10 ? ? 117.91 108.50 9.41  0.70 N 
16 1 "C5'" A C 11 ? ? "C4'" A C 11 ? ? "O4'" A C 11 ? ? 119.80 109.80 10.00 0.90 N 
17 1 "O4'" A C 11 ? ? "C1'" A C 11 ? ? N1    A C 11 ? ? 115.74 108.50 7.24  0.70 N 
18 1 N1    A C 11 ? ? C2    A C 11 ? ? O2    A C 11 ? ? 123.66 118.90 4.76  0.60 N 
19 1 N3    A C 11 ? ? C2    A C 11 ? ? O2    A C 11 ? ? 116.70 121.90 -5.20 0.70 N 
20 1 "C5'" A C 13 ? ? "C4'" A C 13 ? ? "O4'" A C 13 ? ? 118.91 109.80 9.11  0.90 N 
21 1 "O4'" A C 13 ? ? "C1'" A C 13 ? ? N1    A C 13 ? ? 115.27 108.50 6.77  0.70 N 
22 1 N3    A C 13 ? ? C2    A C 13 ? ? O2    A C 13 ? ? 117.60 121.90 -4.30 0.70 N 
23 1 "O4'" A C 15 ? ? "C1'" A C 15 ? ? N1    A C 15 ? ? 115.93 108.50 7.43  0.70 N 
24 1 "C3'" A A 16 ? ? "C2'" A A 16 ? ? "C1'" A A 16 ? ? 108.55 101.50 7.05  0.80 N 
25 1 C2    A A 16 ? ? N3    A A 16 ? ? C4    A A 16 ? ? 113.70 110.60 3.10  0.50 N 
26 1 C5    A A 16 ? ? C6    A A 16 ? ? N1    A A 16 ? ? 120.91 117.70 3.21  0.50 N 
27 1 C5    A A 16 ? ? N7    A A 16 ? ? C8    A A 16 ? ? 100.54 103.90 -3.36 0.50 N 
28 1 N7    A A 16 ? ? C8    A A 16 ? ? N9    A A 16 ? ? 119.96 113.80 6.16  0.50 N 
29 1 C8    A A 16 ? ? N9    A A 16 ? ? C4    A A 16 ? ? 100.59 105.80 -5.21 0.40 N 
30 1 N1    A A 16 ? ? C6    A A 16 ? ? N6    A A 16 ? ? 114.31 118.60 -4.29 0.60 N 
31 1 C6    A C 17 ? ? N1    A C 17 ? ? C2    A C 17 ? ? 116.84 120.30 -3.46 0.40 N 
32 1 "O4'" A U 19 ? ? "C1'" A U 19 ? ? N1    A U 19 ? ? 115.91 108.50 7.41  0.70 N 
33 1 "O4'" A U 20 ? ? "C1'" A U 20 ? ? N1    A U 20 ? ? 114.72 108.50 6.22  0.70 N 
34 1 "O4'" A G 21 ? ? "C1'" A G 21 ? ? N9    A G 21 ? ? 113.23 108.50 4.73  0.70 N 
35 1 C5    B A 4  ? ? C6    B A 4  ? ? N1    B A 4  ? ? 120.77 117.70 3.07  0.50 N 
36 1 "O4'" B U 6  ? ? "C1'" B U 6  ? ? N1    B U 6  ? ? 112.89 108.50 4.39  0.70 N 
37 1 C8    B G 7  ? ? N9    B G 7  ? ? C4    B G 7  ? ? 103.54 106.40 -2.86 0.40 N 
38 1 "C4'" B A 8  ? ? "C3'" B A 8  ? ? "C2'" B A 8  ? ? 93.30  102.60 -9.30 1.00 N 
39 1 "C3'" B A 8  ? ? "C2'" B A 8  ? ? "C1'" B A 8  ? ? 107.41 101.50 5.91  0.80 N 
40 1 N9    B A 8  ? ? "C1'" B A 8  ? ? "C2'" B A 8  ? ? 122.22 114.00 8.22  1.30 N 
41 1 C2    B A 8  ? ? N3    B A 8  ? ? C4    B A 8  ? ? 113.77 110.60 3.17  0.50 N 
42 1 C5    B A 8  ? ? C6    B A 8  ? ? N1    B A 8  ? ? 120.94 117.70 3.24  0.50 N 
43 1 N1    B A 8  ? ? C6    B A 8  ? ? N6    B A 8  ? ? 111.78 118.60 -6.82 0.60 N 
44 1 "C5'" B A 9  ? ? "C4'" B A 9  ? ? "O4'" B A 9  ? ? 117.15 109.80 7.35  0.90 N 
45 1 C5    B A 9  ? ? N7    B A 9  ? ? C8    B A 9  ? ? 100.56 103.90 -3.34 0.50 N 
46 1 N7    B A 9  ? ? C8    B A 9  ? ? N9    B A 9  ? ? 117.51 113.80 3.71  0.50 N 
47 1 C8    B A 9  ? ? N9    B A 9  ? ? C4    B A 9  ? ? 103.02 105.80 -2.78 0.40 N 
48 1 N1    B A 9  ? ? C6    B A 9  ? ? N6    B A 9  ? ? 113.92 118.60 -4.68 0.60 N 
49 1 "O4'" B G 10 ? ? "C1'" B G 10 ? ? N9    B G 10 ? ? 117.80 108.50 9.30  0.70 N 
50 1 "C5'" B C 11 ? ? "C4'" B C 11 ? ? "O4'" B C 11 ? ? 119.84 109.80 10.04 0.90 N 
51 1 "O4'" B C 11 ? ? "C1'" B C 11 ? ? N1    B C 11 ? ? 115.72 108.50 7.22  0.70 N 
52 1 N1    B C 11 ? ? C2    B C 11 ? ? O2    B C 11 ? ? 123.65 118.90 4.75  0.60 N 
53 1 N3    B C 11 ? ? C2    B C 11 ? ? O2    B C 11 ? ? 116.65 121.90 -5.25 0.70 N 
54 1 "C5'" B C 13 ? ? "C4'" B C 13 ? ? "O4'" B C 13 ? ? 118.98 109.80 9.18  0.90 N 
55 1 "O4'" B C 13 ? ? "C1'" B C 13 ? ? N1    B C 13 ? ? 115.30 108.50 6.80  0.70 N 
56 1 N3    B C 13 ? ? C2    B C 13 ? ? O2    B C 13 ? ? 117.63 121.90 -4.27 0.70 N 
57 1 "O4'" B C 15 ? ? "C1'" B C 15 ? ? N1    B C 15 ? ? 115.95 108.50 7.45  0.70 N 
58 1 "C3'" B A 16 ? ? "C2'" B A 16 ? ? "C1'" B A 16 ? ? 108.53 101.50 7.03  0.80 N 
59 1 C2    B A 16 ? ? N3    B A 16 ? ? C4    B A 16 ? ? 113.65 110.60 3.05  0.50 N 
60 1 C5    B A 16 ? ? C6    B A 16 ? ? N1    B A 16 ? ? 120.85 117.70 3.15  0.50 N 
61 1 C5    B A 16 ? ? N7    B A 16 ? ? C8    B A 16 ? ? 100.57 103.90 -3.33 0.50 N 
62 1 N7    B A 16 ? ? C8    B A 16 ? ? N9    B A 16 ? ? 119.92 113.80 6.12  0.50 N 
63 1 C8    B A 16 ? ? N9    B A 16 ? ? C4    B A 16 ? ? 100.62 105.80 -5.18 0.40 N 
64 1 N1    B A 16 ? ? C6    B A 16 ? ? N6    B A 16 ? ? 114.26 118.60 -4.34 0.60 N 
65 1 C6    B C 17 ? ? N1    B C 17 ? ? C2    B C 17 ? ? 116.83 120.30 -3.47 0.40 N 
66 1 "O4'" B U 19 ? ? "C1'" B U 19 ? ? N1    B U 19 ? ? 115.94 108.50 7.44  0.70 N 
67 1 "O4'" B U 20 ? ? "C1'" B U 20 ? ? N1    B U 20 ? ? 114.73 108.50 6.23  0.70 N 
68 1 "O4'" B G 21 ? ? "C1'" B G 21 ? ? N9    B G 21 ? ? 113.22 108.50 4.72  0.70 N 
# 
loop_
_pdbx_validate_planes.id 
_pdbx_validate_planes.PDB_model_num 
_pdbx_validate_planes.auth_comp_id 
_pdbx_validate_planes.auth_asym_id 
_pdbx_validate_planes.auth_seq_id 
_pdbx_validate_planes.PDB_ins_code 
_pdbx_validate_planes.label_alt_id 
_pdbx_validate_planes.rmsd 
_pdbx_validate_planes.type 
1  1 A A 4  ? ? 0.069 'SIDE CHAIN' 
2  1 U A 6  ? ? 0.074 'SIDE CHAIN' 
3  1 G A 7  ? ? 0.145 'SIDE CHAIN' 
4  1 A A 8  ? ? 0.091 'SIDE CHAIN' 
5  1 A A 9  ? ? 0.135 'SIDE CHAIN' 
6  1 C A 11 ? ? 0.099 'SIDE CHAIN' 
7  1 G A 12 ? ? 0.087 'SIDE CHAIN' 
8  1 C A 13 ? ? 0.072 'SIDE CHAIN' 
9  1 G A 14 ? ? 0.086 'SIDE CHAIN' 
10 1 C A 17 ? ? 0.140 'SIDE CHAIN' 
11 1 G A 18 ? ? 0.087 'SIDE CHAIN' 
12 1 U A 19 ? ? 0.109 'SIDE CHAIN' 
13 1 U A 20 ? ? 0.112 'SIDE CHAIN' 
14 1 C A 22 ? ? 0.085 'SIDE CHAIN' 
15 1 C A 23 ? ? 0.090 'SIDE CHAIN' 
16 1 A B 4  ? ? 0.069 'SIDE CHAIN' 
17 1 U B 6  ? ? 0.075 'SIDE CHAIN' 
18 1 G B 7  ? ? 0.145 'SIDE CHAIN' 
19 1 A B 8  ? ? 0.091 'SIDE CHAIN' 
20 1 A B 9  ? ? 0.135 'SIDE CHAIN' 
21 1 C B 11 ? ? 0.099 'SIDE CHAIN' 
22 1 G B 12 ? ? 0.087 'SIDE CHAIN' 
23 1 C B 13 ? ? 0.072 'SIDE CHAIN' 
24 1 G B 14 ? ? 0.086 'SIDE CHAIN' 
25 1 C B 17 ? ? 0.140 'SIDE CHAIN' 
26 1 G B 18 ? ? 0.087 'SIDE CHAIN' 
27 1 U B 19 ? ? 0.109 'SIDE CHAIN' 
28 1 U B 20 ? ? 0.112 'SIDE CHAIN' 
29 1 C B 22 ? ? 0.085 'SIDE CHAIN' 
30 1 C B 23 ? ? 0.090 'SIDE CHAIN' 
# 
_pdbx_nmr_ensemble.entry_id                             1BAU 
_pdbx_nmr_ensemble.conformers_calculated_total_number   34 
_pdbx_nmr_ensemble.conformers_submitted_total_number    1 
_pdbx_nmr_ensemble.conformer_selection_criteria         'LOWEST NMR CONSTRAINT VIOLATIONS AND LOWEST AMBER ENERGY.' 
# 
_pdbx_nmr_sample_details.solution_id   1 
_pdbx_nmr_sample_details.contents      'D2O AND H2O' 
# 
_pdbx_nmr_exptl_sample_conditions.conditions_id       1 
_pdbx_nmr_exptl_sample_conditions.temperature         298 
_pdbx_nmr_exptl_sample_conditions.pressure            ? 
_pdbx_nmr_exptl_sample_conditions.pH                  6.4 
_pdbx_nmr_exptl_sample_conditions.ionic_strength      '100 mM NACL' 
_pdbx_nmr_exptl_sample_conditions.pressure_units      . 
_pdbx_nmr_exptl_sample_conditions.temperature_units   K 
# 
loop_
_pdbx_nmr_exptl.experiment_id 
_pdbx_nmr_exptl.conditions_id 
_pdbx_nmr_exptl.type 
_pdbx_nmr_exptl.solution_id 
1 1 '2D NOE IN D2O'   1 
2 1 '2D NOE IN WATER' 1 
3 1 DQF-COSY          1 
# 
_pdbx_nmr_details.entry_id   1BAU 
_pdbx_nmr_details.text       
;INTERPROTON-DISTANCE INFORMATION (IN THE FORM OF NOE CROSS-PEAKS) WAS COLLECTED FROM 2D NOE EXPERIMENTS IN D2O AS WELL AS IN 90% H2O FOR NON-EXCHANGEABLE AND EXCHANGEABLE PROTONS, RESPECTIVELY. 2D NOE EXPERIMENTS WERE CARRIED OUT AT 50, 80, 200 AND 400 M SEC MIXING TIMES. COUPLING CONSTANTS AND SUGAR CONFORMATIONS WERE DEDUCED FROM DQF-COSY EXPERIMENTS.
;
# 
_pdbx_nmr_refine.entry_id           1BAU 
_pdbx_nmr_refine.method             ? 
_pdbx_nmr_refine.details            
;RANDOMLY GENERATED STRUCTURES WERE FOLDED IN DYANA USING NMR DRIVEN STRUCTURAL RESTRAINTS. 34 STRUCTURES SHOWING LOWEST TARGET FUNCTION VALUES AND NO CONSISTENT VIOLATIONS OF NMR RESTRAINTS WERE INDIVIDUALLY SUBJECTED TO RESTRAINED ENERGY MINIMIZATION IN AMBER 4.1. FOR DETAILS OF REFINEMENT PROTOCOL, PLEASE REFER TO THE REFERENCE ABOVE.
;
_pdbx_nmr_refine.software_ordinal   1 
# 
loop_
_pdbx_nmr_software.classification 
_pdbx_nmr_software.name 
_pdbx_nmr_software.version 
_pdbx_nmr_software.authors 
_pdbx_nmr_software.ordinal 
refinement           DYANA 1.4 GUNTERT,WUTHRICH 1 
'structure solution' DYANA ?   ?                2 
'structure solution' Amber 4.1 ?                3 
# 
loop_
_chem_comp_atom.comp_id 
_chem_comp_atom.atom_id 
_chem_comp_atom.type_symbol 
_chem_comp_atom.pdbx_aromatic_flag 
_chem_comp_atom.pdbx_stereo_config 
_chem_comp_atom.pdbx_ordinal 
A OP3    O N N 1   
A P      P N N 2   
A OP1    O N N 3   
A OP2    O N N 4   
A "O5'"  O N N 5   
A "C5'"  C N N 6   
A "C4'"  C N R 7   
A "O4'"  O N N 8   
A "C3'"  C N S 9   
A "O3'"  O N N 10  
A "C2'"  C N R 11  
A "O2'"  O N N 12  
A "C1'"  C N R 13  
A N9     N Y N 14  
A C8     C Y N 15  
A N7     N Y N 16  
A C5     C Y N 17  
A C6     C Y N 18  
A N6     N N N 19  
A N1     N Y N 20  
A C2     C Y N 21  
A N3     N Y N 22  
A C4     C Y N 23  
A HOP3   H N N 24  
A HOP2   H N N 25  
A "H5'"  H N N 26  
A "H5''" H N N 27  
A "H4'"  H N N 28  
A "H3'"  H N N 29  
A "HO3'" H N N 30  
A "H2'"  H N N 31  
A "HO2'" H N N 32  
A "H1'"  H N N 33  
A H8     H N N 34  
A H61    H N N 35  
A H62    H N N 36  
A H2     H N N 37  
C OP3    O N N 38  
C P      P N N 39  
C OP1    O N N 40  
C OP2    O N N 41  
C "O5'"  O N N 42  
C "C5'"  C N N 43  
C "C4'"  C N R 44  
C "O4'"  O N N 45  
C "C3'"  C N S 46  
C "O3'"  O N N 47  
C "C2'"  C N R 48  
C "O2'"  O N N 49  
C "C1'"  C N R 50  
C N1     N N N 51  
C C2     C N N 52  
C O2     O N N 53  
C N3     N N N 54  
C C4     C N N 55  
C N4     N N N 56  
C C5     C N N 57  
C C6     C N N 58  
C HOP3   H N N 59  
C HOP2   H N N 60  
C "H5'"  H N N 61  
C "H5''" H N N 62  
C "H4'"  H N N 63  
C "H3'"  H N N 64  
C "HO3'" H N N 65  
C "H2'"  H N N 66  
C "HO2'" H N N 67  
C "H1'"  H N N 68  
C H41    H N N 69  
C H42    H N N 70  
C H5     H N N 71  
C H6     H N N 72  
G OP3    O N N 73  
G P      P N N 74  
G OP1    O N N 75  
G OP2    O N N 76  
G "O5'"  O N N 77  
G "C5'"  C N N 78  
G "C4'"  C N R 79  
G "O4'"  O N N 80  
G "C3'"  C N S 81  
G "O3'"  O N N 82  
G "C2'"  C N R 83  
G "O2'"  O N N 84  
G "C1'"  C N R 85  
G N9     N Y N 86  
G C8     C Y N 87  
G N7     N Y N 88  
G C5     C Y N 89  
G C6     C N N 90  
G O6     O N N 91  
G N1     N N N 92  
G C2     C N N 93  
G N2     N N N 94  
G N3     N N N 95  
G C4     C Y N 96  
G HOP3   H N N 97  
G HOP2   H N N 98  
G "H5'"  H N N 99  
G "H5''" H N N 100 
G "H4'"  H N N 101 
G "H3'"  H N N 102 
G "HO3'" H N N 103 
G "H2'"  H N N 104 
G "HO2'" H N N 105 
G "H1'"  H N N 106 
G H8     H N N 107 
G H1     H N N 108 
G H21    H N N 109 
G H22    H N N 110 
U OP3    O N N 111 
U P      P N N 112 
U OP1    O N N 113 
U OP2    O N N 114 
U "O5'"  O N N 115 
U "C5'"  C N N 116 
U "C4'"  C N R 117 
U "O4'"  O N N 118 
U "C3'"  C N S 119 
U "O3'"  O N N 120 
U "C2'"  C N R 121 
U "O2'"  O N N 122 
U "C1'"  C N R 123 
U N1     N N N 124 
U C2     C N N 125 
U O2     O N N 126 
U N3     N N N 127 
U C4     C N N 128 
U O4     O N N 129 
U C5     C N N 130 
U C6     C N N 131 
U HOP3   H N N 132 
U HOP2   H N N 133 
U "H5'"  H N N 134 
U "H5''" H N N 135 
U "H4'"  H N N 136 
U "H3'"  H N N 137 
U "HO3'" H N N 138 
U "H2'"  H N N 139 
U "HO2'" H N N 140 
U "H1'"  H N N 141 
U H3     H N N 142 
U H5     H N N 143 
U H6     H N N 144 
# 
loop_
_chem_comp_bond.comp_id 
_chem_comp_bond.atom_id_1 
_chem_comp_bond.atom_id_2 
_chem_comp_bond.value_order 
_chem_comp_bond.pdbx_aromatic_flag 
_chem_comp_bond.pdbx_stereo_config 
_chem_comp_bond.pdbx_ordinal 
A OP3   P      sing N N 1   
A OP3   HOP3   sing N N 2   
A P     OP1    doub N N 3   
A P     OP2    sing N N 4   
A P     "O5'"  sing N N 5   
A OP2   HOP2   sing N N 6   
A "O5'" "C5'"  sing N N 7   
A "C5'" "C4'"  sing N N 8   
A "C5'" "H5'"  sing N N 9   
A "C5'" "H5''" sing N N 10  
A "C4'" "O4'"  sing N N 11  
A "C4'" "C3'"  sing N N 12  
A "C4'" "H4'"  sing N N 13  
A "O4'" "C1'"  sing N N 14  
A "C3'" "O3'"  sing N N 15  
A "C3'" "C2'"  sing N N 16  
A "C3'" "H3'"  sing N N 17  
A "O3'" "HO3'" sing N N 18  
A "C2'" "O2'"  sing N N 19  
A "C2'" "C1'"  sing N N 20  
A "C2'" "H2'"  sing N N 21  
A "O2'" "HO2'" sing N N 22  
A "C1'" N9     sing N N 23  
A "C1'" "H1'"  sing N N 24  
A N9    C8     sing Y N 25  
A N9    C4     sing Y N 26  
A C8    N7     doub Y N 27  
A C8    H8     sing N N 28  
A N7    C5     sing Y N 29  
A C5    C6     sing Y N 30  
A C5    C4     doub Y N 31  
A C6    N6     sing N N 32  
A C6    N1     doub Y N 33  
A N6    H61    sing N N 34  
A N6    H62    sing N N 35  
A N1    C2     sing Y N 36  
A C2    N3     doub Y N 37  
A C2    H2     sing N N 38  
A N3    C4     sing Y N 39  
C OP3   P      sing N N 40  
C OP3   HOP3   sing N N 41  
C P     OP1    doub N N 42  
C P     OP2    sing N N 43  
C P     "O5'"  sing N N 44  
C OP2   HOP2   sing N N 45  
C "O5'" "C5'"  sing N N 46  
C "C5'" "C4'"  sing N N 47  
C "C5'" "H5'"  sing N N 48  
C "C5'" "H5''" sing N N 49  
C "C4'" "O4'"  sing N N 50  
C "C4'" "C3'"  sing N N 51  
C "C4'" "H4'"  sing N N 52  
C "O4'" "C1'"  sing N N 53  
C "C3'" "O3'"  sing N N 54  
C "C3'" "C2'"  sing N N 55  
C "C3'" "H3'"  sing N N 56  
C "O3'" "HO3'" sing N N 57  
C "C2'" "O2'"  sing N N 58  
C "C2'" "C1'"  sing N N 59  
C "C2'" "H2'"  sing N N 60  
C "O2'" "HO2'" sing N N 61  
C "C1'" N1     sing N N 62  
C "C1'" "H1'"  sing N N 63  
C N1    C2     sing N N 64  
C N1    C6     sing N N 65  
C C2    O2     doub N N 66  
C C2    N3     sing N N 67  
C N3    C4     doub N N 68  
C C4    N4     sing N N 69  
C C4    C5     sing N N 70  
C N4    H41    sing N N 71  
C N4    H42    sing N N 72  
C C5    C6     doub N N 73  
C C5    H5     sing N N 74  
C C6    H6     sing N N 75  
G OP3   P      sing N N 76  
G OP3   HOP3   sing N N 77  
G P     OP1    doub N N 78  
G P     OP2    sing N N 79  
G P     "O5'"  sing N N 80  
G OP2   HOP2   sing N N 81  
G "O5'" "C5'"  sing N N 82  
G "C5'" "C4'"  sing N N 83  
G "C5'" "H5'"  sing N N 84  
G "C5'" "H5''" sing N N 85  
G "C4'" "O4'"  sing N N 86  
G "C4'" "C3'"  sing N N 87  
G "C4'" "H4'"  sing N N 88  
G "O4'" "C1'"  sing N N 89  
G "C3'" "O3'"  sing N N 90  
G "C3'" "C2'"  sing N N 91  
G "C3'" "H3'"  sing N N 92  
G "O3'" "HO3'" sing N N 93  
G "C2'" "O2'"  sing N N 94  
G "C2'" "C1'"  sing N N 95  
G "C2'" "H2'"  sing N N 96  
G "O2'" "HO2'" sing N N 97  
G "C1'" N9     sing N N 98  
G "C1'" "H1'"  sing N N 99  
G N9    C8     sing Y N 100 
G N9    C4     sing Y N 101 
G C8    N7     doub Y N 102 
G C8    H8     sing N N 103 
G N7    C5     sing Y N 104 
G C5    C6     sing N N 105 
G C5    C4     doub Y N 106 
G C6    O6     doub N N 107 
G C6    N1     sing N N 108 
G N1    C2     sing N N 109 
G N1    H1     sing N N 110 
G C2    N2     sing N N 111 
G C2    N3     doub N N 112 
G N2    H21    sing N N 113 
G N2    H22    sing N N 114 
G N3    C4     sing N N 115 
U OP3   P      sing N N 116 
U OP3   HOP3   sing N N 117 
U P     OP1    doub N N 118 
U P     OP2    sing N N 119 
U P     "O5'"  sing N N 120 
U OP2   HOP2   sing N N 121 
U "O5'" "C5'"  sing N N 122 
U "C5'" "C4'"  sing N N 123 
U "C5'" "H5'"  sing N N 124 
U "C5'" "H5''" sing N N 125 
U "C4'" "O4'"  sing N N 126 
U "C4'" "C3'"  sing N N 127 
U "C4'" "H4'"  sing N N 128 
U "O4'" "C1'"  sing N N 129 
U "C3'" "O3'"  sing N N 130 
U "C3'" "C2'"  sing N N 131 
U "C3'" "H3'"  sing N N 132 
U "O3'" "HO3'" sing N N 133 
U "C2'" "O2'"  sing N N 134 
U "C2'" "C1'"  sing N N 135 
U "C2'" "H2'"  sing N N 136 
U "O2'" "HO2'" sing N N 137 
U "C1'" N1     sing N N 138 
U "C1'" "H1'"  sing N N 139 
U N1    C2     sing N N 140 
U N1    C6     sing N N 141 
U C2    O2     doub N N 142 
U C2    N3     sing N N 143 
U N3    C4     sing N N 144 
U N3    H3     sing N N 145 
U C4    O4     doub N N 146 
U C4    C5     sing N N 147 
U C5    C6     doub N N 148 
U C5    H5     sing N N 149 
U C6    H6     sing N N 150 
# 
loop_
_ndb_struct_conf_na.entry_id 
_ndb_struct_conf_na.feature 
1BAU 'double helix'         
1BAU 'a-form double helix'  
1BAU 'bulge loop'           
1BAU 'mismatched base pair' 
# 
loop_
_ndb_struct_na_base_pair.model_number 
_ndb_struct_na_base_pair.i_label_asym_id 
_ndb_struct_na_base_pair.i_label_comp_id 
_ndb_struct_na_base_pair.i_label_seq_id 
_ndb_struct_na_base_pair.i_symmetry 
_ndb_struct_na_base_pair.j_label_asym_id 
_ndb_struct_na_base_pair.j_label_comp_id 
_ndb_struct_na_base_pair.j_label_seq_id 
_ndb_struct_na_base_pair.j_symmetry 
_ndb_struct_na_base_pair.shear 
_ndb_struct_na_base_pair.stretch 
_ndb_struct_na_base_pair.stagger 
_ndb_struct_na_base_pair.buckle 
_ndb_struct_na_base_pair.propeller 
_ndb_struct_na_base_pair.opening 
_ndb_struct_na_base_pair.pair_number 
_ndb_struct_na_base_pair.pair_name 
_ndb_struct_na_base_pair.i_auth_asym_id 
_ndb_struct_na_base_pair.i_auth_seq_id 
_ndb_struct_na_base_pair.i_PDB_ins_code 
_ndb_struct_na_base_pair.j_auth_asym_id 
_ndb_struct_na_base_pair.j_auth_seq_id 
_ndb_struct_na_base_pair.j_PDB_ins_code 
_ndb_struct_na_base_pair.hbond_type_28 
_ndb_struct_na_base_pair.hbond_type_12 
1 A G 1  1_555 A C 23 1_555 -0.330 -0.182 -0.191 -15.175 -17.580 0.761  1  A_G1:C23_A  A 1  ? A 23 ? 19 1 
1 A G 2  1_555 A C 22 1_555 -0.118 -0.038 -0.363 -30.216 -13.579 -3.038 2  A_G2:C22_A  A 2  ? A 22 ? 19 1 
1 A C 3  1_555 A G 21 1_555 0.636  -0.240 0.204  -6.698  4.404   0.632  3  A_C3:G21_A  A 3  ? A 21 ? 19 1 
1 A A 4  1_555 A U 20 1_555 0.053  -0.059 -0.427 -2.835  -12.053 -6.203 4  A_A4:U20_A  A 4  ? A 20 ? 20 1 
1 A A 5  1_555 A U 19 1_555 0.021  0.061  0.389  25.270  -6.241  -4.092 5  A_A5:U19_A  A 5  ? A 19 ? 20 1 
1 A U 6  1_555 A G 18 1_555 2.254  -0.450 -0.694 37.852  -24.801 -5.908 6  A_U6:G18_A  A 6  ? A 18 ? 28 ? 
1 A G 7  1_555 A C 17 1_555 3.543  -1.605 -1.557 50.336  -5.592  20.777 7  A_G7:C17_A  A 7  ? A 17 ? ?  5 
1 B A 9  1_555 A A 16 1_555 -5.587 1.053  -0.911 -43.605 46.952  88.914 8  B_A9:A16_A  B 9  ? A 16 ? ?  ? 
1 B G 10 1_555 A C 15 1_555 -1.209 -0.394 0.946  6.539   2.046   1.828  9  B_G10:C15_A B 10 ? A 15 ? 19 1 
1 B C 11 1_555 A G 14 1_555 -1.067 -0.723 -0.293 16.381  -8.893  -9.791 10 B_C11:G14_A B 11 ? A 14 ? ?  1 
1 B G 12 1_555 A C 13 1_555 0.617  -0.990 0.695  4.461   0.153   11.309 11 B_G12:C13_A B 12 ? A 13 ? ?  ? 
1 B C 13 1_555 A G 12 1_555 -0.008 -1.151 0.714  -2.309  -0.220  11.538 12 B_C13:G12_A B 13 ? A 12 ? 22 1 
1 B C 15 1_555 A G 10 1_555 0.997  -0.917 1.296  -6.685  0.532   3.417  13 B_C15:G10_A B 15 ? A 10 ? 19 1 
1 B A 16 1_555 A A 9  1_555 5.113  0.672  -0.559 42.733  45.056  89.808 14 B_A16:A9_A  B 16 ? A 9  ? ?  ? 
1 B C 17 1_555 B G 7  1_555 -3.543 -1.605 -1.557 -50.345 -5.584  20.761 15 B_C17:G7_B  B 17 ? B 7  ? ?  5 
1 B G 18 1_555 B U 6  1_555 -2.253 -0.450 -0.694 -37.862 -24.810 -5.923 16 B_G18:U6_B  B 18 ? B 6  ? 28 ? 
1 B U 19 1_555 B A 5  1_555 -0.021 0.061  0.389  -25.279 -6.219  -4.087 17 B_U19:A5_B  B 19 ? B 5  ? 20 1 
1 B U 20 1_555 B A 4  1_555 -0.053 -0.059 -0.427 2.804   -12.016 -6.205 18 B_U20:A4_B  B 20 ? B 4  ? 20 1 
1 B G 21 1_555 B C 3  1_555 -0.636 -0.240 0.203  6.685   4.392   0.630  19 B_G21:C3_B  B 21 ? B 3  ? 19 1 
1 B C 22 1_555 B G 2  1_555 0.118  -0.038 -0.365 30.230  -13.570 -3.049 20 B_C22:G2_B  B 22 ? B 2  ? 19 1 
1 B C 23 1_555 B G 1  1_555 0.330  -0.182 -0.191 15.165  -17.574 0.755  21 B_C23:G1_B  B 23 ? B 1  ? 19 1 
# 
loop_
_ndb_struct_na_base_pair_step.model_number 
_ndb_struct_na_base_pair_step.i_label_asym_id_1 
_ndb_struct_na_base_pair_step.i_label_comp_id_1 
_ndb_struct_na_base_pair_step.i_label_seq_id_1 
_ndb_struct_na_base_pair_step.i_symmetry_1 
_ndb_struct_na_base_pair_step.j_label_asym_id_1 
_ndb_struct_na_base_pair_step.j_label_comp_id_1 
_ndb_struct_na_base_pair_step.j_label_seq_id_1 
_ndb_struct_na_base_pair_step.j_symmetry_1 
_ndb_struct_na_base_pair_step.i_label_asym_id_2 
_ndb_struct_na_base_pair_step.i_label_comp_id_2 
_ndb_struct_na_base_pair_step.i_label_seq_id_2 
_ndb_struct_na_base_pair_step.i_symmetry_2 
_ndb_struct_na_base_pair_step.j_label_asym_id_2 
_ndb_struct_na_base_pair_step.j_label_comp_id_2 
_ndb_struct_na_base_pair_step.j_label_seq_id_2 
_ndb_struct_na_base_pair_step.j_symmetry_2 
_ndb_struct_na_base_pair_step.shift 
_ndb_struct_na_base_pair_step.slide 
_ndb_struct_na_base_pair_step.rise 
_ndb_struct_na_base_pair_step.tilt 
_ndb_struct_na_base_pair_step.roll 
_ndb_struct_na_base_pair_step.twist 
_ndb_struct_na_base_pair_step.x_displacement 
_ndb_struct_na_base_pair_step.y_displacement 
_ndb_struct_na_base_pair_step.helical_rise 
_ndb_struct_na_base_pair_step.inclination 
_ndb_struct_na_base_pair_step.tip 
_ndb_struct_na_base_pair_step.helical_twist 
_ndb_struct_na_base_pair_step.step_number 
_ndb_struct_na_base_pair_step.step_name 
_ndb_struct_na_base_pair_step.i_auth_asym_id_1 
_ndb_struct_na_base_pair_step.i_auth_seq_id_1 
_ndb_struct_na_base_pair_step.i_PDB_ins_code_1 
_ndb_struct_na_base_pair_step.j_auth_asym_id_1 
_ndb_struct_na_base_pair_step.j_auth_seq_id_1 
_ndb_struct_na_base_pair_step.j_PDB_ins_code_1 
_ndb_struct_na_base_pair_step.i_auth_asym_id_2 
_ndb_struct_na_base_pair_step.i_auth_seq_id_2 
_ndb_struct_na_base_pair_step.i_PDB_ins_code_2 
_ndb_struct_na_base_pair_step.j_auth_asym_id_2 
_ndb_struct_na_base_pair_step.j_auth_seq_id_2 
_ndb_struct_na_base_pair_step.j_PDB_ins_code_2 
1 A G 1  1_555 A C 23 1_555 A G 2  1_555 A C 22 1_555 -0.541 -1.210 3.608 1.596   9.367   30.991 -3.901  1.264  3.089 17.035  
-2.903  32.381 1  AA_G1G2:C22C23_AA   A 1  ? A 23 ? A 2  ? A 22 ? 
1 A G 2  1_555 A C 22 1_555 A C 3  1_555 A G 21 1_555 0.690  -0.646 2.978 -4.435  1.193   32.932 -1.307  -1.868 2.839 2.092   
7.777   33.242 2  AA_G2C3:G21C22_AA   A 2  ? A 22 ? A 3  ? A 21 ? 
1 A C 3  1_555 A G 21 1_555 A A 4  1_555 A U 20 1_555 -0.660 -1.248 3.658 2.779   19.381  25.503 -5.721  1.692  2.126 37.631  
-5.395  32.053 3  AA_C3A4:U20G21_AA   A 3  ? A 21 ? A 4  ? A 20 ? 
1 A A 4  1_555 A U 20 1_555 A A 5  1_555 A U 19 1_555 -0.662 -1.332 2.704 -11.420 -2.381  23.468 -2.365  -1.309 2.833 -5.443  
26.111  26.171 4  AA_A4A5:U19U20_AA   A 4  ? A 20 ? A 5  ? A 19 ? 
1 A A 5  1_555 A U 19 1_555 A U 6  1_555 A G 18 1_555 -0.644 -1.019 3.013 4.841   4.913   38.067 -2.077  1.503  2.766 7.457   
-7.349  38.664 5  AA_A5U6:G18U19_AA   A 5  ? A 19 ? A 6  ? A 18 ? 
1 A U 6  1_555 A G 18 1_555 A G 7  1_555 A C 17 1_555 2.395  -1.249 3.140 -4.867  -15.603 43.505 -0.275  -3.453 3.118 -20.220 
6.308   46.334 6  AA_U6G7:C17G18_AA   A 6  ? A 18 ? A 7  ? A 17 ? 
1 A G 7  1_555 A C 17 1_555 B A 9  1_555 A A 16 1_555 -0.035 -3.108 4.054 -16.813 24.856  35.420 -6.065  -1.374 1.540 34.277  
23.185  46.109 7  AB_G7A9:A16C17_AA   A 7  ? A 17 ? B 9  ? A 16 ? 
1 B A 9  1_555 A A 16 1_555 B G 10 1_555 A C 15 1_555 -3.594 -1.630 3.258 32.359  -20.393 39.744 -0.832  5.416  0.956 -24.297 
-38.553 54.617 8  BB_A9G10:C15A16_AA  B 9  ? A 16 ? B 10 ? A 15 ? 
1 B G 10 1_555 A C 15 1_555 B C 11 1_555 A G 14 1_555 -1.280 -1.554 3.055 3.065   13.964  22.033 -6.362  3.465  1.609 32.503  
-7.133  26.217 9  BB_G10C11:G14C15_AA B 10 ? A 15 ? B 11 ? A 14 ? 
1 B C 11 1_555 A G 14 1_555 B G 12 1_555 A C 13 1_555 1.144  -0.250 3.892 -7.810  42.909  40.018 -2.917  -1.655 2.402 48.664  
8.857   58.522 10 BB_C11G12:C13G14_AA B 11 ? A 14 ? B 12 ? A 13 ? 
1 B G 12 1_555 A C 13 1_555 B C 13 1_555 A G 12 1_555 0.000  -2.394 3.281 -0.008  11.810  18.190 -10.079 -0.004 1.467 33.196  
0.024   21.661 11 BB_G12C13:G12C13_AA B 12 ? A 13 ? B 13 ? A 12 ? 
1 B C 13 1_555 A G 12 1_555 B C 15 1_555 A G 10 1_555 1.094  -1.653 5.841 8.588   52.330  66.797 -3.488  -0.455 4.021 41.631  
-6.832  83.330 12 BB_C13C15:G10G12_AA B 13 ? A 12 ? B 15 ? A 10 ? 
1 B C 15 1_555 A G 10 1_555 B A 16 1_555 A A 9  1_555 3.583  -1.619 3.280 -32.560 -20.237 39.802 -0.822  -5.410 0.960 -24.071 
38.730  54.717 13 BB_C15A16:A9G10_AA  B 15 ? A 10 ? B 16 ? A 9  ? 
1 B A 16 1_555 A A 9  1_555 B C 17 1_555 B G 7  1_555 -0.307 -3.191 4.147 16.152  23.934  35.716 -6.198  1.802  1.556 33.168  
-22.384 45.629 14 BB_A16C17:G7A9_BA   B 16 ? A 9  ? B 17 ? B 7  ? 
1 B C 17 1_555 B G 7  1_555 B G 18 1_555 B U 6  1_555 -2.396 -1.249 3.139 4.868   -15.601 43.507 -0.276  3.454  3.118 -20.218 
-6.308  46.335 15 BB_C17G18:U6G7_BB   B 17 ? B 7  ? B 18 ? B 6  ? 
1 B G 18 1_555 B U 6  1_555 B U 19 1_555 B A 5  1_555 0.644  -1.019 3.013 -4.849  4.918   38.068 -2.077  -1.504 2.766 7.465   
7.360   38.667 16 BB_G18U19:A5U6_BB   B 18 ? B 6  ? B 19 ? B 5  ? 
1 B U 19 1_555 B A 5  1_555 B U 20 1_555 B A 4  1_555 0.661  -1.332 2.704 11.416  -2.382  23.461 -2.365  1.312  2.833 -5.447  
-26.108 26.163 17 BB_U19U20:A4A5_BB   B 19 ? B 5  ? B 20 ? B 4  ? 
1 B U 20 1_555 B A 4  1_555 B G 21 1_555 B C 3  1_555 0.660  -1.248 3.657 -2.775  19.376  25.507 -5.720  -1.691 2.127 37.619  
5.388   32.053 18 BB_U20G21:C3A4_BB   B 20 ? B 4  ? B 21 ? B 3  ? 
1 B G 21 1_555 B C 3  1_555 B C 22 1_555 B G 2  1_555 -0.690 -0.645 2.977 4.444   1.184   32.933 -1.304  1.869  2.838 2.076   
-7.791  33.244 19 BB_G21C22:G2C3_BB   B 21 ? B 3  ? B 22 ? B 2  ? 
1 B C 22 1_555 B G 2  1_555 B C 23 1_555 B G 1  1_555 0.541  -1.211 3.608 -1.605  9.377   30.989 -3.903  -1.267 3.088 17.053  
2.919   32.382 20 BB_C22C23:G1G2_BB   B 22 ? B 2  ? B 23 ? B 1  ? 
# 
_pdbx_nmr_spectrometer.spectrometer_id   1 
_pdbx_nmr_spectrometer.model             UNITYPLUS 
_pdbx_nmr_spectrometer.manufacturer      Varian 
_pdbx_nmr_spectrometer.field_strength    600 
# 
_atom_sites.entry_id                    1BAU 
_atom_sites.fract_transf_matrix[1][1]   1.000000 
_atom_sites.fract_transf_matrix[1][2]   0.000000 
_atom_sites.fract_transf_matrix[1][3]   0.000000 
_atom_sites.fract_transf_matrix[2][1]   0.000000 
_atom_sites.fract_transf_matrix[2][2]   1.000000 
_atom_sites.fract_transf_matrix[2][3]   0.000000 
_atom_sites.fract_transf_matrix[3][1]   0.000000 
_atom_sites.fract_transf_matrix[3][2]   0.000000 
_atom_sites.fract_transf_matrix[3][3]   1.000000 
_atom_sites.fract_transf_vector[1]      0.00000 
_atom_sites.fract_transf_vector[2]      0.00000 
_atom_sites.fract_transf_vector[3]      0.00000 
# 
loop_
_atom_type.symbol 
C 
H 
N 
O 
P 
# 
loop_
_atom_site.group_PDB 
_atom_site.id 
_atom_site.type_symbol 
_atom_site.label_atom_id 
_atom_site.label_alt_id 
_atom_site.label_comp_id 
_atom_site.label_asym_id 
_atom_site.label_entity_id 
_atom_site.label_seq_id 
_atom_site.pdbx_PDB_ins_code 
_atom_site.Cartn_x 
_atom_site.Cartn_y 
_atom_site.Cartn_z 
_atom_site.occupancy 
_atom_site.B_iso_or_equiv 
_atom_site.pdbx_formal_charge 
_atom_site.auth_seq_id 
_atom_site.auth_comp_id 
_atom_site.auth_asym_id 
_atom_site.auth_atom_id 
_atom_site.pdbx_PDB_model_num 
ATOM 1    O "O5'"  . G A 1 1  ? -0.227  -21.254 -20.272 1.00 0.00 ? 1  G A "O5'"  1 
ATOM 2    C "C5'"  . G A 1 1  ? -1.151  -22.213 -20.758 1.00 0.00 ? 1  G A "C5'"  1 
ATOM 3    C "C4'"  . G A 1 1  ? -1.104  -23.518 -19.955 1.00 0.00 ? 1  G A "C4'"  1 
ATOM 4    O "O4'"  . G A 1 1  ? 0.139   -24.199 -20.107 1.00 0.00 ? 1  G A "O4'"  1 
ATOM 5    C "C3'"  . G A 1 1  ? -1.310  -23.339 -18.447 1.00 0.00 ? 1  G A "C3'"  1 
ATOM 6    O "O3'"  . G A 1 1  ? -2.665  -23.191 -18.054 1.00 0.00 ? 1  G A "O3'"  1 
ATOM 7    C "C2'"  . G A 1 1  ? -0.740  -24.661 -17.961 1.00 0.00 ? 1  G A "C2'"  1 
ATOM 8    O "O2'"  . G A 1 1  ? -1.656  -25.710 -18.219 1.00 0.00 ? 1  G A "O2'"  1 
ATOM 9    C "C1'"  . G A 1 1  ? 0.459   -24.838 -18.872 1.00 0.00 ? 1  G A "C1'"  1 
ATOM 10   N N9     . G A 1 1  ? 1.674   -24.205 -18.317 1.00 0.00 ? 1  G A N9     1 
ATOM 11   C C8     . G A 1 1  ? 2.265   -23.017 -18.665 1.00 0.00 ? 1  G A C8     1 
ATOM 12   N N7     . G A 1 1  ? 3.413   -22.796 -18.084 1.00 0.00 ? 1  G A N7     1 
ATOM 13   C C5     . G A 1 1  ? 3.584   -23.908 -17.255 1.00 0.00 ? 1  G A C5     1 
ATOM 14   C C6     . G A 1 1  ? 4.643   -24.278 -16.357 1.00 0.00 ? 1  G A C6     1 
ATOM 15   O O6     . G A 1 1  ? 5.717   -23.724 -16.127 1.00 0.00 ? 1  G A O6     1 
ATOM 16   N N1     . G A 1 1  ? 4.395   -25.460 -15.687 1.00 0.00 ? 1  G A N1     1 
ATOM 17   C C2     . G A 1 1  ? 3.291   -26.236 -15.886 1.00 0.00 ? 1  G A C2     1 
ATOM 18   N N2     . G A 1 1  ? 3.174   -27.325 -15.167 1.00 0.00 ? 1  G A N2     1 
ATOM 19   N N3     . G A 1 1  ? 2.315   -25.957 -16.746 1.00 0.00 ? 1  G A N3     1 
ATOM 20   C C4     . G A 1 1  ? 2.513   -24.768 -17.391 1.00 0.00 ? 1  G A C4     1 
ATOM 21   H "H5'"  . G A 1 1  ? -0.927  -22.439 -21.803 1.00 0.00 ? 1  G A "H5'"  1 
ATOM 22   H "H5''" . G A 1 1  ? -2.159  -21.802 -20.696 1.00 0.00 ? 1  G A "H5''" 1 
ATOM 23   H "H4'"  . G A 1 1  ? -1.894  -24.175 -20.324 1.00 0.00 ? 1  G A "H4'"  1 
ATOM 24   H "H3'"  . G A 1 1  ? -0.685  -22.528 -18.062 1.00 0.00 ? 1  G A "H3'"  1 
ATOM 25   H "H2'"  . G A 1 1  ? -0.457  -24.641 -16.917 1.00 0.00 ? 1  G A "H2'"  1 
ATOM 26   H "HO2'" . G A 1 1  ? -2.532  -25.315 -18.133 1.00 0.00 ? 1  G A "HO2'" 1 
ATOM 27   H "H1'"  . G A 1 1  ? 0.644   -25.902 -18.949 1.00 0.00 ? 1  G A "H1'"  1 
ATOM 28   H H8     . G A 1 1  ? 1.815   -22.344 -19.377 1.00 0.00 ? 1  G A H8     1 
ATOM 29   H H1     . G A 1 1  ? 5.116   -25.752 -15.035 1.00 0.00 ? 1  G A H1     1 
ATOM 30   H H21    . G A 1 1  ? 3.861   -27.558 -14.442 1.00 0.00 ? 1  G A H21    1 
ATOM 31   H H22    . G A 1 1  ? 2.344   -27.864 -15.325 1.00 0.00 ? 1  G A H22    1 
ATOM 32   H "HO5'" . G A 1 1  ? -0.277  -20.459 -20.809 1.00 0.00 ? 1  G A "HO5'" 1 
ATOM 33   P P      . G A 1 2  ? -3.009  -22.544 -16.631 1.00 0.00 ? 2  G A P      1 
ATOM 34   O OP1    . G A 1 2  ? -4.473  -22.398 -16.498 1.00 0.00 ? 2  G A OP1    1 
ATOM 35   O OP2    . G A 1 2  ? -2.252  -21.284 -16.496 1.00 0.00 ? 2  G A OP2    1 
ATOM 36   O "O5'"  . G A 1 2  ? -2.478  -23.583 -15.543 1.00 0.00 ? 2  G A "O5'"  1 
ATOM 37   C "C5'"  . G A 1 2  ? -3.100  -24.841 -15.352 1.00 0.00 ? 2  G A "C5'"  1 
ATOM 38   C "C4'"  . G A 1 2  ? -2.329  -25.673 -14.325 1.00 0.00 ? 2  G A "C4'"  1 
ATOM 39   O "O4'"  . G A 1 2  ? -0.997  -25.958 -14.739 1.00 0.00 ? 2  G A "O4'"  1 
ATOM 40   C "C3'"  . G A 1 2  ? -2.217  -24.958 -12.985 1.00 0.00 ? 2  G A "C3'"  1 
ATOM 41   O "O3'"  . G A 1 2  ? -3.407  -25.136 -12.234 1.00 0.00 ? 2  G A "O3'"  1 
ATOM 42   C "C2'"  . G A 1 2  ? -1.039  -25.713 -12.380 1.00 0.00 ? 2  G A "C2'"  1 
ATOM 43   O "O2'"  . G A 1 2  ? -1.500  -26.945 -11.857 1.00 0.00 ? 2  G A "O2'"  1 
ATOM 44   C "C1'"  . G A 1 2  ? -0.149  -25.978 -13.592 1.00 0.00 ? 2  G A "C1'"  1 
ATOM 45   N N9     . G A 1 2  ? 0.904   -24.939 -13.699 1.00 0.00 ? 2  G A N9     1 
ATOM 46   C C8     . G A 1 2  ? 0.980   -23.876 -14.567 1.00 0.00 ? 2  G A C8     1 
ATOM 47   N N7     . G A 1 2  ? 2.041   -23.133 -14.403 1.00 0.00 ? 2  G A N7     1 
ATOM 48   C C5     . G A 1 2  ? 2.749   -23.770 -13.381 1.00 0.00 ? 2  G A C5     1 
ATOM 49   C C6     . G A 1 2  ? 4.035   -23.494 -12.799 1.00 0.00 ? 2  G A C6     1 
ATOM 50   O O6     . G A 1 2  ? 4.823   -22.583 -13.034 1.00 0.00 ? 2  G A O6     1 
ATOM 51   N N1     . G A 1 2  ? 4.424   -24.430 -11.859 1.00 0.00 ? 2  G A N1     1 
ATOM 52   C C2     . G A 1 2  ? 3.661   -25.489 -11.480 1.00 0.00 ? 2  G A C2     1 
ATOM 53   N N2     . G A 1 2  ? 4.173   -26.288 -10.570 1.00 0.00 ? 2  G A N2     1 
ATOM 54   N N3     . G A 1 2  ? 2.455   -25.768 -11.981 1.00 0.00 ? 2  G A N3     1 
ATOM 55   C C4     . G A 1 2  ? 2.057   -24.880 -12.944 1.00 0.00 ? 2  G A C4     1 
ATOM 56   H "H5'"  . G A 1 2  ? -3.157  -25.393 -16.285 1.00 0.00 ? 2  G A "H5'"  1 
ATOM 57   H "H5''" . G A 1 2  ? -4.116  -24.682 -14.985 1.00 0.00 ? 2  G A "H5''" 1 
ATOM 58   H "H4'"  . G A 1 2  ? -2.851  -26.618 -14.169 1.00 0.00 ? 2  G A "H4'"  1 
ATOM 59   H "H3'"  . G A 1 2  ? -1.961  -23.907 -13.131 1.00 0.00 ? 2  G A "H3'"  1 
ATOM 60   H "H2'"  . G A 1 2  ? -0.528  -25.123 -11.622 1.00 0.00 ? 2  G A "H2'"  1 
ATOM 61   H "HO2'" . G A 1 2  ? -2.418  -26.779 -11.605 1.00 0.00 ? 2  G A "HO2'" 1 
ATOM 62   H "H1'"  . G A 1 2  ? 0.329   -26.951 -13.470 1.00 0.00 ? 2  G A "H1'"  1 
ATOM 63   H H8     . G A 1 2  ? 0.246   -23.691 -15.342 1.00 0.00 ? 2  G A H8     1 
ATOM 64   H H1     . G A 1 2  ? 5.370   -24.359 -11.503 1.00 0.00 ? 2  G A H1     1 
ATOM 65   H H21    . G A 1 2  ? 5.116   -26.151 -10.191 1.00 0.00 ? 2  G A H21    1 
ATOM 66   H H22    . G A 1 2  ? 3.606   -27.077 -10.322 1.00 0.00 ? 2  G A H22    1 
ATOM 67   P P      . C A 1 3  ? -3.884  -24.034 -11.184 1.00 0.00 ? 3  C A P      1 
ATOM 68   O OP1    . C A 1 3  ? -5.206  -24.429 -10.660 1.00 0.00 ? 3  C A OP1    1 
ATOM 69   O OP2    . C A 1 3  ? -3.846  -22.711 -11.839 1.00 0.00 ? 3  C A OP2    1 
ATOM 70   O "O5'"  . C A 1 3  ? -2.794  -24.109 -10.026 1.00 0.00 ? 3  C A "O5'"  1 
ATOM 71   C "C5'"  . C A 1 3  ? -2.757  -25.210 -9.137  1.00 0.00 ? 3  C A "C5'"  1 
ATOM 72   C "C4'"  . C A 1 3  ? -1.492  -25.166 -8.282  1.00 0.00 ? 3  C A "C4'"  1 
ATOM 73   O "O4'"  . C A 1 3  ? -0.327  -25.255 -9.092  1.00 0.00 ? 3  C A "O4'"  1 
ATOM 74   C "C3'"  . C A 1 3  ? -1.335  -23.886 -7.477  1.00 0.00 ? 3  C A "C3'"  1 
ATOM 75   O "O3'"  . C A 1 3  ? -2.193  -23.857 -6.349  1.00 0.00 ? 3  C A "O3'"  1 
ATOM 76   C "C2'"  . C A 1 3  ? 0.166   -23.914 -7.188  1.00 0.00 ? 3  C A "C2'"  1 
ATOM 77   O "O2'"  . C A 1 3  ? 0.550   -24.762 -6.118  1.00 0.00 ? 3  C A "O2'"  1 
ATOM 78   C "C1'"  . C A 1 3  ? 0.720   -24.512 -8.480  1.00 0.00 ? 3  C A "C1'"  1 
ATOM 79   N N1     . C A 1 3  ? 1.238   -23.427 -9.362  1.00 0.00 ? 3  C A N1     1 
ATOM 80   C C2     . C A 1 3  ? 2.552   -22.992 -9.159  1.00 0.00 ? 3  C A C2     1 
ATOM 81   O O2     . C A 1 3  ? 3.278   -23.524 -8.320  1.00 0.00 ? 3  C A O2     1 
ATOM 82   N N3     . C A 1 3  ? 3.057   -21.974 -9.895  1.00 0.00 ? 3  C A N3     1 
ATOM 83   C C4     . C A 1 3  ? 2.295   -21.385 -10.808 1.00 0.00 ? 3  C A C4     1 
ATOM 84   N N4     . C A 1 3  ? 2.839   -20.420 -11.518 1.00 0.00 ? 3  C A N4     1 
ATOM 85   C C5     . C A 1 3  ? 0.948   -21.790 -11.054 1.00 0.00 ? 3  C A C5     1 
ATOM 86   C C6     . C A 1 3  ? 0.452   -22.806 -10.306 1.00 0.00 ? 3  C A C6     1 
ATOM 87   H "H5'"  . C A 1 3  ? -2.771  -26.148 -9.691  1.00 0.00 ? 3  C A "H5'"  1 
ATOM 88   H "H5''" . C A 1 3  ? -3.633  -25.177 -8.485  1.00 0.00 ? 3  C A "H5''" 1 
ATOM 89   H "H4'"  . C A 1 3  ? -1.497  -26.003 -7.583  1.00 0.00 ? 3  C A "H4'"  1 
ATOM 90   H "H3'"  . C A 1 3  ? -1.549  -23.040 -8.132  1.00 0.00 ? 3  C A "H3'"  1 
ATOM 91   H "H2'"  . C A 1 3  ? 0.544   -22.910 -7.030  1.00 0.00 ? 3  C A "H2'"  1 
ATOM 92   H "HO2'" . C A 1 3  ? 0.836   -24.198 -5.378  1.00 0.00 ? 3  C A "HO2'" 1 
ATOM 93   H "H1'"  . C A 1 3  ? 1.542   -25.186 -8.221  1.00 0.00 ? 3  C A "H1'"  1 
ATOM 94   H H41    . C A 1 3  ? 3.828   -20.238 -11.353 1.00 0.00 ? 3  C A H41    1 
ATOM 95   H H42    . C A 1 3  ? 2.353   -20.037 -12.305 1.00 0.00 ? 3  C A H42    1 
ATOM 96   H H5     . C A 1 3  ? 0.329   -21.316 -11.799 1.00 0.00 ? 3  C A H5     1 
ATOM 97   H H6     . C A 1 3  ? -0.570  -23.135 -10.448 1.00 0.00 ? 3  C A H6     1 
ATOM 98   P P      . A A 1 4  ? -2.510  -22.487 -5.600  1.00 0.00 ? 4  A A P      1 
ATOM 99   O OP1    . A A 1 4  ? -3.687  -22.644 -4.720  1.00 0.00 ? 4  A A OP1    1 
ATOM 100  O OP2    . A A 1 4  ? -2.612  -21.389 -6.583  1.00 0.00 ? 4  A A OP2    1 
ATOM 101  O "O5'"  . A A 1 4  ? -1.208  -22.270 -4.715  1.00 0.00 ? 4  A A "O5'"  1 
ATOM 102  C "C5'"  . A A 1 4  ? -0.876  -23.181 -3.685  1.00 0.00 ? 4  A A "C5'"  1 
ATOM 103  C "C4'"  . A A 1 4  ? 0.531   -22.876 -3.172  1.00 0.00 ? 4  A A "C4'"  1 
ATOM 104  O "O4'"  . A A 1 4  ? 1.486   -23.029 -4.222  1.00 0.00 ? 4  A A "O4'"  1 
ATOM 105  C "C3'"  . A A 1 4  ? 0.697   -21.456 -2.650  1.00 0.00 ? 4  A A "C3'"  1 
ATOM 106  O "O3'"  . A A 1 4  ? 0.123   -21.337 -1.358  1.00 0.00 ? 4  A A "O3'"  1 
ATOM 107  C "C2'"  . A A 1 4  ? 2.217   -21.305 -2.758  1.00 0.00 ? 4  A A "C2'"  1 
ATOM 108  O "O2'"  . A A 1 4  ? 2.967   -21.932 -1.734  1.00 0.00 ? 4  A A "O2'"  1 
ATOM 109  C "C1'"  . A A 1 4  ? 2.497   -22.032 -4.068  1.00 0.00 ? 4  A A "C1'"  1 
ATOM 110  N N9     . A A 1 4  ? 2.483   -21.072 -5.202  1.00 0.00 ? 4  A A N9     1 
ATOM 111  C C8     . A A 1 4  ? 1.458   -20.746 -6.057  1.00 0.00 ? 4  A A C8     1 
ATOM 112  N N7     . A A 1 4  ? 1.807   -19.978 -7.051  1.00 0.00 ? 4  A A N7     1 
ATOM 113  C C5     . A A 1 4  ? 3.150   -19.701 -6.776  1.00 0.00 ? 4  A A C5     1 
ATOM 114  C C6     . A A 1 4  ? 4.136   -18.911 -7.403  1.00 0.00 ? 4  A A C6     1 
ATOM 115  N N6     . A A 1 4  ? 3.923   -18.290 -8.551  1.00 0.00 ? 4  A A N6     1 
ATOM 116  N N1     . A A 1 4  ? 5.347   -18.751 -6.844  1.00 0.00 ? 4  A A N1     1 
ATOM 117  C C2     . A A 1 4  ? 5.585   -19.396 -5.702  1.00 0.00 ? 4  A A C2     1 
ATOM 118  N N3     . A A 1 4  ? 4.773   -20.209 -5.029  1.00 0.00 ? 4  A A N3     1 
ATOM 119  C C4     . A A 1 4  ? 3.553   -20.319 -5.625  1.00 0.00 ? 4  A A C4     1 
ATOM 120  H "H5'"  . A A 1 4  ? -0.914  -24.207 -4.054  1.00 0.00 ? 4  A A "H5'"  1 
ATOM 121  H "H5''" . A A 1 4  ? -1.591  -23.077 -2.868  1.00 0.00 ? 4  A A "H5''" 1 
ATOM 122  H "H4'"  . A A 1 4  ? 0.781   -23.564 -2.363  1.00 0.00 ? 4  A A "H4'"  1 
ATOM 123  H "H3'"  . A A 1 4  ? 0.239   -20.741 -3.336  1.00 0.00 ? 4  A A "H3'"  1 
ATOM 124  H "H2'"  . A A 1 4  ? 2.503   -20.265 -2.837  1.00 0.00 ? 4  A A "H2'"  1 
ATOM 125  H "HO2'" . A A 1 4  ? 3.387   -21.221 -1.222  1.00 0.00 ? 4  A A "HO2'" 1 
ATOM 126  H "H1'"  . A A 1 4  ? 3.487   -22.491 -4.013  1.00 0.00 ? 4  A A "H1'"  1 
ATOM 127  H H8     . A A 1 4  ? 0.453   -21.120 -5.944  1.00 0.00 ? 4  A A H8     1 
ATOM 128  H H61    . A A 1 4  ? 4.676   -17.756 -8.993  1.00 0.00 ? 4  A A H61    1 
ATOM 129  H H62    . A A 1 4  ? 3.047   -18.447 -9.015  1.00 0.00 ? 4  A A H62    1 
ATOM 130  H H2     . A A 1 4  ? 6.552   -19.238 -5.240  1.00 0.00 ? 4  A A H2     1 
ATOM 131  P P      . A A 1 5  ? -0.234  -19.907 -0.754  1.00 0.00 ? 5  A A P      1 
ATOM 132  O OP1    . A A 1 5  ? -1.051  -20.034 0.470   1.00 0.00 ? 5  A A OP1    1 
ATOM 133  O OP2    . A A 1 5  ? -0.811  -19.044 -1.804  1.00 0.00 ? 5  A A OP2    1 
ATOM 134  O "O5'"  . A A 1 5  ? 1.188   -19.333 -0.369  1.00 0.00 ? 5  A A "O5'"  1 
ATOM 135  C "C5'"  . A A 1 5  ? 1.993   -19.954 0.613   1.00 0.00 ? 5  A A "C5'"  1 
ATOM 136  C "C4'"  . A A 1 5  ? 3.372   -19.298 0.558   1.00 0.00 ? 5  A A "C4'"  1 
ATOM 137  O "O4'"  . A A 1 5  ? 3.948   -19.497 -0.736  1.00 0.00 ? 5  A A "O4'"  1 
ATOM 138  C "C3'"  . A A 1 5  ? 3.277   -17.796 0.792   1.00 0.00 ? 5  A A "C3'"  1 
ATOM 139  O "O3'"  . A A 1 5  ? 3.221   -17.540 2.195   1.00 0.00 ? 5  A A "O3'"  1 
ATOM 140  C "C2'"  . A A 1 5  ? 4.525   -17.328 0.036   1.00 0.00 ? 5  A A "C2'"  1 
ATOM 141  O "O2'"  . A A 1 5  ? 5.721   -17.406 0.789   1.00 0.00 ? 5  A A "O2'"  1 
ATOM 142  C "C1'"  . A A 1 5  ? 4.613   -18.303 -1.142  1.00 0.00 ? 5  A A "C1'"  1 
ATOM 143  N N9     . A A 1 5  ? 4.034   -17.719 -2.387  1.00 0.00 ? 5  A A N9     1 
ATOM 144  C C8     . A A 1 5  ? 2.761   -17.807 -2.907  1.00 0.00 ? 5  A A C8     1 
ATOM 145  N N7     . A A 1 5  ? 2.622   -17.259 -4.084  1.00 0.00 ? 5  A A N7     1 
ATOM 146  C C5     . A A 1 5  ? 3.881   -16.705 -4.341  1.00 0.00 ? 5  A A C5     1 
ATOM 147  C C6     . A A 1 5  ? 4.425   -15.913 -5.385  1.00 0.00 ? 5  A A C6     1 
ATOM 148  N N6     . A A 1 5  ? 3.736   -15.506 -6.441  1.00 0.00 ? 5  A A N6     1 
ATOM 149  N N1     . A A 1 5  ? 5.691   -15.475 -5.318  1.00 0.00 ? 5  A A N1     1 
ATOM 150  C C2     . A A 1 5  ? 6.409   -15.822 -4.250  1.00 0.00 ? 5  A A C2     1 
ATOM 151  N N3     . A A 1 5  ? 6.026   -16.549 -3.200  1.00 0.00 ? 5  A A N3     1 
ATOM 152  C C4     . A A 1 5  ? 4.736   -16.967 -3.305  1.00 0.00 ? 5  A A C4     1 
ATOM 153  H "H5'"  . A A 1 5  ? 2.079   -21.024 0.432   1.00 0.00 ? 5  A A "H5'"  1 
ATOM 154  H "H5''" . A A 1 5  ? 1.552   -19.798 1.598   1.00 0.00 ? 5  A A "H5''" 1 
ATOM 155  H "H4'"  . A A 1 5  ? 4.029   -19.729 1.316   1.00 0.00 ? 5  A A "H4'"  1 
ATOM 156  H "H3'"  . A A 1 5  ? 2.397   -17.393 0.291   1.00 0.00 ? 5  A A "H3'"  1 
ATOM 157  H "H2'"  . A A 1 5  ? 4.394   -16.321 -0.332  1.00 0.00 ? 5  A A "H2'"  1 
ATOM 158  H "HO2'" . A A 1 5  ? 5.932   -16.504 1.074   1.00 0.00 ? 5  A A "HO2'" 1 
ATOM 159  H "H1'"  . A A 1 5  ? 5.666   -18.514 -1.345  1.00 0.00 ? 5  A A "H1'"  1 
ATOM 160  H H8     . A A 1 5  ? 1.940   -18.320 -2.423  1.00 0.00 ? 5  A A H8     1 
ATOM 161  H H61    . A A 1 5  ? 4.161   -14.894 -7.138  1.00 0.00 ? 5  A A H61    1 
ATOM 162  H H62    . A A 1 5  ? 2.760   -15.749 -6.471  1.00 0.00 ? 5  A A H62    1 
ATOM 163  H H2     . A A 1 5  ? 7.425   -15.453 -4.199  1.00 0.00 ? 5  A A H2     1 
ATOM 164  P P      . U A 1 6  ? 2.528   -16.225 2.784   1.00 0.00 ? 6  U A P      1 
ATOM 165  O OP1    . U A 1 6  ? 2.470   -16.316 4.257   1.00 0.00 ? 6  U A OP1    1 
ATOM 166  O OP2    . U A 1 6  ? 1.227   -16.006 2.119   1.00 0.00 ? 6  U A OP2    1 
ATOM 167  O "O5'"  . U A 1 6  ? 3.542   -15.084 2.363   1.00 0.00 ? 6  U A "O5'"  1 
ATOM 168  C "C5'"  . U A 1 6  ? 4.787   -14.933 3.005   1.00 0.00 ? 6  U A "C5'"  1 
ATOM 169  C "C4'"  . U A 1 6  ? 5.643   -13.969 2.186   1.00 0.00 ? 6  U A "C4'"  1 
ATOM 170  O "O4'"  . U A 1 6  ? 5.870   -14.605 0.922   1.00 0.00 ? 6  U A "O4'"  1 
ATOM 171  C "C3'"  . U A 1 6  ? 5.097   -12.567 1.860   1.00 0.00 ? 6  U A "C3'"  1 
ATOM 172  O "O3'"  . U A 1 6  ? 5.297   -11.528 2.821   1.00 0.00 ? 6  U A "O3'"  1 
ATOM 173  C "C2'"  . U A 1 6  ? 5.972   -12.305 0.636   1.00 0.00 ? 6  U A "C2'"  1 
ATOM 174  O "O2'"  . U A 1 6  ? 7.317   -12.065 1.030   1.00 0.00 ? 6  U A "O2'"  1 
ATOM 175  C "C1'"  . U A 1 6  ? 5.989   -13.617 -0.101  1.00 0.00 ? 6  U A "C1'"  1 
ATOM 176  N N1     . U A 1 6  ? 4.877   -13.675 -1.096  1.00 0.00 ? 6  U A N1     1 
ATOM 177  C C2     . U A 1 6  ? 5.119   -13.240 -2.403  1.00 0.00 ? 6  U A C2     1 
ATOM 178  O O2     . U A 1 6  ? 6.159   -12.684 -2.755  1.00 0.00 ? 6  U A O2     1 
ATOM 179  N N3     . U A 1 6  ? 4.094   -13.419 -3.313  1.00 0.00 ? 6  U A N3     1 
ATOM 180  C C4     . U A 1 6  ? 2.853   -13.948 -3.047  1.00 0.00 ? 6  U A C4     1 
ATOM 181  O O4     . U A 1 6  ? 2.039   -14.086 -3.949  1.00 0.00 ? 6  U A O4     1 
ATOM 182  C C5     . U A 1 6  ? 2.631   -14.239 -1.650  1.00 0.00 ? 6  U A C5     1 
ATOM 183  C C6     . U A 1 6  ? 3.613   -14.083 -0.736  1.00 0.00 ? 6  U A C6     1 
ATOM 184  H "H5'"  . U A 1 6  ? 5.295   -15.897 3.080   1.00 0.00 ? 6  U A "H5'"  1 
ATOM 185  H "H5''" . U A 1 6  ? 4.637   -14.529 4.007   1.00 0.00 ? 6  U A "H5''" 1 
ATOM 186  H "H4'"  . U A 1 6  ? 6.601   -13.852 2.694   1.00 0.00 ? 6  U A "H4'"  1 
ATOM 187  H "H3'"  . U A 1 6  ? 4.046   -12.653 1.556   1.00 0.00 ? 6  U A "H3'"  1 
ATOM 188  H "H2'"  . U A 1 6  ? 5.609   -11.518 0.001   1.00 0.00 ? 6  U A "H2'"  1 
ATOM 189  H "HO2'" . U A 1 6  ? 7.277   -11.613 1.882   1.00 0.00 ? 6  U A "HO2'" 1 
ATOM 190  H "H1'"  . U A 1 6  ? 6.925   -13.664 -0.636  1.00 0.00 ? 6  U A "H1'"  1 
ATOM 191  H H3     . U A 1 6  ? 4.208   -13.020 -4.240  1.00 0.00 ? 6  U A H3     1 
ATOM 192  H H5     . U A 1 6  ? 1.660   -14.549 -1.307  1.00 0.00 ? 6  U A H5     1 
ATOM 193  H H6     . U A 1 6  ? 3.378   -14.303 0.286   1.00 0.00 ? 6  U A H6     1 
ATOM 194  P P      . G A 1 7  ? 4.415   -10.153 2.822   1.00 0.00 ? 7  G A P      1 
ATOM 195  O OP1    . G A 1 7  ? 4.837   -9.313  3.962   1.00 0.00 ? 7  G A OP1    1 
ATOM 196  O OP2    . G A 1 7  ? 2.986   -10.527 2.720   1.00 0.00 ? 7  G A OP2    1 
ATOM 197  O "O5'"  . G A 1 7  ? 4.745   -9.377  1.451   1.00 0.00 ? 7  G A "O5'"  1 
ATOM 198  C "C5'"  . G A 1 7  ? 6.063   -9.042  1.056   1.00 0.00 ? 7  G A "C5'"  1 
ATOM 199  C "C4'"  . G A 1 7  ? 6.149   -8.568  -0.404  1.00 0.00 ? 7  G A "C4'"  1 
ATOM 200  O "O4'"  . G A 1 7  ? 5.551   -9.611  -1.179  1.00 0.00 ? 7  G A "O4'"  1 
ATOM 201  C "C3'"  . G A 1 7  ? 5.380   -7.309  -0.782  1.00 0.00 ? 7  G A "C3'"  1 
ATOM 202  O "O3'"  . G A 1 7  ? 6.246   -6.815  -1.791  1.00 0.00 ? 7  G A "O3'"  1 
ATOM 203  C "C2'"  . G A 1 7  ? 4.049   -7.828  -1.323  1.00 0.00 ? 7  G A "C2'"  1 
ATOM 204  O "O2'"  . G A 1 7  ? 3.522   -6.879  -2.236  1.00 0.00 ? 7  G A "O2'"  1 
ATOM 205  C "C1'"  . G A 1 7  ? 4.491   -9.127  -1.994  1.00 0.00 ? 7  G A "C1'"  1 
ATOM 206  N N9     . G A 1 7  ? 3.391   -10.127 -1.855  1.00 0.00 ? 7  G A N9     1 
ATOM 207  C C8     . G A 1 7  ? 3.048   -10.796 -0.711  1.00 0.00 ? 7  G A C8     1 
ATOM 208  N N7     . G A 1 7  ? 1.851   -11.310 -0.700  1.00 0.00 ? 7  G A N7     1 
ATOM 209  C C5     . G A 1 7  ? 1.467   -11.197 -2.040  1.00 0.00 ? 7  G A C5     1 
ATOM 210  C C6     . G A 1 7  ? 0.349   -11.764 -2.745  1.00 0.00 ? 7  G A C6     1 
ATOM 211  O O6     . G A 1 7  ? -0.640  -12.337 -2.298  1.00 0.00 ? 7  G A O6     1 
ATOM 212  N N1     . G A 1 7  ? 0.464   -11.668 -4.121  1.00 0.00 ? 7  G A N1     1 
ATOM 213  C C2     . G A 1 7  ? 1.522   -11.077 -4.755  1.00 0.00 ? 7  G A C2     1 
ATOM 214  N N2     . G A 1 7  ? 1.488   -11.018 -6.068  1.00 0.00 ? 7  G A N2     1 
ATOM 215  N N3     . G A 1 7  ? 2.465   -10.374 -4.112  1.00 0.00 ? 7  G A N3     1 
ATOM 216  C C4     . G A 1 7  ? 2.438   -10.532 -2.762  1.00 0.00 ? 7  G A C4     1 
ATOM 217  H "H5'"  . G A 1 7  ? 6.750   -9.855  1.209   1.00 0.00 ? 7  G A "H5'"  1 
ATOM 218  H "H5''" . G A 1 7  ? 6.408   -8.227  1.696   1.00 0.00 ? 7  G A "H5''" 1 
ATOM 219  H "H4'"  . G A 1 7  ? 7.205   -8.463  -0.662  1.00 0.00 ? 7  G A "H4'"  1 
ATOM 220  H "H3'"  . G A 1 7  ? 5.197   -6.579  0.017   1.00 0.00 ? 7  G A "H3'"  1 
ATOM 221  H "H2'"  . G A 1 7  ? 3.368   -8.013  -0.489  1.00 0.00 ? 7  G A "H2'"  1 
ATOM 222  H "HO2'" . G A 1 7  ? 4.153   -6.128  -2.220  1.00 0.00 ? 7  G A "HO2'" 1 
ATOM 223  H "H1'"  . G A 1 7  ? 4.788   -8.941  -3.025  1.00 0.00 ? 7  G A "H1'"  1 
ATOM 224  H H8     . G A 1 7  ? 3.726   -10.870 0.120   1.00 0.00 ? 7  G A H8     1 
ATOM 225  H H1     . G A 1 7  ? -0.215  -12.185 -4.641  1.00 0.00 ? 7  G A H1     1 
ATOM 226  H H21    . G A 1 7  ? 0.813   -11.517 -6.614  1.00 0.00 ? 7  G A H21    1 
ATOM 227  H H22    . G A 1 7  ? 2.281   -10.543 -6.498  1.00 0.00 ? 7  G A H22    1 
ATOM 228  P P      . A A 1 8  ? 6.592   -5.287  -1.829  1.00 0.00 ? 8  A A P      1 
ATOM 229  O OP1    . A A 1 8  ? 7.469   -4.948  -2.965  1.00 0.00 ? 8  A A OP1    1 
ATOM 230  O OP2    . A A 1 8  ? 7.069   -4.866  -0.501  1.00 0.00 ? 8  A A OP2    1 
ATOM 231  O "O5'"  . A A 1 8  ? 5.170   -4.648  -2.076  1.00 0.00 ? 8  A A "O5'"  1 
ATOM 232  C "C5'"  . A A 1 8  ? 4.828   -4.097  -3.319  1.00 0.00 ? 8  A A "C5'"  1 
ATOM 233  C "C4'"  . A A 1 8  ? 3.551   -3.310  -3.100  1.00 0.00 ? 8  A A "C4'"  1 
ATOM 234  O "O4'"  . A A 1 8  ? 2.426   -4.119  -2.797  1.00 0.00 ? 8  A A "O4'"  1 
ATOM 235  C "C3'"  . A A 1 8  ? 3.709   -2.257  -2.007  1.00 0.00 ? 8  A A "C3'"  1 
ATOM 236  O "O3'"  . A A 1 8  ? 4.395   -1.083  -2.459  1.00 0.00 ? 8  A A "O3'"  1 
ATOM 237  C "C2'"  . A A 1 8  ? 2.187   -2.014  -1.896  1.00 0.00 ? 8  A A "C2'"  1 
ATOM 238  O "O2'"  . A A 1 8  ? 1.754   -1.163  -2.950  1.00 0.00 ? 8  A A "O2'"  1 
ATOM 239  C "C1'"  . A A 1 8  ? 1.490   -3.386  -2.027  1.00 0.00 ? 8  A A "C1'"  1 
ATOM 240  N N9     . A A 1 8  ? 1.168   -4.235  -0.836  1.00 0.00 ? 8  A A N9     1 
ATOM 241  C C8     . A A 1 8  ? 2.004   -5.067  -0.125  1.00 0.00 ? 8  A A C8     1 
ATOM 242  N N7     . A A 1 8  ? 1.408   -5.873  0.718   1.00 0.00 ? 8  A A N7     1 
ATOM 243  C C5     . A A 1 8  ? 0.057   -5.590  0.526   1.00 0.00 ? 8  A A C5     1 
ATOM 244  C C6     . A A 1 8  ? -1.149  -6.167  0.989   1.00 0.00 ? 8  A A C6     1 
ATOM 245  N N6     . A A 1 8  ? -1.288  -7.048  1.962   1.00 0.00 ? 8  A A N6     1 
ATOM 246  N N1     . A A 1 8  ? -2.309  -5.909  0.385   1.00 0.00 ? 8  A A N1     1 
ATOM 247  C C2     . A A 1 8  ? -2.325  -4.993  -0.575  1.00 0.00 ? 8  A A C2     1 
ATOM 248  N N3     . A A 1 8  ? -1.281  -4.285  -1.018  1.00 0.00 ? 8  A A N3     1 
ATOM 249  C C4     . A A 1 8  ? -0.097  -4.626  -0.434  1.00 0.00 ? 8  A A C4     1 
ATOM 250  H "H5'"  . A A 1 8  ? 4.680   -4.877  -4.067  1.00 0.00 ? 8  A A "H5'"  1 
ATOM 251  H "H5''" . A A 1 8  ? 5.608   -3.412  -3.655  1.00 0.00 ? 8  A A "H5''" 1 
ATOM 252  H "H4'"  . A A 1 8  ? 3.365   -2.780  -4.027  1.00 0.00 ? 8  A A "H4'"  1 
ATOM 253  H "H3'"  . A A 1 8  ? 4.105   -2.673  -1.078  1.00 0.00 ? 8  A A "H3'"  1 
ATOM 254  H "H2'"  . A A 1 8  ? 1.917   -1.515  -1.003  1.00 0.00 ? 8  A A "H2'"  1 
ATOM 255  H "HO2'" . A A 1 8  ? 2.358   -0.409  -2.961  1.00 0.00 ? 8  A A "HO2'" 1 
ATOM 256  H "H1'"  . A A 1 8  ? 0.543   -3.230  -2.586  1.00 0.00 ? 8  A A "H1'"  1 
ATOM 257  H H8     . A A 1 8  ? 3.076   -5.060  -0.266  1.00 0.00 ? 8  A A H8     1 
ATOM 258  H H61    . A A 1 8  ? -2.248  -7.332  2.034   1.00 0.00 ? 8  A A H61    1 
ATOM 259  H H62    . A A 1 8  ? -0.614  -7.066  2.738   1.00 0.00 ? 8  A A H62    1 
ATOM 260  H H2     . A A 1 8  ? -3.262  -4.908  -1.124  1.00 0.00 ? 8  A A H2     1 
ATOM 261  P P      . A A 1 9  ? 5.591   -0.435  -1.582  1.00 0.00 ? 9  A A P      1 
ATOM 262  O OP1    . A A 1 9  ? 5.976   0.794   -2.305  1.00 0.00 ? 9  A A OP1    1 
ATOM 263  O OP2    . A A 1 9  ? 6.621   -1.490  -1.453  1.00 0.00 ? 9  A A OP2    1 
ATOM 264  O "O5'"  . A A 1 9  ? 5.106   0.008   -0.120  1.00 0.00 ? 9  A A "O5'"  1 
ATOM 265  C "C5'"  . A A 1 9  ? 6.045   -0.052  0.959   1.00 0.00 ? 9  A A "C5'"  1 
ATOM 266  C "C4'"  . A A 1 9  ? 5.451   0.088   2.369   1.00 0.00 ? 9  A A "C4'"  1 
ATOM 267  O "O4'"  . A A 1 9  ? 5.298   1.397   2.876   1.00 0.00 ? 9  A A "O4'"  1 
ATOM 268  C "C3'"  . A A 1 9  ? 4.098   -0.588  2.446   1.00 0.00 ? 9  A A "C3'"  1 
ATOM 269  O "O3'"  . A A 1 9  ? 4.404   -1.963  2.491   1.00 0.00 ? 9  A A "O3'"  1 
ATOM 270  C "C2'"  . A A 1 9  ? 3.537   0.004   3.733   1.00 0.00 ? 9  A A "C2'"  1 
ATOM 271  O "O2'"  . A A 1 9  ? 3.908   -0.645  4.939   1.00 0.00 ? 9  A A "O2'"  1 
ATOM 272  C "C1'"  . A A 1 9  ? 4.153   1.392   3.724   1.00 0.00 ? 9  A A "C1'"  1 
ATOM 273  N N9     . A A 1 9  ? 3.261   2.504   3.386   1.00 0.00 ? 9  A A N9     1 
ATOM 274  C C8     . A A 1 9  ? 3.630   3.614   2.725   1.00 0.00 ? 9  A A C8     1 
ATOM 275  N N7     . A A 1 9  ? 2.996   4.708   2.994   1.00 0.00 ? 9  A A N7     1 
ATOM 276  C C5     . A A 1 9  ? 1.970   4.221   3.753   1.00 0.00 ? 9  A A C5     1 
ATOM 277  C C6     . A A 1 9  ? 0.818   4.818   4.259   1.00 0.00 ? 9  A A C6     1 
ATOM 278  N N6     . A A 1 9  ? 0.486   6.081   4.161   1.00 0.00 ? 9  A A N6     1 
ATOM 279  N N1     . A A 1 9  ? -0.054  4.090   4.888   1.00 0.00 ? 9  A A N1     1 
ATOM 280  C C2     . A A 1 9  ? 0.200   2.801   5.024   1.00 0.00 ? 9  A A C2     1 
ATOM 281  N N3     . A A 1 9  ? 1.244   2.089   4.655   1.00 0.00 ? 9  A A N3     1 
ATOM 282  C C4     . A A 1 9  ? 2.103   2.877   3.988   1.00 0.00 ? 9  A A C4     1 
ATOM 283  H "H5'"  . A A 1 9  ? 6.818   0.706   0.818   1.00 0.00 ? 9  A A "H5'"  1 
ATOM 284  H "H5''" . A A 1 9  ? 6.527   -1.030  0.936   1.00 0.00 ? 9  A A "H5''" 1 
ATOM 285  H "H4'"  . A A 1 9  ? 6.113   -0.434  3.060   1.00 0.00 ? 9  A A "H4'"  1 
ATOM 286  H "H3'"  . A A 1 9  ? 3.472   -0.308  1.598   1.00 0.00 ? 9  A A "H3'"  1 
ATOM 287  H "H2'"  . A A 1 9  ? 2.462   0.114   3.635   1.00 0.00 ? 9  A A "H2'"  1 
ATOM 288  H "HO2'" . A A 1 9  ? 3.264   -1.355  5.117   1.00 0.00 ? 9  A A "HO2'" 1 
ATOM 289  H "H1'"  . A A 1 9  ? 4.479   1.580   4.743   1.00 0.00 ? 9  A A "H1'"  1 
ATOM 290  H H8     . A A 1 9  ? 4.409   3.550   2.049   1.00 0.00 ? 9  A A H8     1 
ATOM 291  H H61    . A A 1 9  ? -0.370  6.321   4.623   1.00 0.00 ? 9  A A H61    1 
ATOM 292  H H62    . A A 1 9  ? 1.061   6.763   3.702   1.00 0.00 ? 9  A A H62    1 
ATOM 293  H H2     . A A 1 9  ? -0.584  2.260   5.447   1.00 0.00 ? 9  A A H2     1 
ATOM 294  P P      . G A 1 10 ? 3.375   -3.078  2.046   1.00 0.00 ? 10 G A P      1 
ATOM 295  O OP1    . G A 1 10 ? 4.161   -4.258  1.635   1.00 0.00 ? 10 G A OP1    1 
ATOM 296  O OP2    . G A 1 10 ? 2.402   -2.457  1.130   1.00 0.00 ? 10 G A OP2    1 
ATOM 297  O "O5'"  . G A 1 10 ? 2.631   -3.421  3.408   1.00 0.00 ? 10 G A "O5'"  1 
ATOM 298  C "C5'"  . G A 1 10 ? 3.386   -3.829  4.523   1.00 0.00 ? 10 G A "C5'"  1 
ATOM 299  C "C4'"  . G A 1 10 ? 2.510   -3.748  5.760   1.00 0.00 ? 10 G A "C4'"  1 
ATOM 300  O "O4'"  . G A 1 10 ? 2.038   -2.410  5.921   1.00 0.00 ? 10 G A "O4'"  1 
ATOM 301  C "C3'"  . G A 1 10 ? 1.247   -4.599  5.743   1.00 0.00 ? 10 G A "C3'"  1 
ATOM 302  O "O3'"  . G A 1 10 ? 1.544   -5.951  6.032   1.00 0.00 ? 10 G A "O3'"  1 
ATOM 303  C "C2'"  . G A 1 10 ? 0.384   -3.913  6.795   1.00 0.00 ? 10 G A "C2'"  1 
ATOM 304  O "O2'"  . G A 1 10 ? 0.773   -4.158  8.137   1.00 0.00 ? 10 G A "O2'"  1 
ATOM 305  C "C1'"  . G A 1 10 ? 0.763   -2.471  6.551   1.00 0.00 ? 10 G A "C1'"  1 
ATOM 306  N N9     . G A 1 10 ? -0.303  -1.639  6.011   1.00 0.00 ? 10 G A N9     1 
ATOM 307  C C8     . G A 1 10 ? -0.646  -1.420  4.732   1.00 0.00 ? 10 G A C8     1 
ATOM 308  N N7     . G A 1 10 ? -1.694  -0.647  4.577   1.00 0.00 ? 10 G A N7     1 
ATOM 309  C C5     . G A 1 10 ? -2.022  -0.274  5.893   1.00 0.00 ? 10 G A C5     1 
ATOM 310  C C6     . G A 1 10 ? -3.038  0.581   6.455   1.00 0.00 ? 10 G A C6     1 
ATOM 311  O O6     . G A 1 10 ? -3.992  1.147   5.909   1.00 0.00 ? 10 G A O6     1 
ATOM 312  N N1     . G A 1 10 ? -2.878  0.771   7.825   1.00 0.00 ? 10 G A N1     1 
ATOM 313  C C2     . G A 1 10 ? -1.978  0.096   8.589   1.00 0.00 ? 10 G A C2     1 
ATOM 314  N N2     . G A 1 10 ? -1.930  0.360   9.868   1.00 0.00 ? 10 G A N2     1 
ATOM 315  N N3     . G A 1 10 ? -1.100  -0.778  8.122   1.00 0.00 ? 10 G A N3     1 
ATOM 316  C C4     . G A 1 10 ? -1.149  -0.884  6.765   1.00 0.00 ? 10 G A C4     1 
ATOM 317  H "H5'"  . G A 1 10 ? 4.258   -3.191  4.660   1.00 0.00 ? 10 G A "H5'"  1 
ATOM 318  H "H5''" . G A 1 10 ? 3.725   -4.855  4.375   1.00 0.00 ? 10 G A "H5''" 1 
ATOM 319  H "H4'"  . G A 1 10 ? 3.093   -4.026  6.639   1.00 0.00 ? 10 G A "H4'"  1 
ATOM 320  H "H3'"  . G A 1 10 ? 0.772   -4.508  4.762   1.00 0.00 ? 10 G A "H3'"  1 
ATOM 321  H "H2'"  . G A 1 10 ? -0.677  -4.101  6.632   1.00 0.00 ? 10 G A "H2'"  1 
ATOM 322  H "HO2'" . G A 1 10 ? -0.015  -4.414  8.653   1.00 0.00 ? 10 G A "HO2'" 1 
ATOM 323  H "H1'"  . G A 1 10 ? 0.831   -2.044  7.513   1.00 0.00 ? 10 G A "H1'"  1 
ATOM 324  H H8     . G A 1 10 ? -0.017  -1.912  4.024   1.00 0.00 ? 10 G A H8     1 
ATOM 325  H H1     . G A 1 10 ? -3.435  1.488   8.265   1.00 0.00 ? 10 G A H1     1 
ATOM 326  H H21    . G A 1 10 ? -2.447  1.175   10.211  1.00 0.00 ? 10 G A H21    1 
ATOM 327  H H22    . G A 1 10 ? -1.243  -0.128  10.408  1.00 0.00 ? 10 G A H22    1 
ATOM 328  P P      . C A 1 11 ? 0.509   -7.119  5.735   1.00 0.00 ? 11 C A P      1 
ATOM 329  O OP1    . C A 1 11 ? 1.200   -8.397  5.993   1.00 0.00 ? 11 C A OP1    1 
ATOM 330  O OP2    . C A 1 11 ? -0.211  -6.915  4.457   1.00 0.00 ? 11 C A OP2    1 
ATOM 331  O "O5'"  . C A 1 11 ? -0.568  -6.820  6.891   1.00 0.00 ? 11 C A "O5'"  1 
ATOM 332  C "C5'"  . C A 1 11 ? -0.233  -6.991  8.263   1.00 0.00 ? 11 C A "C5'"  1 
ATOM 333  C "C4'"  . C A 1 11 ? -1.307  -6.433  9.219   1.00 0.00 ? 11 C A "C4'"  1 
ATOM 334  O "O4'"  . C A 1 11 ? -1.420  -5.014  9.415   1.00 0.00 ? 11 C A "O4'"  1 
ATOM 335  C "C3'"  . C A 1 11 ? -2.687  -6.891  8.805   1.00 0.00 ? 11 C A "C3'"  1 
ATOM 336  O "O3'"  . C A 1 11 ? -2.796  -8.291  9.005   1.00 0.00 ? 11 C A "O3'"  1 
ATOM 337  C "C2'"  . C A 1 11 ? -3.554  -6.019  9.704   1.00 0.00 ? 11 C A "C2'"  1 
ATOM 338  O "O2'"  . C A 1 11 ? -3.612  -6.591  10.995  1.00 0.00 ? 11 C A "O2'"  1 
ATOM 339  C "C1'"  . C A 1 11 ? -2.789  -4.701  9.742   1.00 0.00 ? 11 C A "C1'"  1 
ATOM 340  N N1     . C A 1 11 ? -3.403  -3.574  8.965   1.00 0.00 ? 11 C A N1     1 
ATOM 341  C C2     . C A 1 11 ? -4.132  -2.551  9.617   1.00 0.00 ? 11 C A C2     1 
ATOM 342  O O2     . C A 1 11 ? -4.141  -2.390  10.837  1.00 0.00 ? 11 C A O2     1 
ATOM 343  N N3     . C A 1 11 ? -4.875  -1.684  8.881   1.00 0.00 ? 11 C A N3     1 
ATOM 344  C C4     . C A 1 11 ? -4.820  -1.750  7.565   1.00 0.00 ? 11 C A C4     1 
ATOM 345  N N4     . C A 1 11 ? -5.596  -0.986  6.866   1.00 0.00 ? 11 C A N4     1 
ATOM 346  C C5     . C A 1 11 ? -4.008  -2.659  6.862   1.00 0.00 ? 11 C A C5     1 
ATOM 347  C C6     . C A 1 11 ? -3.353  -3.570  7.598   1.00 0.00 ? 11 C A C6     1 
ATOM 348  H "H5'"  . C A 1 11 ? 0.733   -6.546  8.492   1.00 0.00 ? 11 C A "H5'"  1 
ATOM 349  H "H5''" . C A 1 11 ? -0.140  -8.064  8.449   1.00 0.00 ? 11 C A "H5''" 1 
ATOM 350  H "H4'"  . C A 1 11 ? -1.104  -6.865  10.200  1.00 0.00 ? 11 C A "H4'"  1 
ATOM 351  H "H3'"  . C A 1 11 ? -2.859  -6.604  7.770   1.00 0.00 ? 11 C A "H3'"  1 
ATOM 352  H "H2'"  . C A 1 11 ? -4.541  -5.839  9.306   1.00 0.00 ? 11 C A "H2'"  1 
ATOM 353  H "HO2'" . C A 1 11 ? -3.519  -7.544  10.872  1.00 0.00 ? 11 C A "HO2'" 1 
ATOM 354  H "H1'"  . C A 1 11 ? -2.886  -4.436  10.779  1.00 0.00 ? 11 C A "H1'"  1 
ATOM 355  H H41    . C A 1 11 ? -6.351  -0.451  7.288   1.00 0.00 ? 11 C A H41    1 
ATOM 356  H H42    . C A 1 11 ? -5.620  -1.177  5.874   1.00 0.00 ? 11 C A H42    1 
ATOM 357  H H5     . C A 1 11 ? -3.982  -2.702  5.782   1.00 0.00 ? 11 C A H5     1 
ATOM 358  H H6     . C A 1 11 ? -2.850  -4.324  7.055   1.00 0.00 ? 11 C A H6     1 
ATOM 359  P P      . G A 1 12 ? -3.569  -9.181  7.934   1.00 0.00 ? 12 G A P      1 
ATOM 360  O OP1    . G A 1 12 ? -3.426  -10.632 8.170   1.00 0.00 ? 12 G A OP1    1 
ATOM 361  O OP2    . G A 1 12 ? -3.353  -8.644  6.573   1.00 0.00 ? 12 G A OP2    1 
ATOM 362  O "O5'"  . G A 1 12 ? -5.056  -8.844  8.321   1.00 0.00 ? 12 G A "O5'"  1 
ATOM 363  C "C5'"  . G A 1 12 ? -5.618  -9.213  9.570   1.00 0.00 ? 12 G A "C5'"  1 
ATOM 364  C "C4'"  . G A 1 12 ? -7.003  -8.581  9.652   1.00 0.00 ? 12 G A "C4'"  1 
ATOM 365  O "O4'"  . G A 1 12 ? -6.893  -7.162  9.668   1.00 0.00 ? 12 G A "O4'"  1 
ATOM 366  C "C3'"  . G A 1 12 ? -7.820  -8.926  8.408   1.00 0.00 ? 12 G A "C3'"  1 
ATOM 367  O "O3'"  . G A 1 12 ? -8.459  -10.194 8.434   1.00 0.00 ? 12 G A "O3'"  1 
ATOM 368  C "C2'"  . G A 1 12 ? -8.796  -7.769  8.384   1.00 0.00 ? 12 G A "C2'"  1 
ATOM 369  O "O2'"  . G A 1 12 ? -9.794  -7.959  9.374   1.00 0.00 ? 12 G A "O2'"  1 
ATOM 370  C "C1'"  . G A 1 12 ? -7.903  -6.625  8.820   1.00 0.00 ? 12 G A "C1'"  1 
ATOM 371  N N9     . G A 1 12 ? -7.273  -5.913  7.691   1.00 0.00 ? 12 G A N9     1 
ATOM 372  C C8     . G A 1 12 ? -5.984  -5.932  7.217   1.00 0.00 ? 12 G A C8     1 
ATOM 373  N N7     . G A 1 12 ? -5.744  -5.049  6.290   1.00 0.00 ? 12 G A N7     1 
ATOM 374  C C5     . G A 1 12 ? -6.925  -4.301  6.232   1.00 0.00 ? 12 G A C5     1 
ATOM 375  C C6     . G A 1 12 ? -7.262  -3.066  5.570   1.00 0.00 ? 12 G A C6     1 
ATOM 376  O O6     . G A 1 12 ? -6.601  -2.366  4.801   1.00 0.00 ? 12 G A O6     1 
ATOM 377  N N1     . G A 1 12 ? -8.503  -2.591  5.935   1.00 0.00 ? 12 G A N1     1 
ATOM 378  C C2     . G A 1 12 ? -9.393  -3.262  6.713   1.00 0.00 ? 12 G A C2     1 
ATOM 379  N N2     . G A 1 12 ? -10.571 -2.733  6.947   1.00 0.00 ? 12 G A N2     1 
ATOM 380  N N3     . G A 1 12 ? -9.131  -4.414  7.314   1.00 0.00 ? 12 G A N3     1 
ATOM 381  C C4     . G A 1 12 ? -7.868  -4.859  7.065   1.00 0.00 ? 12 G A C4     1 
ATOM 382  H "H5'"  . G A 1 12 ? -5.007  -8.846  10.394  1.00 0.00 ? 12 G A "H5'"  1 
ATOM 383  H "H5''" . G A 1 12 ? -5.703  -10.298 9.642   1.00 0.00 ? 12 G A "H5''" 1 
ATOM 384  H "H4'"  . G A 1 12 ? -7.528  -8.918  10.546  1.00 0.00 ? 12 G A "H4'"  1 
ATOM 385  H "H3'"  . G A 1 12 ? -7.204  -8.827  7.514   1.00 0.00 ? 12 G A "H3'"  1 
ATOM 386  H "H2'"  . G A 1 12 ? -9.228  -7.601  7.397   1.00 0.00 ? 12 G A "H2'"  1 
ATOM 387  H "HO2'" . G A 1 12 ? -9.936  -8.911  9.434   1.00 0.00 ? 12 G A "HO2'" 1 
ATOM 388  H "H1'"  . G A 1 12 ? -8.556  -5.903  9.291   1.00 0.00 ? 12 G A "H1'"  1 
ATOM 389  H H8     . G A 1 12 ? -5.208  -6.565  7.623   1.00 0.00 ? 12 G A H8     1 
ATOM 390  H H1     . G A 1 12 ? -8.750  -1.641  5.765   1.00 0.00 ? 12 G A H1     1 
ATOM 391  H H21    . G A 1 12 ? -10.871 -1.783  6.691   1.00 0.00 ? 12 G A H21    1 
ATOM 392  H H22    . G A 1 12 ? -11.148 -3.295  7.544   1.00 0.00 ? 12 G A H22    1 
ATOM 393  P P      . C A 1 13 ? -8.639  -10.956 7.040   1.00 0.00 ? 13 C A P      1 
ATOM 394  O OP1    . C A 1 13 ? -9.428  -12.199 7.183   1.00 0.00 ? 13 C A OP1    1 
ATOM 395  O OP2    . C A 1 13 ? -7.314  -11.019 6.383   1.00 0.00 ? 13 C A OP2    1 
ATOM 396  O "O5'"  . C A 1 13 ? -9.574  -9.907  6.290   1.00 0.00 ? 13 C A "O5'"  1 
ATOM 397  C "C5'"  . C A 1 13 ? -10.908 -9.693  6.726   1.00 0.00 ? 13 C A "C5'"  1 
ATOM 398  C "C4'"  . C A 1 13 ? -11.651 -8.693  5.845   1.00 0.00 ? 13 C A "C4'"  1 
ATOM 399  O "O4'"  . C A 1 13 ? -11.378 -7.302  5.999   1.00 0.00 ? 13 C A "O4'"  1 
ATOM 400  C "C3'"  . C A 1 13 ? -11.456 -9.024  4.380   1.00 0.00 ? 13 C A "C3'"  1 
ATOM 401  O "O3'"  . C A 1 13 ? -12.124 -10.247 4.113   1.00 0.00 ? 13 C A "O3'"  1 
ATOM 402  C "C2'"  . C A 1 13 ? -12.065 -7.774  3.776   1.00 0.00 ? 13 C A "C2'"  1 
ATOM 403  O "O2'"  . C A 1 13 ? -13.474 -7.893  3.732   1.00 0.00 ? 13 C A "O2'"  1 
ATOM 404  C "C1'"  . C A 1 13 ? -11.634 -6.682  4.738   1.00 0.00 ? 13 C A "C1'"  1 
ATOM 405  N N1     . C A 1 13 ? -10.543 -5.781  4.233   1.00 0.00 ? 13 C A N1     1 
ATOM 406  C C2     . C A 1 13 ? -10.920 -4.606  3.565   1.00 0.00 ? 13 C A C2     1 
ATOM 407  O O2     . C A 1 13 ? -12.086 -4.227  3.569   1.00 0.00 ? 13 C A O2     1 
ATOM 408  N N3     . C A 1 13 ? -10.004 -3.820  2.940   1.00 0.00 ? 13 C A N3     1 
ATOM 409  C C4     . C A 1 13 ? -8.746  -4.214  2.918   1.00 0.00 ? 13 C A C4     1 
ATOM 410  N N4     . C A 1 13 ? -7.862  -3.360  2.448   1.00 0.00 ? 13 C A N4     1 
ATOM 411  C C5     . C A 1 13 ? -8.301  -5.369  3.628   1.00 0.00 ? 13 C A C5     1 
ATOM 412  C C6     . C A 1 13 ? -9.210  -6.090  4.346   1.00 0.00 ? 13 C A C6     1 
ATOM 413  H "H5'"  . C A 1 13 ? -10.945 -9.356  7.757   1.00 0.00 ? 13 C A "H5'"  1 
ATOM 414  H "H5''" . C A 1 13 ? -11.446 -10.641 6.678   1.00 0.00 ? 13 C A "H5''" 1 
ATOM 415  H "H4'"  . C A 1 13 ? -12.713 -8.819  6.065   1.00 0.00 ? 13 C A "H4'"  1 
ATOM 416  H "H3'"  . C A 1 13 ? -10.391 -9.057  4.145   1.00 0.00 ? 13 C A "H3'"  1 
ATOM 417  H "H2'"  . C A 1 13 ? -11.681 -7.529  2.812   1.00 0.00 ? 13 C A "H2'"  1 
ATOM 418  H "HO2'" . C A 1 13 ? -13.662 -8.813  3.506   1.00 0.00 ? 13 C A "HO2'" 1 
ATOM 419  H "H1'"  . C A 1 13 ? -12.543 -6.102  4.762   1.00 0.00 ? 13 C A "H1'"  1 
ATOM 420  H H41    . C A 1 13 ? -8.123  -2.412  2.188   1.00 0.00 ? 13 C A H41    1 
ATOM 421  H H42    . C A 1 13 ? -6.891  -3.570  2.583   1.00 0.00 ? 13 C A H42    1 
ATOM 422  H H5     . C A 1 13 ? -7.253  -5.596  3.630   1.00 0.00 ? 13 C A H5     1 
ATOM 423  H H6     . C A 1 13 ? -8.909  -6.873  5.046   1.00 0.00 ? 13 C A H6     1 
ATOM 424  P P      . G A 1 14 ? -11.483 -11.341 3.151   1.00 0.00 ? 14 G A P      1 
ATOM 425  O OP1    . G A 1 14 ? -12.116 -12.624 3.502   1.00 0.00 ? 14 G A OP1    1 
ATOM 426  O OP2    . G A 1 14 ? -10.018 -11.287 3.327   1.00 0.00 ? 14 G A OP2    1 
ATOM 427  O "O5'"  . G A 1 14 ? -11.917 -10.828 1.709   1.00 0.00 ? 14 G A "O5'"  1 
ATOM 428  C "C5'"  . G A 1 14 ? -13.259 -10.958 1.281   1.00 0.00 ? 14 G A "C5'"  1 
ATOM 429  C "C4'"  . G A 1 14 ? -13.507 -10.187 -0.015  1.00 0.00 ? 14 G A "C4'"  1 
ATOM 430  O "O4'"  . G A 1 14 ? -13.650 -8.795  0.265   1.00 0.00 ? 14 G A "O4'"  1 
ATOM 431  C "C3'"  . G A 1 14 ? -12.396 -10.304 -1.060  1.00 0.00 ? 14 G A "C3'"  1 
ATOM 432  O "O3'"  . G A 1 14 ? -12.451 -11.483 -1.850  1.00 0.00 ? 14 G A "O3'"  1 
ATOM 433  C "C2'"  . G A 1 14 ? -12.712 -9.060  -1.884  1.00 0.00 ? 14 G A "C2'"  1 
ATOM 434  O "O2'"  . G A 1 14 ? -13.819 -9.315  -2.730  1.00 0.00 ? 14 G A "O2'"  1 
ATOM 435  C "C1'"  . G A 1 14 ? -13.100 -8.044  -0.813  1.00 0.00 ? 14 G A "C1'"  1 
ATOM 436  N N9     . G A 1 14 ? -11.890 -7.322  -0.355  1.00 0.00 ? 14 G A N9     1 
ATOM 437  C C8     . G A 1 14 ? -10.984 -7.710  0.596   1.00 0.00 ? 14 G A C8     1 
ATOM 438  N N7     . G A 1 14 ? -9.942  -6.941  0.709   1.00 0.00 ? 14 G A N7     1 
ATOM 439  C C5     . G A 1 14 ? -10.194 -5.931  -0.218  1.00 0.00 ? 14 G A C5     1 
ATOM 440  C C6     . G A 1 14 ? -9.436  -4.767  -0.559  1.00 0.00 ? 14 G A C6     1 
ATOM 441  O O6     . G A 1 14 ? -8.310  -4.439  -0.215  1.00 0.00 ? 14 G A O6     1 
ATOM 442  N N1     . G A 1 14 ? -10.106 -3.902  -1.391  1.00 0.00 ? 14 G A N1     1 
ATOM 443  C C2     . G A 1 14 ? -11.312 -4.172  -1.960  1.00 0.00 ? 14 G A C2     1 
ATOM 444  N N2     . G A 1 14 ? -11.835 -3.238  -2.725  1.00 0.00 ? 14 G A N2     1 
ATOM 445  N N3     . G A 1 14 ? -12.005 -5.298  -1.752  1.00 0.00 ? 14 G A N3     1 
ATOM 446  C C4     . G A 1 14 ? -11.408 -6.127  -0.840  1.00 0.00 ? 14 G A C4     1 
ATOM 447  H "H5'"  . G A 1 14 ? -13.942 -10.591 2.048   1.00 0.00 ? 14 G A "H5'"  1 
ATOM 448  H "H5''" . G A 1 14 ? -13.467 -12.015 1.108   1.00 0.00 ? 14 G A "H5''" 1 
ATOM 449  H "H4'"  . G A 1 14 ? -14.439 -10.538 -0.459  1.00 0.00 ? 14 G A "H4'"  1 
ATOM 450  H "H3'"  . G A 1 14 ? -11.420 -10.191 -0.584  1.00 0.00 ? 14 G A "H3'"  1 
ATOM 451  H "H2'"  . G A 1 14 ? -11.845 -8.733  -2.451  1.00 0.00 ? 14 G A "H2'"  1 
ATOM 452  H "HO2'" . G A 1 14 ? -13.770 -10.256 -2.941  1.00 0.00 ? 14 G A "HO2'" 1 
ATOM 453  H "H1'"  . G A 1 14 ? -13.820 -7.332  -1.220  1.00 0.00 ? 14 G A "H1'"  1 
ATOM 454  H H8     . G A 1 14 ? -11.155 -8.542  1.266   1.00 0.00 ? 14 G A H8     1 
ATOM 455  H H1     . G A 1 14 ? -9.699  -2.983  -1.491  1.00 0.00 ? 14 G A H1     1 
ATOM 456  H H21    . G A 1 14 ? -11.405 -2.314  -2.854  1.00 0.00 ? 14 G A H21    1 
ATOM 457  H H22    . G A 1 14 ? -12.735 -3.456  -3.110  1.00 0.00 ? 14 G A H22    1 
ATOM 458  P P      . C A 1 15 ? -11.113 -12.085 -2.507  1.00 0.00 ? 15 C A P      1 
ATOM 459  O OP1    . C A 1 15 ? -11.437 -13.374 -3.151  1.00 0.00 ? 15 C A OP1    1 
ATOM 460  O OP2    . C A 1 15 ? -10.073 -12.163 -1.464  1.00 0.00 ? 15 C A OP2    1 
ATOM 461  O "O5'"  . C A 1 15 ? -10.659 -11.026 -3.610  1.00 0.00 ? 15 C A "O5'"  1 
ATOM 462  C "C5'"  . C A 1 15 ? -11.443 -10.790 -4.763  1.00 0.00 ? 15 C A "C5'"  1 
ATOM 463  C "C4'"  . C A 1 15 ? -10.931 -9.565  -5.520  1.00 0.00 ? 15 C A "C4'"  1 
ATOM 464  O "O4'"  . C A 1 15 ? -11.003 -8.463  -4.612  1.00 0.00 ? 15 C A "O4'"  1 
ATOM 465  C "C3'"  . C A 1 15 ? -9.481  -9.583  -6.015  1.00 0.00 ? 15 C A "C3'"  1 
ATOM 466  O "O3'"  . C A 1 15 ? -9.282  -10.043 -7.344  1.00 0.00 ? 15 C A "O3'"  1 
ATOM 467  C "C2'"  . C A 1 15 ? -9.250  -8.078  -6.093  1.00 0.00 ? 15 C A "C2'"  1 
ATOM 468  O "O2'"  . C A 1 15 ? -9.917  -7.556  -7.233  1.00 0.00 ? 15 C A "O2'"  1 
ATOM 469  C "C1'"  . C A 1 15 ? -9.944  -7.554  -4.861  1.00 0.00 ? 15 C A "C1'"  1 
ATOM 470  N N1     . C A 1 15 ? -8.972  -7.362  -3.744  1.00 0.00 ? 15 C A N1     1 
ATOM 471  C C2     . C A 1 15 ? -8.155  -6.235  -3.832  1.00 0.00 ? 15 C A C2     1 
ATOM 472  O O2     . C A 1 15 ? -8.282  -5.450  -4.764  1.00 0.00 ? 15 C A O2     1 
ATOM 473  N N3     . C A 1 15 ? -7.210  -5.980  -2.900  1.00 0.00 ? 15 C A N3     1 
ATOM 474  C C4     . C A 1 15 ? -7.070  -6.815  -1.883  1.00 0.00 ? 15 C A C4     1 
ATOM 475  N N4     . C A 1 15 ? -6.141  -6.501  -1.005  1.00 0.00 ? 15 C A N4     1 
ATOM 476  C C5     . C A 1 15 ? -7.891  -7.977  -1.729  1.00 0.00 ? 15 C A C5     1 
ATOM 477  C C6     . C A 1 15 ? -8.828  -8.225  -2.684  1.00 0.00 ? 15 C A C6     1 
ATOM 478  H "H5'"  . C A 1 15 ? -12.482 -10.621 -4.485  1.00 0.00 ? 15 C A "H5'"  1 
ATOM 479  H "H5''" . C A 1 15 ? -11.394 -11.663 -5.416  1.00 0.00 ? 15 C A "H5''" 1 
ATOM 480  H "H4'"  . C A 1 15 ? -11.587 -9.369  -6.369  1.00 0.00 ? 15 C A "H4'"  1 
ATOM 481  H "H3'"  . C A 1 15 ? -8.818  -10.055 -5.284  1.00 0.00 ? 15 C A "H3'"  1 
ATOM 482  H "H2'"  . C A 1 15 ? -8.200  -7.810  -6.120  1.00 0.00 ? 15 C A "H2'"  1 
ATOM 483  H "HO2'" . C A 1 15 ? -9.888  -8.282  -7.874  1.00 0.00 ? 15 C A "HO2'" 1 
ATOM 484  H "H1'"  . C A 1 15 ? -10.321 -6.575  -5.136  1.00 0.00 ? 15 C A "H1'"  1 
ATOM 485  H H41    . C A 1 15 ? -5.747  -5.573  -1.120  1.00 0.00 ? 15 C A H41    1 
ATOM 486  H H42    . C A 1 15 ? -6.055  -7.020  -0.157  1.00 0.00 ? 15 C A H42    1 
ATOM 487  H H5     . C A 1 15 ? -7.785  -8.650  -0.893  1.00 0.00 ? 15 C A H5     1 
ATOM 488  H H6     . C A 1 15 ? -9.457  -9.103  -2.618  1.00 0.00 ? 15 C A H6     1 
ATOM 489  P P      . A A 1 16 ? -7.834  -10.541 -7.808  1.00 0.00 ? 16 A A P      1 
ATOM 490  O OP1    . A A 1 16 ? -7.880  -10.913 -9.236  1.00 0.00 ? 16 A A OP1    1 
ATOM 491  O OP2    . A A 1 16 ? -7.375  -11.620 -6.913  1.00 0.00 ? 16 A A OP2    1 
ATOM 492  O "O5'"  . A A 1 16 ? -6.830  -9.300  -7.654  1.00 0.00 ? 16 A A "O5'"  1 
ATOM 493  C "C5'"  . A A 1 16 ? -6.855  -8.134  -8.470  1.00 0.00 ? 16 A A "C5'"  1 
ATOM 494  C "C4'"  . A A 1 16 ? -5.663  -7.238  -8.097  1.00 0.00 ? 16 A A "C4'"  1 
ATOM 495  O "O4'"  . A A 1 16 ? -5.704  -6.831  -6.715  1.00 0.00 ? 16 A A "O4'"  1 
ATOM 496  C "C3'"  . A A 1 16 ? -4.383  -8.035  -8.290  1.00 0.00 ? 16 A A "C3'"  1 
ATOM 497  O "O3'"  . A A 1 16 ? -3.880  -7.969  -9.629  1.00 0.00 ? 16 A A "O3'"  1 
ATOM 498  C "C2'"  . A A 1 16 ? -3.535  -7.295  -7.282  1.00 0.00 ? 16 A A "C2'"  1 
ATOM 499  O "O2'"  . A A 1 16 ? -3.103  -6.061  -7.841  1.00 0.00 ? 16 A A "O2'"  1 
ATOM 500  C "C1'"  . A A 1 16 ? -4.417  -6.937  -6.068  1.00 0.00 ? 16 A A "C1'"  1 
ATOM 501  N N9     . A A 1 16 ? -4.550  -7.934  -4.923  1.00 0.00 ? 16 A A N9     1 
ATOM 502  C C8     . A A 1 16 ? -5.693  -8.609  -4.683  1.00 0.00 ? 16 A A C8     1 
ATOM 503  N N7     . A A 1 16 ? -5.771  -9.409  -3.667  1.00 0.00 ? 16 A A N7     1 
ATOM 504  C C5     . A A 1 16 ? -4.559  -9.157  -3.053  1.00 0.00 ? 16 A A C5     1 
ATOM 505  C C6     . A A 1 16 ? -4.008  -9.583  -1.821  1.00 0.00 ? 16 A A C6     1 
ATOM 506  N N6     . A A 1 16 ? -4.583  -10.438 -0.994  1.00 0.00 ? 16 A A N6     1 
ATOM 507  N N1     . A A 1 16 ? -2.851  -9.093  -1.385  1.00 0.00 ? 16 A A N1     1 
ATOM 508  C C2     . A A 1 16 ? -2.270  -8.191  -2.150  1.00 0.00 ? 16 A A C2     1 
ATOM 509  N N3     . A A 1 16 ? -2.649  -7.727  -3.334  1.00 0.00 ? 16 A A N3     1 
ATOM 510  C C4     . A A 1 16 ? -3.831  -8.226  -3.761  1.00 0.00 ? 16 A A C4     1 
ATOM 511  H "H5'"  . A A 1 16 ? -7.774  -7.573  -8.344  1.00 0.00 ? 16 A A "H5'"  1 
ATOM 512  H "H5''" . A A 1 16 ? -6.764  -8.424  -9.518  1.00 0.00 ? 16 A A "H5''" 1 
ATOM 513  H "H4'"  . A A 1 16 ? -5.636  -6.353  -8.735  1.00 0.00 ? 16 A A "H4'"  1 
ATOM 514  H "H3'"  . A A 1 16 ? -4.488  -9.071  -7.965  1.00 0.00 ? 16 A A "H3'"  1 
ATOM 515  H "H2'"  . A A 1 16 ? -2.708  -7.952  -7.051  1.00 0.00 ? 16 A A "H2'"  1 
ATOM 516  H "HO2'" . A A 1 16 ? -2.499  -6.274  -8.576  1.00 0.00 ? 16 A A "HO2'" 1 
ATOM 517  H "H1'"  . A A 1 16 ? -4.110  -5.968  -5.668  1.00 0.00 ? 16 A A "H1'"  1 
ATOM 518  H H8     . A A 1 16 ? -6.458  -8.357  -5.330  1.00 0.00 ? 16 A A H8     1 
ATOM 519  H H61    . A A 1 16 ? -4.081  -10.641 -0.151  1.00 0.00 ? 16 A A H61    1 
ATOM 520  H H62    . A A 1 16 ? -5.480  -10.825 -1.240  1.00 0.00 ? 16 A A H62    1 
ATOM 521  H H2     . A A 1 16 ? -1.329  -7.776  -1.846  1.00 0.00 ? 16 A A H2     1 
ATOM 522  P P      . C A 1 17 ? -2.373  -8.396  -9.990  1.00 0.00 ? 17 C A P      1 
ATOM 523  O OP1    . C A 1 17 ? -2.194  -8.706  -11.418 1.00 0.00 ? 17 C A OP1    1 
ATOM 524  O OP2    . C A 1 17 ? -1.851  -9.402  -9.046  1.00 0.00 ? 17 C A OP2    1 
ATOM 525  O "O5'"  . C A 1 17 ? -1.438  -7.118  -9.738  1.00 0.00 ? 17 C A "O5'"  1 
ATOM 526  C "C5'"  . C A 1 17 ? -1.399  -5.965  -10.579 1.00 0.00 ? 17 C A "C5'"  1 
ATOM 527  C "C4'"  . C A 1 17 ? -0.169  -5.120  -10.182 1.00 0.00 ? 17 C A "C4'"  1 
ATOM 528  O "O4'"  . C A 1 17 ? -0.265  -4.757  -8.815  1.00 0.00 ? 17 C A "O4'"  1 
ATOM 529  C "C3'"  . C A 1 17 ? 1.084   -5.988  -10.267 1.00 0.00 ? 17 C A "C3'"  1 
ATOM 530  O "O3'"  . C A 1 17 ? 1.613   -6.107  -11.578 1.00 0.00 ? 17 C A "O3'"  1 
ATOM 531  C "C2'"  . C A 1 17 ? 1.983   -5.327  -9.226  1.00 0.00 ? 17 C A "C2'"  1 
ATOM 532  O "O2'"  . C A 1 17 ? 2.543   -4.083  -9.609  1.00 0.00 ? 17 C A "O2'"  1 
ATOM 533  C "C1'"  . C A 1 17 ? 0.981   -4.984  -8.137  1.00 0.00 ? 17 C A "C1'"  1 
ATOM 534  N N1     . C A 1 17 ? 0.744   -6.080  -7.171  1.00 0.00 ? 17 C A N1     1 
ATOM 535  C C2     . C A 1 17 ? 1.775   -6.662  -6.440  1.00 0.00 ? 17 C A C2     1 
ATOM 536  O O2     . C A 1 17 ? 2.907   -6.196  -6.440  1.00 0.00 ? 17 C A O2     1 
ATOM 537  N N3     . C A 1 17 ? 1.475   -7.643  -5.550  1.00 0.00 ? 17 C A N3     1 
ATOM 538  C C4     . C A 1 17 ? 0.208   -7.970  -5.346  1.00 0.00 ? 17 C A C4     1 
ATOM 539  N N4     . C A 1 17 ? -0.002  -8.689  -4.287  1.00 0.00 ? 17 C A N4     1 
ATOM 540  C C5     . C A 1 17 ? -0.859  -7.175  -5.823  1.00 0.00 ? 17 C A C5     1 
ATOM 541  C C6     . C A 1 17 ? -0.503  -6.172  -6.650  1.00 0.00 ? 17 C A C6     1 
ATOM 542  H "H5'"  . C A 1 17 ? -2.311  -5.376  -10.466 1.00 0.00 ? 17 C A "H5'"  1 
ATOM 543  H "H5''" . C A 1 17 ? -1.298  -6.268  -11.624 1.00 0.00 ? 17 C A "H5''" 1 
ATOM 544  H "H4'"  . C A 1 17 ? -0.058  -4.236  -10.810 1.00 0.00 ? 17 C A "H4'"  1 
ATOM 545  H "H3'"  . C A 1 17 ? 0.862   -6.981  -9.884  1.00 0.00 ? 17 C A "H3'"  1 
ATOM 546  H "H2'"  . C A 1 17 ? 2.748   -6.009  -8.883  1.00 0.00 ? 17 C A "H2'"  1 
ATOM 547  H "HO2'" . C A 1 17 ? 3.390   -3.986  -9.156  1.00 0.00 ? 17 C A "HO2'" 1 
ATOM 548  H "H1'"  . C A 1 17 ? 1.312   -4.176  -7.513  1.00 0.00 ? 17 C A "H1'"  1 
ATOM 549  H H41    . C A 1 17 ? 0.828   -9.143  -3.932  1.00 0.00 ? 17 C A H41    1 
ATOM 550  H H42    . C A 1 17 ? -0.951  -8.862  -3.991  1.00 0.00 ? 17 C A H42    1 
ATOM 551  H H5     . C A 1 17 ? -1.882  -7.229  -5.446  1.00 0.00 ? 17 C A H5     1 
ATOM 552  H H6     . C A 1 17 ? -1.132  -5.308  -6.819  1.00 0.00 ? 17 C A H6     1 
ATOM 553  P P      . G A 1 18 ? 2.584   -7.318  -11.955 1.00 0.00 ? 18 G A P      1 
ATOM 554  O OP1    . G A 1 18 ? 3.011   -7.210  -13.364 1.00 0.00 ? 18 G A OP1    1 
ATOM 555  O OP2    . G A 1 18 ? 1.910   -8.595  -11.592 1.00 0.00 ? 18 G A OP2    1 
ATOM 556  O "O5'"  . G A 1 18 ? 3.871   -7.118  -11.031 1.00 0.00 ? 18 G A "O5'"  1 
ATOM 557  C "C5'"  . G A 1 18 ? 4.655   -5.936  -11.145 1.00 0.00 ? 18 G A "C5'"  1 
ATOM 558  C "C4'"  . G A 1 18 ? 5.699   -5.825  -10.027 1.00 0.00 ? 18 G A "C4'"  1 
ATOM 559  O "O4'"  . G A 1 18 ? 5.099   -5.824  -8.731  1.00 0.00 ? 18 G A "O4'"  1 
ATOM 560  C "C3'"  . G A 1 18 ? 6.650   -7.005  -10.034 1.00 0.00 ? 18 G A "C3'"  1 
ATOM 561  O "O3'"  . G A 1 18 ? 7.711   -6.735  -10.932 1.00 0.00 ? 18 G A "O3'"  1 
ATOM 562  C "C2'"  . G A 1 18 ? 7.141   -7.006  -8.594  1.00 0.00 ? 18 G A "C2'"  1 
ATOM 563  O "O2'"  . G A 1 18 ? 8.129   -6.004  -8.438  1.00 0.00 ? 18 G A "O2'"  1 
ATOM 564  C "C1'"  . G A 1 18 ? 5.880   -6.618  -7.831  1.00 0.00 ? 18 G A "C1'"  1 
ATOM 565  N N9     . G A 1 18 ? 5.162   -7.858  -7.437  1.00 0.00 ? 18 G A N9     1 
ATOM 566  C C8     . G A 1 18 ? 4.037   -8.411  -7.991  1.00 0.00 ? 18 G A C8     1 
ATOM 567  N N7     . G A 1 18 ? 3.721   -9.592  -7.528  1.00 0.00 ? 18 G A N7     1 
ATOM 568  C C5     . G A 1 18 ? 4.703   -9.826  -6.559  1.00 0.00 ? 18 G A C5     1 
ATOM 569  C C6     . G A 1 18 ? 4.946   -10.959 -5.710  1.00 0.00 ? 18 G A C6     1 
ATOM 570  O O6     . G A 1 18 ? 4.384   -12.049 -5.694  1.00 0.00 ? 18 G A O6     1 
ATOM 571  N N1     . G A 1 18 ? 5.971   -10.765 -4.802  1.00 0.00 ? 18 G A N1     1 
ATOM 572  C C2     . G A 1 18 ? 6.737   -9.641  -4.767  1.00 0.00 ? 18 G A C2     1 
ATOM 573  N N2     . G A 1 18 ? 7.637   -9.569  -3.817  1.00 0.00 ? 18 G A N2     1 
ATOM 574  N N3     . G A 1 18 ? 6.588   -8.597  -5.583  1.00 0.00 ? 18 G A N3     1 
ATOM 575  C C4     . G A 1 18 ? 5.547   -8.742  -6.456  1.00 0.00 ? 18 G A C4     1 
ATOM 576  H "H5'"  . G A 1 18 ? 4.028   -5.050  -11.159 1.00 0.00 ? 18 G A "H5'"  1 
ATOM 577  H "H5''" . G A 1 18 ? 5.179   -5.967  -12.100 1.00 0.00 ? 18 G A "H5''" 1 
ATOM 578  H "H4'"  . G A 1 18 ? 6.274   -4.906  -10.150 1.00 0.00 ? 18 G A "H4'"  1 
ATOM 579  H "H3'"  . G A 1 18 ? 6.119   -7.932  -10.261 1.00 0.00 ? 18 G A "H3'"  1 
ATOM 580  H "H2'"  . G A 1 18 ? 7.514   -7.984  -8.295  1.00 0.00 ? 18 G A "H2'"  1 
ATOM 581  H "HO2'" . G A 1 18 ? 8.529   -5.911  -9.313  1.00 0.00 ? 18 G A "HO2'" 1 
ATOM 582  H "H1'"  . G A 1 18 ? 6.151   -6.071  -6.930  1.00 0.00 ? 18 G A "H1'"  1 
ATOM 583  H H8     . G A 1 18 ? 3.464   -7.872  -8.730  1.00 0.00 ? 18 G A H8     1 
ATOM 584  H H1     . G A 1 18 ? 6.127   -11.501 -4.124  1.00 0.00 ? 18 G A H1     1 
ATOM 585  H H21    . G A 1 18 ? 7.750   -10.307 -3.142  1.00 0.00 ? 18 G A H21    1 
ATOM 586  H H22    . G A 1 18 ? 8.127   -8.691  -3.763  1.00 0.00 ? 18 G A H22    1 
ATOM 587  P P      . U A 1 19 ? 8.333   -7.908  -11.796 1.00 0.00 ? 19 U A P      1 
ATOM 588  O OP1    . U A 1 19 ? 9.398   -7.348  -12.651 1.00 0.00 ? 19 U A OP1    1 
ATOM 589  O OP2    . U A 1 19 ? 7.236   -8.578  -12.523 1.00 0.00 ? 19 U A OP2    1 
ATOM 590  O "O5'"  . U A 1 19 ? 8.947   -8.872  -10.689 1.00 0.00 ? 19 U A "O5'"  1 
ATOM 591  C "C5'"  . U A 1 19 ? 10.115  -8.514  -9.967  1.00 0.00 ? 19 U A "C5'"  1 
ATOM 592  C "C4'"  . U A 1 19 ? 10.435  -9.576  -8.912  1.00 0.00 ? 19 U A "C4'"  1 
ATOM 593  O "O4'"  . U A 1 19 ? 9.499   -9.593  -7.837  1.00 0.00 ? 19 U A "O4'"  1 
ATOM 594  C "C3'"  . U A 1 19 ? 10.432  -10.972 -9.517  1.00 0.00 ? 19 U A "C3'"  1 
ATOM 595  O "O3'"  . U A 1 19 ? 11.645  -11.211 -10.213 1.00 0.00 ? 19 U A "O3'"  1 
ATOM 596  C "C2'"  . U A 1 19 ? 10.200  -11.824 -8.276  1.00 0.00 ? 19 U A "C2'"  1 
ATOM 597  O "O2'"  . U A 1 19 ? 11.353  -12.150 -7.522  1.00 0.00 ? 19 U A "O2'"  1 
ATOM 598  C "C1'"  . U A 1 19 ? 9.322   -10.941 -7.399  1.00 0.00 ? 19 U A "C1'"  1 
ATOM 599  N N1     . U A 1 19 ? 7.952   -11.476 -7.499  1.00 0.00 ? 19 U A N1     1 
ATOM 600  C C2     . U A 1 19 ? 7.662   -12.639 -6.769  1.00 0.00 ? 19 U A C2     1 
ATOM 601  O O2     . U A 1 19 ? 8.343   -13.027 -5.825  1.00 0.00 ? 19 U A O2     1 
ATOM 602  N N3     . U A 1 19 ? 6.565   -13.375 -7.170  1.00 0.00 ? 19 U A N3     1 
ATOM 603  C C4     . U A 1 19 ? 5.712   -13.035 -8.195  1.00 0.00 ? 19 U A C4     1 
ATOM 604  O O4     . U A 1 19 ? 4.749   -13.753 -8.441  1.00 0.00 ? 19 U A O4     1 
ATOM 605  C C5     . U A 1 19 ? 6.073   -11.804 -8.878  1.00 0.00 ? 19 U A C5     1 
ATOM 606  C C6     . U A 1 19 ? 7.151   -11.071 -8.529  1.00 0.00 ? 19 U A C6     1 
ATOM 607  H "H5'"  . U A 1 19 ? 9.982   -7.553  -9.473  1.00 0.00 ? 19 U A "H5'"  1 
ATOM 608  H "H5''" . U A 1 19 ? 10.954  -8.440  -10.660 1.00 0.00 ? 19 U A "H5''" 1 
ATOM 609  H "H4'"  . U A 1 19 ? 11.428  -9.389  -8.500  1.00 0.00 ? 19 U A "H4'"  1 
ATOM 610  H "H3'"  . U A 1 19 ? 9.577   -11.091 -10.183 1.00 0.00 ? 19 U A "H3'"  1 
ATOM 611  H "H2'"  . U A 1 19 ? 9.604   -12.693 -8.591  1.00 0.00 ? 19 U A "H2'"  1 
ATOM 612  H "HO2'" . U A 1 19 ? 11.505  -13.112 -7.611  1.00 0.00 ? 19 U A "HO2'" 1 
ATOM 613  H "H1'"  . U A 1 19 ? 9.660   -11.031 -6.364  1.00 0.00 ? 19 U A "H1'"  1 
ATOM 614  H H3     . U A 1 19 ? 6.293   -14.163 -6.594  1.00 0.00 ? 19 U A H3     1 
ATOM 615  H H5     . U A 1 19 ? 5.501   -11.427 -9.691  1.00 0.00 ? 19 U A H5     1 
ATOM 616  H H6     . U A 1 19 ? 7.406   -10.180 -9.089  1.00 0.00 ? 19 U A H6     1 
ATOM 617  P P      . U A 1 20 ? 11.772  -12.386 -11.277 1.00 0.00 ? 20 U A P      1 
ATOM 618  O OP1    . U A 1 20 ? 13.014  -12.227 -12.061 1.00 0.00 ? 20 U A OP1    1 
ATOM 619  O OP2    . U A 1 20 ? 10.535  -12.461 -12.081 1.00 0.00 ? 20 U A OP2    1 
ATOM 620  O "O5'"  . U A 1 20 ? 11.877  -13.678 -10.358 1.00 0.00 ? 20 U A "O5'"  1 
ATOM 621  C "C5'"  . U A 1 20 ? 13.005  -13.908 -9.534  1.00 0.00 ? 20 U A "C5'"  1 
ATOM 622  C "C4'"  . U A 1 20 ? 12.697  -15.083 -8.599  1.00 0.00 ? 20 U A "C4'"  1 
ATOM 623  O "O4'"  . U A 1 20 ? 11.571  -14.769 -7.777  1.00 0.00 ? 20 U A "O4'"  1 
ATOM 624  C "C3'"  . U A 1 20 ? 12.335  -16.350 -9.358  1.00 0.00 ? 20 U A "C3'"  1 
ATOM 625  O "O3'"  . U A 1 20 ? 13.532  -16.996 -9.764  1.00 0.00 ? 20 U A "O3'"  1 
ATOM 626  C "C2'"  . U A 1 20 ? 11.473  -17.080 -8.321  1.00 0.00 ? 20 U A "C2'"  1 
ATOM 627  O "O2'"  . U A 1 20 ? 12.182  -17.843 -7.360  1.00 0.00 ? 20 U A "O2'"  1 
ATOM 628  C "C1'"  . U A 1 20 ? 10.782  -15.938 -7.576  1.00 0.00 ? 20 U A "C1'"  1 
ATOM 629  N N1     . U A 1 20 ? 9.380   -15.832 -8.059  1.00 0.00 ? 20 U A N1     1 
ATOM 630  C C2     . U A 1 20 ? 8.401   -16.554 -7.356  1.00 0.00 ? 20 U A C2     1 
ATOM 631  O O2     . U A 1 20 ? 8.584   -17.016 -6.233  1.00 0.00 ? 20 U A O2     1 
ATOM 632  N N3     . U A 1 20 ? 7.202   -16.788 -8.005  1.00 0.00 ? 20 U A N3     1 
ATOM 633  C C4     . U A 1 20 ? 6.916   -16.420 -9.302  1.00 0.00 ? 20 U A C4     1 
ATOM 634  O O4     . U A 1 20 ? 5.840   -16.709 -9.806  1.00 0.00 ? 20 U A O4     1 
ATOM 635  C C5     . U A 1 20 ? 7.977   -15.699 -9.963  1.00 0.00 ? 20 U A C5     1 
ATOM 636  C C6     . U A 1 20 ? 9.137   -15.401 -9.341  1.00 0.00 ? 20 U A C6     1 
ATOM 637  H "H5'"  . U A 1 20 ? 13.243  -13.022 -8.948  1.00 0.00 ? 20 U A "H5'"  1 
ATOM 638  H "H5''" . U A 1 20 ? 13.866  -14.156 -10.158 1.00 0.00 ? 20 U A "H5''" 1 
ATOM 639  H "H4'"  . U A 1 20 ? 13.559  -15.294 -7.964  1.00 0.00 ? 20 U A "H4'"  1 
ATOM 640  H "H3'"  . U A 1 20 ? 11.722  -16.103 -10.225 1.00 0.00 ? 20 U A "H3'"  1 
ATOM 641  H "H2'"  . U A 1 20 ? 10.713  -17.667 -8.844  1.00 0.00 ? 20 U A "H2'"  1 
ATOM 642  H "HO2'" . U A 1 20 ? 12.142  -18.784 -7.614  1.00 0.00 ? 20 U A "HO2'" 1 
ATOM 643  H "H1'"  . U A 1 20 ? 10.772  -16.181 -6.510  1.00 0.00 ? 20 U A "H1'"  1 
ATOM 644  H H3     . U A 1 20 ? 6.519   -17.375 -7.540  1.00 0.00 ? 20 U A H3     1 
ATOM 645  H H5     . U A 1 20 ? 7.854   -15.436 -10.993 1.00 0.00 ? 20 U A H5     1 
ATOM 646  H H6     . U A 1 20 ? 9.903   -14.880 -9.893  1.00 0.00 ? 20 U A H6     1 
ATOM 647  P P      . G A 1 21 ? 13.550  -18.102 -10.911 1.00 0.00 ? 21 G A P      1 
ATOM 648  O OP1    . G A 1 21 ? 14.920  -18.264 -11.440 1.00 0.00 ? 21 G A OP1    1 
ATOM 649  O OP2    . G A 1 21 ? 12.524  -17.781 -11.924 1.00 0.00 ? 21 G A OP2    1 
ATOM 650  O "O5'"  . G A 1 21 ? 13.123  -19.418 -10.132 1.00 0.00 ? 21 G A "O5'"  1 
ATOM 651  C "C5'"  . G A 1 21 ? 13.892  -19.900 -9.045  1.00 0.00 ? 21 G A "C5'"  1 
ATOM 652  C "C4'"  . G A 1 21 ? 13.105  -21.012 -8.349  1.00 0.00 ? 21 G A "C4'"  1 
ATOM 653  O "O4'"  . G A 1 21 ? 11.863  -20.468 -7.919  1.00 0.00 ? 21 G A "O4'"  1 
ATOM 654  C "C3'"  . G A 1 21 ? 12.764  -22.176 -9.267  1.00 0.00 ? 21 G A "C3'"  1 
ATOM 655  O "O3'"  . G A 1 21 ? 13.876  -23.055 -9.289  1.00 0.00 ? 21 G A "O3'"  1 
ATOM 656  C "C2'"  . G A 1 21 ? 11.473  -22.718 -8.634  1.00 0.00 ? 21 G A "C2'"  1 
ATOM 657  O "O2'"  . G A 1 21 ? 11.658  -23.585 -7.530  1.00 0.00 ? 21 G A "O2'"  1 
ATOM 658  C "C1'"  . G A 1 21 ? 10.834  -21.434 -8.110  1.00 0.00 ? 21 G A "C1'"  1 
ATOM 659  N N9     . G A 1 21 ? 9.751   -20.962 -8.982  1.00 0.00 ? 21 G A N9     1 
ATOM 660  C C8     . G A 1 21 ? 9.806   -19.925 -9.842  1.00 0.00 ? 21 G A C8     1 
ATOM 661  N N7     . G A 1 21 ? 8.678   -19.615 -10.417 1.00 0.00 ? 21 G A N7     1 
ATOM 662  C C5     . G A 1 21 ? 7.782   -20.543 -9.871  1.00 0.00 ? 21 G A C5     1 
ATOM 663  C C6     . G A 1 21 ? 6.368   -20.735 -10.063 1.00 0.00 ? 21 G A C6     1 
ATOM 664  O O6     . G A 1 21 ? 5.584   -20.137 -10.801 1.00 0.00 ? 21 G A O6     1 
ATOM 665  N N1     . G A 1 21 ? 5.856   -21.755 -9.279  1.00 0.00 ? 21 G A N1     1 
ATOM 666  C C2     . G A 1 21 ? 6.596   -22.519 -8.431  1.00 0.00 ? 21 G A C2     1 
ATOM 667  N N2     . G A 1 21 ? 5.958   -23.449 -7.763  1.00 0.00 ? 21 G A N2     1 
ATOM 668  N N3     . G A 1 21 ? 7.909   -22.383 -8.237  1.00 0.00 ? 21 G A N3     1 
ATOM 669  C C4     . G A 1 21 ? 8.441   -21.372 -8.985  1.00 0.00 ? 21 G A C4     1 
ATOM 670  H "H5'"  . G A 1 21 ? 14.111  -19.103 -8.336  1.00 0.00 ? 21 G A "H5'"  1 
ATOM 671  H "H5''" . G A 1 21 ? 14.835  -20.302 -9.419  1.00 0.00 ? 21 G A "H5''" 1 
ATOM 672  H "H4'"  . G A 1 21 ? 13.657  -21.391 -7.489  1.00 0.00 ? 21 G A "H4'"  1 
ATOM 673  H "H3'"  . G A 1 21 ? 12.543  -21.805 -10.268 1.00 0.00 ? 21 G A "H3'"  1 
ATOM 674  H "H2'"  . G A 1 21 ? 10.845  -23.190 -9.386  1.00 0.00 ? 21 G A "H2'"  1 
ATOM 675  H "HO2'" . G A 1 21 ? 11.398  -24.479 -7.811  1.00 0.00 ? 21 G A "HO2'" 1 
ATOM 676  H "H1'"  . G A 1 21 ? 10.353  -21.591 -7.169  1.00 0.00 ? 21 G A "H1'"  1 
ATOM 677  H H8     . G A 1 21 ? 10.756  -19.450 -9.927  1.00 0.00 ? 21 G A H8     1 
ATOM 678  H H1     . G A 1 21 ? 4.867   -21.922 -9.401  1.00 0.00 ? 21 G A H1     1 
ATOM 679  H H21    . G A 1 21 ? 4.948   -23.567 -7.902  1.00 0.00 ? 21 G A H21    1 
ATOM 680  H H22    . G A 1 21 ? 6.502   -24.036 -7.163  1.00 0.00 ? 21 G A H22    1 
ATOM 681  P P      . C A 1 22 ? 14.065  -24.133 -10.437 1.00 0.00 ? 22 C A P      1 
ATOM 682  O OP1    . C A 1 22 ? 15.429  -24.698 -10.366 1.00 0.00 ? 22 C A OP1    1 
ATOM 683  O OP2    . C A 1 22 ? 13.710  -23.524 -11.736 1.00 0.00 ? 22 C A OP2    1 
ATOM 684  O "O5'"  . C A 1 22 ? 12.998  -25.248 -10.071 1.00 0.00 ? 22 C A "O5'"  1 
ATOM 685  C "C5'"  . C A 1 22 ? 13.134  -26.062 -8.924  1.00 0.00 ? 22 C A "C5'"  1 
ATOM 686  C "C4'"  . C A 1 22 ? 11.837  -26.854 -8.732  1.00 0.00 ? 22 C A "C4'"  1 
ATOM 687  O "O4'"  . C A 1 22 ? 10.705  -26.004 -8.504  1.00 0.00 ? 22 C A "O4'"  1 
ATOM 688  C "C3'"  . C A 1 22 ? 11.486  -27.697 -9.956  1.00 0.00 ? 22 C A "C3'"  1 
ATOM 689  O "O3'"  . C A 1 22 ? 12.183  -28.930 -10.026 1.00 0.00 ? 22 C A "O3'"  1 
ATOM 690  C "C2'"  . C A 1 22 ? 10.007  -27.925 -9.673  1.00 0.00 ? 22 C A "C2'"  1 
ATOM 691  O "O2'"  . C A 1 22 ? 9.869   -28.899 -8.653  1.00 0.00 ? 22 C A "O2'"  1 
ATOM 692  C "C1'"  . C A 1 22 ? 9.553   -26.576 -9.146  1.00 0.00 ? 22 C A "C1'"  1 
ATOM 693  N N1     . C A 1 22 ? 9.030   -25.644 -10.196 1.00 0.00 ? 22 C A N1     1 
ATOM 694  C C2     . C A 1 22 ? 7.648   -25.411 -10.302 1.00 0.00 ? 22 C A C2     1 
ATOM 695  O O2     . C A 1 22 ? 6.826   -26.098 -9.698  1.00 0.00 ? 22 C A O2     1 
ATOM 696  N N3     . C A 1 22 ? 7.181   -24.422 -11.113 1.00 0.00 ? 22 C A N3     1 
ATOM 697  C C4     . C A 1 22 ? 8.039   -23.710 -11.831 1.00 0.00 ? 22 C A C4     1 
ATOM 698  N N4     . C A 1 22 ? 7.562   -22.744 -12.579 1.00 0.00 ? 22 C A N4     1 
ATOM 699  C C5     . C A 1 22 ? 9.435   -23.993 -11.847 1.00 0.00 ? 22 C A C5     1 
ATOM 700  C C6     . C A 1 22 ? 9.884   -24.958 -11.020 1.00 0.00 ? 22 C A C6     1 
ATOM 701  H "H5'"  . C A 1 22 ? 13.331  -25.454 -8.041  1.00 0.00 ? 22 C A "H5'"  1 
ATOM 702  H "H5''" . C A 1 22 ? 13.967  -26.753 -9.068  1.00 0.00 ? 22 C A "H5''" 1 
ATOM 703  H "H4'"  . C A 1 22 ? 11.954  -27.518 -7.874  1.00 0.00 ? 22 C A "H4'"  1 
ATOM 704  H "H3'"  . C A 1 22 ? 11.608  -27.096 -10.864 1.00 0.00 ? 22 C A "H3'"  1 
ATOM 705  H "H2'"  . C A 1 22 ? 9.439   -28.228 -10.532 1.00 0.00 ? 22 C A "H2'"  1 
ATOM 706  H "HO2'" . C A 1 22 ? 10.612  -29.505 -8.772  1.00 0.00 ? 22 C A "HO2'" 1 
ATOM 707  H "H1'"  . C A 1 22 ? 8.745   -26.805 -8.463  1.00 0.00 ? 22 C A "H1'"  1 
ATOM 708  H H41    . C A 1 22 ? 6.545   -22.633 -12.644 1.00 0.00 ? 22 C A H41    1 
ATOM 709  H H42    . C A 1 22 ? 8.174   -22.162 -13.114 1.00 0.00 ? 22 C A H42    1 
ATOM 710  H H5     . C A 1 22 ? 10.151  -23.506 -12.479 1.00 0.00 ? 22 C A H5     1 
ATOM 711  H H6     . C A 1 22 ? 10.938  -25.161 -11.014 1.00 0.00 ? 22 C A H6     1 
ATOM 712  P P      . C A 1 23 ? 12.389  -29.651 -11.438 1.00 0.00 ? 23 C A P      1 
ATOM 713  O OP1    . C A 1 23 ? 13.179  -30.881 -11.242 1.00 0.00 ? 23 C A OP1    1 
ATOM 714  O OP2    . C A 1 23 ? 12.974  -28.685 -12.390 1.00 0.00 ? 23 C A OP2    1 
ATOM 715  O "O5'"  . C A 1 23 ? 10.925  -30.046 -11.941 1.00 0.00 ? 23 C A "O5'"  1 
ATOM 716  C "C5'"  . C A 1 23 ? 10.192  -31.103 -11.348 1.00 0.00 ? 23 C A "C5'"  1 
ATOM 717  C "C4'"  . C A 1 23 ? 8.746   -31.120 -11.856 1.00 0.00 ? 23 C A "C4'"  1 
ATOM 718  O "O4'"  . C A 1 23 ? 8.010   -30.005 -11.367 1.00 0.00 ? 23 C A "O4'"  1 
ATOM 719  C "C3'"  . C A 1 23 ? 8.612   -31.081 -13.379 1.00 0.00 ? 23 C A "C3'"  1 
ATOM 720  O "O3'"  . C A 1 23 ? 8.641   -32.358 -13.971 1.00 0.00 ? 23 C A "O3'"  1 
ATOM 721  C "C2'"  . C A 1 23 ? 7.182   -30.571 -13.525 1.00 0.00 ? 23 C A "C2'"  1 
ATOM 722  O "O2'"  . C A 1 23 ? 6.257   -31.650 -13.398 1.00 0.00 ? 23 C A "O2'"  1 
ATOM 723  C "C1'"  . C A 1 23 ? 7.065   -29.594 -12.346 1.00 0.00 ? 23 C A "C1'"  1 
ATOM 724  N N1     . C A 1 23 ? 7.350   -28.214 -12.833 1.00 0.00 ? 23 C A N1     1 
ATOM 725  C C2     . C A 1 23 ? 6.302   -27.499 -13.415 1.00 0.00 ? 23 C A C2     1 
ATOM 726  O O2     . C A 1 23 ? 5.145   -27.908 -13.350 1.00 0.00 ? 23 C A O2     1 
ATOM 727  N N3     . C A 1 23 ? 6.561   -26.374 -14.125 1.00 0.00 ? 23 C A N3     1 
ATOM 728  C C4     . C A 1 23 ? 7.810   -25.968 -14.284 1.00 0.00 ? 23 C A C4     1 
ATOM 729  N N4     . C A 1 23 ? 7.998   -24.905 -15.029 1.00 0.00 ? 23 C A N4     1 
ATOM 730  C C5     . C A 1 23 ? 8.914   -26.655 -13.701 1.00 0.00 ? 23 C A C5     1 
ATOM 731  C C6     . C A 1 23 ? 8.635   -27.751 -12.960 1.00 0.00 ? 23 C A C6     1 
ATOM 732  H "H5'"  . C A 1 23 ? 10.184  -31.000 -10.264 1.00 0.00 ? 23 C A "H5'"  1 
ATOM 733  H "H5''" . C A 1 23 ? 10.670  -32.051 -11.604 1.00 0.00 ? 23 C A "H5''" 1 
ATOM 734  H "H4'"  . C A 1 23 ? 8.260   -32.026 -11.493 1.00 0.00 ? 23 C A "H4'"  1 
ATOM 735  H "H3'"  . C A 1 23 ? 9.320   -30.380 -13.831 1.00 0.00 ? 23 C A "H3'"  1 
ATOM 736  H "HO3'" . C A 1 23 ? 7.700   -32.607 -13.923 1.00 0.00 ? 23 C A "HO3'" 1 
ATOM 737  H "H2'"  . C A 1 23 ? 7.050   -30.072 -14.490 1.00 0.00 ? 23 C A "H2'"  1 
ATOM 738  H "HO2'" . C A 1 23 ? 5.359   -31.317 -13.512 1.00 0.00 ? 23 C A "HO2'" 1 
ATOM 739  H "H1'"  . C A 1 23 ? 6.058   -29.628 -11.925 1.00 0.00 ? 23 C A "H1'"  1 
ATOM 740  H H41    . C A 1 23 ? 7.160   -24.442 -15.392 1.00 0.00 ? 23 C A H41    1 
ATOM 741  H H42    . C A 1 23 ? 8.918   -24.548 -15.190 1.00 0.00 ? 23 C A H42    1 
ATOM 742  H H5     . C A 1 23 ? 9.938   -26.344 -13.814 1.00 0.00 ? 23 C A H5     1 
ATOM 743  H H6     . C A 1 23 ? 9.435   -28.279 -12.474 1.00 0.00 ? 23 C A H6     1 
ATOM 744  O "O5'"  . G B 1 1  ? 6.619   22.544  17.499  1.00 0.00 ? 1  G B "O5'"  1 
ATOM 745  C "C5'"  . G B 1 1  ? 6.083   23.118  18.679  1.00 0.00 ? 1  G B "C5'"  1 
ATOM 746  C "C4'"  . G B 1 1  ? 5.019   24.179  18.374  1.00 0.00 ? 1  G B "C4'"  1 
ATOM 747  O "O4'"  . G B 1 1  ? 5.567   25.317  17.714  1.00 0.00 ? 1  G B "O4'"  1 
ATOM 748  C "C3'"  . G B 1 1  ? 3.871   23.684  17.486  1.00 0.00 ? 1  G B "C3'"  1 
ATOM 749  O "O3'"  . G B 1 1  ? 2.877   22.942  18.173  1.00 0.00 ? 1  G B "O3'"  1 
ATOM 750  C "C2'"  . G B 1 1  ? 3.327   25.024  17.017  1.00 0.00 ? 1  G B "C2'"  1 
ATOM 751  O "O2'"  . G B 1 1  ? 2.594   25.643  18.059  1.00 0.00 ? 1  G B "O2'"  1 
ATOM 752  C "C1'"  . G B 1 1  ? 4.600   25.815  16.791  1.00 0.00 ? 1  G B "C1'"  1 
ATOM 753  N N9     . G B 1 1  ? 5.125   25.641  15.420  1.00 0.00 ? 1  G B N9     1 
ATOM 754  C C8     . G B 1 1  ? 6.171   24.867  14.988  1.00 0.00 ? 1  G B C8     1 
ATOM 755  N N7     . G B 1 1  ? 6.480   25.033  13.730  1.00 0.00 ? 1  G B N7     1 
ATOM 756  C C5     . G B 1 1  ? 5.542   25.966  13.280  1.00 0.00 ? 1  G B C5     1 
ATOM 757  C C6     . G B 1 1  ? 5.341   26.576  11.994  1.00 0.00 ? 1  G B C6     1 
ATOM 758  O O6     . G B 1 1  ? 5.992   26.470  10.956  1.00 0.00 ? 1  G B O6     1 
ATOM 759  N N1     . G B 1 1  ? 4.255   27.430  11.965  1.00 0.00 ? 1  G B N1     1 
ATOM 760  C C2     . G B 1 1  ? 3.478   27.717  13.048  1.00 0.00 ? 1  G B C2     1 
ATOM 761  N N2     . G B 1 1  ? 2.466   28.532  12.874  1.00 0.00 ? 1  G B N2     1 
ATOM 762  N N3     . G B 1 1  ? 3.664   27.216  14.266  1.00 0.00 ? 1  G B N3     1 
ATOM 763  C C4     . G B 1 1  ? 4.704   26.333  14.314  1.00 0.00 ? 1  G B C4     1 
ATOM 764  H "H5'"  . G B 1 1  ? 6.884   23.584  19.256  1.00 0.00 ? 1  G B "H5'"  1 
ATOM 765  H "H5''" . G B 1 1  ? 5.626   22.332  19.284  1.00 0.00 ? 1  G B "H5''" 1 
ATOM 766  H "H4'"  . G B 1 1  ? 4.589   24.514  19.319  1.00 0.00 ? 1  G B "H4'"  1 
ATOM 767  H "H3'"  . G B 1 1  ? 4.256   23.142  16.618  1.00 0.00 ? 1  G B "H3'"  1 
ATOM 768  H "H2'"  . G B 1 1  ? 2.734   24.945  16.117  1.00 0.00 ? 1  G B "H2'"  1 
ATOM 769  H "HO2'" . G B 1 1  ? 2.190   24.921  18.555  1.00 0.00 ? 1  G B "HO2'" 1 
ATOM 770  H "H1'"  . G B 1 1  ? 4.350   26.861  16.922  1.00 0.00 ? 1  G B "H1'"  1 
ATOM 771  H H8     . G B 1 1  ? 6.697   24.198  15.649  1.00 0.00 ? 1  G B H8     1 
ATOM 772  H H1     . G B 1 1  ? 4.073   27.874  11.071  1.00 0.00 ? 1  G B H1     1 
ATOM 773  H H21    . G B 1 1  ? 2.234   28.898  11.943  1.00 0.00 ? 1  G B H21    1 
ATOM 774  H H22    . G B 1 1  ? 1.906   28.710  13.685  1.00 0.00 ? 1  G B H22    1 
ATOM 775  H "HO5'" . G B 1 1  ? 7.290   21.897  17.733  1.00 0.00 ? 1  G B "HO5'" 1 
ATOM 776  P P      . G B 1 2  ? 1.894   21.984  17.350  1.00 0.00 ? 2  G B P      1 
ATOM 777  O OP1    . G B 1 2  ? 1.027   21.242  18.288  1.00 0.00 ? 2  G B OP1    1 
ATOM 778  O OP2    . G B 1 2  ? 2.709   21.132  16.462  1.00 0.00 ? 2  G B OP2    1 
ATOM 779  O "O5'"  . G B 1 2  ? 0.998   22.953  16.451  1.00 0.00 ? 2  G B "O5'"  1 
ATOM 780  C "C5'"  . G B 1 2  ? 0.023   23.804  17.026  1.00 0.00 ? 2  G B "C5'"  1 
ATOM 781  C "C4'"  . G B 1 2  ? -0.614  24.693  15.955  1.00 0.00 ? 2  G B "C4'"  1 
ATOM 782  O "O4'"  . G B 1 2  ? 0.330   25.553  15.325  1.00 0.00 ? 2  G B "O4'"  1 
ATOM 783  C "C3'"  . G B 1 2  ? -1.251  23.872  14.843  1.00 0.00 ? 2  G B "C3'"  1 
ATOM 784  O "O3'"  . G B 1 2  ? -2.541  23.430  15.237  1.00 0.00 ? 2  G B "O3'"  1 
ATOM 785  C "C2'"  . G B 1 2  ? -1.322  24.926  13.742  1.00 0.00 ? 2  G B "C2'"  1 
ATOM 786  O "O2'"  . G B 1 2  ? -2.439  25.763  13.975  1.00 0.00 ? 2  G B "O2'"  1 
ATOM 787  C "C1'"  . G B 1 2  ? -0.037  25.722  13.957  1.00 0.00 ? 2  G B "C1'"  1 
ATOM 788  N N9     . G B 1 2  ? 1.036   25.227  13.061  1.00 0.00 ? 2  G B N9     1 
ATOM 789  C C8     . G B 1 2  ? 2.123   24.446  13.368  1.00 0.00 ? 2  G B C8     1 
ATOM 790  N N7     . G B 1 2  ? 2.888   24.175  12.348  1.00 0.00 ? 2  G B N7     1 
ATOM 791  C C5     . G B 1 2  ? 2.296   24.864  11.286  1.00 0.00 ? 2  G B C5     1 
ATOM 792  C C6     . G B 1 2  ? 2.704   25.037  9.917   1.00 0.00 ? 2  G B C6     1 
ATOM 793  O O6     . G B 1 2  ? 3.671   24.571  9.323   1.00 0.00 ? 2  G B O6     1 
ATOM 794  N N1     . G B 1 2  ? 1.875   25.878  9.200   1.00 0.00 ? 2  G B N1     1 
ATOM 795  C C2     . G B 1 2  ? 0.759   26.463  9.710   1.00 0.00 ? 2  G B C2     1 
ATOM 796  N N2     . G B 1 2  ? 0.075   27.237  8.897   1.00 0.00 ? 2  G B N2     1 
ATOM 797  N N3     . G B 1 2  ? 0.337   26.312  10.969  1.00 0.00 ? 2  G B N3     1 
ATOM 798  C C4     . G B 1 2  ? 1.158   25.512  11.718  1.00 0.00 ? 2  G B C4     1 
ATOM 799  H "H5'"  . G B 1 2  ? 0.458   24.433  17.796  1.00 0.00 ? 2  G B "H5'"  1 
ATOM 800  H "H5''" . G B 1 2  ? -0.757  23.192  17.483  1.00 0.00 ? 2  G B "H5''" 1 
ATOM 801  H "H4'"  . G B 1 2  ? -1.386  25.308  16.417  1.00 0.00 ? 2  G B "H4'"  1 
ATOM 802  H "H3'"  . G B 1 2  ? -0.595  23.053  14.545  1.00 0.00 ? 2  G B "H3'"  1 
ATOM 803  H "H2'"  . G B 1 2  ? -1.359  24.474  12.753  1.00 0.00 ? 2  G B "H2'"  1 
ATOM 804  H "HO2'" . G B 1 2  ? -3.077  25.202  14.436  1.00 0.00 ? 2  G B "HO2'" 1 
ATOM 805  H "H1'"  . G B 1 2  ? -0.231  26.770  13.726  1.00 0.00 ? 2  G B "H1'"  1 
ATOM 806  H H8     . G B 1 2  ? 2.347   24.111  14.376  1.00 0.00 ? 2  G B H8     1 
ATOM 807  H H1     . G B 1 2  ? 2.176   26.135  8.268   1.00 0.00 ? 2  G B H1     1 
ATOM 808  H H21    . G B 1 2  ? 0.383   27.430  7.938   1.00 0.00 ? 2  G B H21    1 
ATOM 809  H H22    . G B 1 2  ? -0.730  27.678  9.301   1.00 0.00 ? 2  G B H22    1 
ATOM 810  P P      . C B 1 3  ? -3.151  22.072  14.666  1.00 0.00 ? 3  C B P      1 
ATOM 811  O OP1    . C B 1 3  ? -4.432  21.809  15.351  1.00 0.00 ? 3  C B OP1    1 
ATOM 812  O OP2    . C B 1 3  ? -2.140  21.004  14.810  1.00 0.00 ? 3  C B OP2    1 
ATOM 813  O "O5'"  . C B 1 3  ? -3.409  22.385  13.127  1.00 0.00 ? 3  C B "O5'"  1 
ATOM 814  C "C5'"  . C B 1 3  ? -4.464  23.244  12.731  1.00 0.00 ? 3  C B "C5'"  1 
ATOM 815  C "C4'"  . C B 1 3  ? -4.357  23.570  11.243  1.00 0.00 ? 3  C B "C4'"  1 
ATOM 816  O "O4'"  . C B 1 3  ? -3.142  24.254  10.957  1.00 0.00 ? 3  C B "O4'"  1 
ATOM 817  C "C3'"  . C B 1 3  ? -4.361  22.348  10.340  1.00 0.00 ? 3  C B "C3'"  1 
ATOM 818  O "O3'"  . C B 1 3  ? -5.658  21.789  10.204  1.00 0.00 ? 3  C B "O3'"  1 
ATOM 819  C "C2'"  . C B 1 3  ? -3.737  22.927  9.071   1.00 0.00 ? 3  C B "C2'"  1 
ATOM 820  O "O2'"  . C B 1 3  ? -4.628  23.669  8.254   1.00 0.00 ? 3  C B "O2'"  1 
ATOM 821  C "C1'"  . C B 1 3  ? -2.712  23.904  9.647   1.00 0.00 ? 3  C B "C1'"  1 
ATOM 822  N N1     . C B 1 3  ? -1.356  23.281  9.642   1.00 0.00 ? 3  C B N1     1 
ATOM 823  C C2     . C B 1 3  ? -0.597  23.385  8.472   1.00 0.00 ? 3  C B C2     1 
ATOM 824  O O2     . C B 1 3  ? -1.005  24.015  7.499   1.00 0.00 ? 3  C B O2     1 
ATOM 825  N N3     . C B 1 3  ? 0.618   22.792  8.393   1.00 0.00 ? 3  C B N3     1 
ATOM 826  C C4     . C B 1 3  ? 1.083   22.107  9.430   1.00 0.00 ? 3  C B C4     1 
ATOM 827  N N4     . C B 1 3  ? 2.280   21.573  9.317   1.00 0.00 ? 3  C B N4     1 
ATOM 828  C C5     . C B 1 3  ? 0.346   21.971  10.645  1.00 0.00 ? 3  C B C5     1 
ATOM 829  C C6     . C B 1 3  ? -0.872  22.563  10.710  1.00 0.00 ? 3  C B C6     1 
ATOM 830  H "H5'"  . C B 1 3  ? -4.429  24.174  13.295  1.00 0.00 ? 3  C B "H5'"  1 
ATOM 831  H "H5''" . C B 1 3  ? -5.420  22.754  12.924  1.00 0.00 ? 3  C B "H5''" 1 
ATOM 832  H "H4'"  . C B 1 3  ? -5.194  24.206  10.949  1.00 0.00 ? 3  C B "H4'"  1 
ATOM 833  H "H3'"  . C B 1 3  ? -3.677  21.608  10.759  1.00 0.00 ? 3  C B "H3'"  1 
ATOM 834  H "H2'"  . C B 1 3  ? -3.251  22.149  8.493   1.00 0.00 ? 3  C B "H2'"  1 
ATOM 835  H "HO2'" . C B 1 3  ? -4.791  23.153  7.444   1.00 0.00 ? 3  C B "HO2'" 1 
ATOM 836  H "H1'"  . C B 1 3  ? -2.698  24.798  9.017   1.00 0.00 ? 3  C B "H1'"  1 
ATOM 837  H H41    . C B 1 3  ? 2.789   21.780  8.456   1.00 0.00 ? 3  C B H41    1 
ATOM 838  H H42    . C B 1 3  ? 2.728   21.164  10.112  1.00 0.00 ? 3  C B H42    1 
ATOM 839  H H5     . C B 1 3  ? 0.724   21.419  11.491  1.00 0.00 ? 3  C B H5     1 
ATOM 840  H H6     . C B 1 3  ? -1.471  22.471  11.607  1.00 0.00 ? 3  C B H6     1 
ATOM 841  P P      . A B 1 4  ? -5.855  20.304  9.663   1.00 0.00 ? 4  A B P      1 
ATOM 842  O OP1    . A B 1 4  ? -7.221  19.826  9.959   1.00 0.00 ? 4  A B OP1    1 
ATOM 843  O OP2    . A B 1 4  ? -4.771  19.437  10.169  1.00 0.00 ? 4  A B OP2    1 
ATOM 844  O "O5'"  . A B 1 4  ? -5.682  20.485  8.094   1.00 0.00 ? 4  A B "O5'"  1 
ATOM 845  C "C5'"  . A B 1 4  ? -6.598  21.269  7.354   1.00 0.00 ? 4  A B "C5'"  1 
ATOM 846  C "C4'"  . A B 1 4  ? -6.061  21.474  5.937   1.00 0.00 ? 4  A B "C4'"  1 
ATOM 847  O "O4'"  . A B 1 4  ? -4.815  22.170  5.974   1.00 0.00 ? 4  A B "O4'"  1 
ATOM 848  C "C3'"  . A B 1 4  ? -5.801  20.175  5.188   1.00 0.00 ? 4  A B "C3'"  1 
ATOM 849  O "O3'"  . A B 1 4  ? -7.021  19.622  4.721   1.00 0.00 ? 4  A B "O3'"  1 
ATOM 850  C "C2'"  . A B 1 4  ? -4.807  20.668  4.132   1.00 0.00 ? 4  A B "C2'"  1 
ATOM 851  O "O2'"  . A B 1 4  ? -5.373  21.364  3.037   1.00 0.00 ? 4  A B "O2'"  1 
ATOM 852  C "C1'"  . A B 1 4  ? -3.973  21.653  4.945   1.00 0.00 ? 4  A B "C1'"  1 
ATOM 853  N N9     . A B 1 4  ? -2.783  20.970  5.514   1.00 0.00 ? 4  A B N9     1 
ATOM 854  C C8     . A B 1 4  ? -2.611  20.407  6.757   1.00 0.00 ? 4  A B C8     1 
ATOM 855  N N7     . A B 1 4  ? -1.392  20.021  7.010   1.00 0.00 ? 4  A B N7     1 
ATOM 856  C C5     . A B 1 4  ? -0.728  20.265  5.804   1.00 0.00 ? 4  A B C5     1 
ATOM 857  C C6     . A B 1 4  ? 0.592   20.054  5.350   1.00 0.00 ? 4  A B C6     1 
ATOM 858  N N6     . A B 1 4  ? 1.549   19.599  6.140   1.00 0.00 ? 4  A B N6     1 
ATOM 859  N N1     . A B 1 4  ? 0.928   20.305  4.074   1.00 0.00 ? 4  A B N1     1 
ATOM 860  C C2     . A B 1 4  ? -0.020  20.792  3.273   1.00 0.00 ? 4  A B C2     1 
ATOM 861  N N3     . A B 1 4  ? -1.283  21.085  3.575   1.00 0.00 ? 4  A B N3     1 
ATOM 862  C C4     . A B 1 4  ? -1.579  20.792  4.872   1.00 0.00 ? 4  A B C4     1 
ATOM 863  H "H5'"  . A B 1 4  ? -6.746  22.239  7.830   1.00 0.00 ? 4  A B "H5'"  1 
ATOM 864  H "H5''" . A B 1 4  ? -7.557  20.752  7.306   1.00 0.00 ? 4  A B "H5''" 1 
ATOM 865  H "H4'"  . A B 1 4  ? -6.777  22.060  5.358   1.00 0.00 ? 4  A B "H4'"  1 
ATOM 866  H "H3'"  . A B 1 4  ? -5.282  19.462  5.830   1.00 0.00 ? 4  A B "H3'"  1 
ATOM 867  H "H2'"  . A B 1 4  ? -4.187  19.859  3.770   1.00 0.00 ? 4  A B "H2'"  1 
ATOM 868  H "HO2'" . A B 1 4  ? -5.235  20.808  2.253   1.00 0.00 ? 4  A B "HO2'" 1 
ATOM 869  H "H1'"  . A B 1 4  ? -3.632  22.454  4.285   1.00 0.00 ? 4  A B "H1'"  1 
ATOM 870  H H8     . A B 1 4  ? -3.404  20.320  7.481   1.00 0.00 ? 4  A B H8     1 
ATOM 871  H H61    . A B 1 4  ? 2.503   19.494  5.785   1.00 0.00 ? 4  A B H61    1 
ATOM 872  H H62    . A B 1 4  ? 1.332   19.464  7.112   1.00 0.00 ? 4  A B H62    1 
ATOM 873  H H2     . A B 1 4  ? 0.249   20.961  2.239   1.00 0.00 ? 4  A B H2     1 
ATOM 874  P P      . A B 1 5  ? -7.112  18.092  4.292   1.00 0.00 ? 5  A B P      1 
ATOM 875  O OP1    . A B 1 5  ? -8.515  17.675  4.096   1.00 0.00 ? 5  A B OP1    1 
ATOM 876  O OP2    . A B 1 5  ? -6.337  17.257  5.232   1.00 0.00 ? 5  A B OP2    1 
ATOM 877  O "O5'"  . A B 1 5  ? -6.369  18.083  2.897   1.00 0.00 ? 5  A B "O5'"  1 
ATOM 878  C "C5'"  . A B 1 5  ? -6.872  18.802  1.789   1.00 0.00 ? 5  A B "C5'"  1 
ATOM 879  C "C4'"  . A B 1 5  ? -5.800  18.776  0.699   1.00 0.00 ? 5  A B "C4'"  1 
ATOM 880  O "O4'"  . A B 1 5  ? -4.608  19.400  1.182   1.00 0.00 ? 5  A B "O4'"  1 
ATOM 881  C "C3'"  . A B 1 5  ? -5.446  17.345  0.313   1.00 0.00 ? 5  A B "C3'"  1 
ATOM 882  O "O3'"  . A B 1 5  ? -6.401  16.860  -0.628  1.00 0.00 ? 5  A B "O3'"  1 
ATOM 883  C "C2'"  . A B 1 5  ? -4.008  17.551  -0.179  1.00 0.00 ? 5  A B "C2'"  1 
ATOM 884  O "O2'"  . A B 1 5  ? -3.913  17.977  -1.527  1.00 0.00 ? 5  A B "O2'"  1 
ATOM 885  C "C1'"  . A B 1 5  ? -3.475  18.660  0.733   1.00 0.00 ? 5  A B "C1'"  1 
ATOM 886  N N9     . A B 1 5  ? -2.668  18.108  1.859   1.00 0.00 ? 5  A B N9     1 
ATOM 887  C C8     . A B 1 5  ? -3.040  17.761  3.141   1.00 0.00 ? 5  A B C8     1 
ATOM 888  N N7     . A B 1 5  ? -2.048  17.407  3.911   1.00 0.00 ? 5  A B N7     1 
ATOM 889  C C5     . A B 1 5  ? -0.936  17.457  3.064   1.00 0.00 ? 5  A B C5     1 
ATOM 890  C C6     . A B 1 5  ? 0.439   17.135  3.204   1.00 0.00 ? 5  A B C6     1 
ATOM 891  N N6     . A B 1 5  ? 0.977   16.666  4.320   1.00 0.00 ? 5  A B N6     1 
ATOM 892  N N1     . A B 1 5  ? 1.273   17.239  2.160   1.00 0.00 ? 5  A B N1     1 
ATOM 893  C C2     . A B 1 5  ? 0.764   17.663  1.002   1.00 0.00 ? 5  A B C2     1 
ATOM 894  N N3     . A B 1 5  ? -0.498  17.989  0.728   1.00 0.00 ? 5  A B N3     1 
ATOM 895  C C4     . A B 1 5  ? -1.311  17.865  1.812   1.00 0.00 ? 5  A B C4     1 
ATOM 896  H "H5'"  . A B 1 5  ? -7.104  19.831  2.062   1.00 0.00 ? 5  A B "H5'"  1 
ATOM 897  H "H5''" . A B 1 5  ? -7.779  18.321  1.422   1.00 0.00 ? 5  A B "H5''" 1 
ATOM 898  H "H4'"  . A B 1 5  ? -6.149  19.301  -0.191  1.00 0.00 ? 5  A B "H4'"  1 
ATOM 899  H "H3'"  . A B 1 5  ? -5.420  16.712  1.199   1.00 0.00 ? 5  A B "H3'"  1 
ATOM 900  H "H2'"  . A B 1 5  ? -3.426  16.652  -0.042  1.00 0.00 ? 5  A B "H2'"  1 
ATOM 901  H "HO2'" . A B 1 5  ? -3.655  17.201  -2.047  1.00 0.00 ? 5  A B "HO2'" 1 
ATOM 902  H "H1'"  . A B 1 5  ? -2.814  19.307  0.149   1.00 0.00 ? 5  A B "H1'"  1 
ATOM 903  H H8     . A B 1 5  ? -4.055  17.813  3.514   1.00 0.00 ? 5  A B H8     1 
ATOM 904  H H61    . A B 1 5  ? 1.962   16.402  4.354   1.00 0.00 ? 5  A B H61    1 
ATOM 905  H H62    . A B 1 5  ? 0.356   16.498  5.093   1.00 0.00 ? 5  A B H62    1 
ATOM 906  H H2     . A B 1 5  ? 1.442   17.730  0.162   1.00 0.00 ? 5  A B H2     1 
ATOM 907  P P      . U B 1 6  ? -6.714  15.299  -0.782  1.00 0.00 ? 6  U B P      1 
ATOM 908  O OP1    . U B 1 6  ? -7.859  15.114  -1.699  1.00 0.00 ? 6  U B OP1    1 
ATOM 909  O OP2    . U B 1 6  ? -6.878  14.689  0.554   1.00 0.00 ? 6  U B OP2    1 
ATOM 910  O "O5'"  . U B 1 6  ? -5.395  14.748  -1.463  1.00 0.00 ? 6  U B "O5'"  1 
ATOM 911  C "C5'"  . U B 1 6  ? -5.102  15.007  -2.816  1.00 0.00 ? 6  U B "C5'"  1 
ATOM 912  C "C4'"  . U B 1 6  ? -3.650  14.619  -3.083  1.00 0.00 ? 6  U B "C4'"  1 
ATOM 913  O "O4'"  . U B 1 6  ? -2.844  15.492  -2.281  1.00 0.00 ? 6  U B "O4'"  1 
ATOM 914  C "C3'"  . U B 1 6  ? -3.179  13.190  -2.752  1.00 0.00 ? 6  U B "C3'"  1 
ATOM 915  O "O3'"  . U B 1 6  ? -3.366  12.176  -3.741  1.00 0.00 ? 6  U B "O3'"  1 
ATOM 916  C "C2'"  . U B 1 6  ? -1.689  13.510  -2.624  1.00 0.00 ? 6  U B "C2'"  1 
ATOM 917  O "O2'"  . U B 1 6  ? -1.127  13.768  -3.904  1.00 0.00 ? 6  U B "O2'"  1 
ATOM 918  C "C1'"  . U B 1 6  ? -1.650  14.821  -1.886  1.00 0.00 ? 6  U B "C1'"  1 
ATOM 919  N N1     . U B 1 6  ? -1.574  14.590  -0.413  1.00 0.00 ? 6  U B N1     1 
ATOM 920  C C2     . U B 1 6  ? -0.315  14.513  0.192   1.00 0.00 ? 6  U B C2     1 
ATOM 921  O O2     . U B 1 6  ? 0.744   14.488  -0.436  1.00 0.00 ? 6  U B O2     1 
ATOM 922  N N3     . U B 1 6  ? -0.297  14.413  1.571   1.00 0.00 ? 6  U B N3     1 
ATOM 923  C C4     . U B 1 6  ? -1.396  14.346  2.395   1.00 0.00 ? 6  U B C4     1 
ATOM 924  O O4     . U B 1 6  ? -1.249  14.293  3.607   1.00 0.00 ? 6  U B O4     1 
ATOM 925  C C5     . U B 1 6  ? -2.653  14.287  1.688   1.00 0.00 ? 6  U B C5     1 
ATOM 926  C C6     . U B 1 6  ? -2.706  14.389  0.342   1.00 0.00 ? 6  U B C6     1 
ATOM 927  H "H5'"  . U B 1 6  ? -5.244  16.066  -3.039  1.00 0.00 ? 6  U B "H5'"  1 
ATOM 928  H "H5''" . U B 1 6  ? -5.763  14.417  -3.452  1.00 0.00 ? 6  U B "H5''" 1 
ATOM 929  H "H4'"  . U B 1 6  ? -3.434  14.814  -4.134  1.00 0.00 ? 6  U B "H4'"  1 
ATOM 930  H "H3'"  . U B 1 6  ? -3.582  12.895  -1.776  1.00 0.00 ? 6  U B "H3'"  1 
ATOM 931  H "H2'"  . U B 1 6  ? -1.129  12.760  -2.099  1.00 0.00 ? 6  U B "H2'"  1 
ATOM 932  H "HO2'" . U B 1 6  ? -1.598  13.204  -4.530  1.00 0.00 ? 6  U B "HO2'" 1 
ATOM 933  H "H1'"  . U B 1 6  ? -0.749  15.327  -2.197  1.00 0.00 ? 6  U B "H1'"  1 
ATOM 934  H H3     . U B 1 6  ? 0.597   14.253  2.024   1.00 0.00 ? 6  U B H3     1 
ATOM 935  H H5     . U B 1 6  ? -3.571  14.119  2.223   1.00 0.00 ? 6  U B H5     1 
ATOM 936  H H6     . U B 1 6  ? -3.669  14.324  -0.123  1.00 0.00 ? 6  U B H6     1 
ATOM 937  P P      . G B 1 7  ? -3.334  10.583  -3.381  1.00 0.00 ? 7  G B P      1 
ATOM 938  O OP1    . G B 1 7  ? -3.604  9.807   -4.610  1.00 0.00 ? 7  G B OP1    1 
ATOM 939  O OP2    . G B 1 7  ? -4.209  10.362  -2.208  1.00 0.00 ? 7  G B OP2    1 
ATOM 940  O "O5'"  . G B 1 7  ? -1.848  10.244  -2.865  1.00 0.00 ? 7  G B "O5'"  1 
ATOM 941  C "C5'"  . G B 1 7  ? -0.687  10.537  -3.621  1.00 0.00 ? 7  G B "C5'"  1 
ATOM 942  C "C4'"  . G B 1 7  ? 0.611   10.389  -2.809  1.00 0.00 ? 7  G B "C4'"  1 
ATOM 943  O "O4'"  . G B 1 7  ? 0.437   11.215  -1.656  1.00 0.00 ? 7  G B "O4'"  1 
ATOM 944  C "C3'"  . G B 1 7  ? 0.939   9.007   -2.256  1.00 0.00 ? 7  G B "C3'"  1 
ATOM 945  O "O3'"  . G B 1 7  ? 2.355   9.078   -2.310  1.00 0.00 ? 7  G B "O3'"  1 
ATOM 946  C "C2'"  . G B 1 7  ? 0.383   9.030   -0.833  1.00 0.00 ? 7  G B "C2'"  1 
ATOM 947  O "O2'"  . G B 1 7  ? 1.119   8.115   -0.037  1.00 0.00 ? 7  G B "O2'"  1 
ATOM 948  C "C1'"  . G B 1 7  ? 0.621   10.488  -0.447  1.00 0.00 ? 7  G B "C1'"  1 
ATOM 949  N N9     . G B 1 7  ? -0.488  10.923  0.454   1.00 0.00 ? 7  G B N9     1 
ATOM 950  C C8     . G B 1 7  ? -1.774  11.199  0.076   1.00 0.00 ? 7  G B C8     1 
ATOM 951  N N7     . G B 1 7  ? -2.655  11.179  1.035   1.00 0.00 ? 7  G B N7     1 
ATOM 952  C C5     . G B 1 7  ? -1.851  11.145  2.178   1.00 0.00 ? 7  G B C5     1 
ATOM 953  C C6     . G B 1 7  ? -2.185  11.323  3.565   1.00 0.00 ? 7  G B C6     1 
ATOM 954  O O6     . G B 1 7  ? -3.291  11.368  4.097   1.00 0.00 ? 7  G B O6     1 
ATOM 955  N N1     . G B 1 7  ? -1.079  11.512  4.375   1.00 0.00 ? 7  G B N1     1 
ATOM 956  C C2     . G B 1 7  ? 0.208   11.509  3.914   1.00 0.00 ? 7  G B C2     1 
ATOM 957  N N2     . G B 1 7  ? 1.171   11.660  4.799   1.00 0.00 ? 7  G B N2     1 
ATOM 958  N N3     . G B 1 7  ? 0.543   11.148  2.668   1.00 0.00 ? 7  G B N3     1 
ATOM 959  C C4     . G B 1 7  ? -0.518  11.057  1.824   1.00 0.00 ? 7  G B C4     1 
ATOM 960  H "H5'"  . G B 1 7  ? -0.725  11.521  -4.055  1.00 0.00 ? 7  G B "H5'"  1 
ATOM 961  H "H5''" . G B 1 7  ? -0.643  9.837   -4.457  1.00 0.00 ? 7  G B "H5''" 1 
ATOM 962  H "H4'"  . G B 1 7  ? 1.436   10.760  -3.420  1.00 0.00 ? 7  G B "H4'"  1 
ATOM 963  H "H3'"  . G B 1 7  ? 0.535   8.144   -2.798  1.00 0.00 ? 7  G B "H3'"  1 
ATOM 964  H "H2'"  . G B 1 7  ? -0.681  8.785   -0.858  1.00 0.00 ? 7  G B "H2'"  1 
ATOM 965  H "HO2'" . G B 1 7  ? 1.754   7.690   -0.653  1.00 0.00 ? 7  G B "HO2'" 1 
ATOM 966  H "H1'"  . G B 1 7  ? 1.613   10.611  -0.014  1.00 0.00 ? 7  G B "H1'"  1 
ATOM 967  H H8     . G B 1 7  ? -2.027  11.400  -0.949  1.00 0.00 ? 7  G B H8     1 
ATOM 968  H H1     . G B 1 7  ? -1.282  11.789  5.314   1.00 0.00 ? 7  G B H1     1 
ATOM 969  H H21    . G B 1 7  ? 0.996   11.929  5.746   1.00 0.00 ? 7  G B H21    1 
ATOM 970  H H22    . G B 1 7  ? 2.115   11.623  4.416   1.00 0.00 ? 7  G B H22    1 
ATOM 971  P P      . A B 1 8  ? 3.169   7.848   -2.840  1.00 0.00 ? 8  A B P      1 
ATOM 972  O OP1    . A B 1 8  ? 4.623   8.082   -2.787  1.00 0.00 ? 8  A B OP1    1 
ATOM 973  O OP2    . A B 1 8  ? 2.630   7.439   -4.148  1.00 0.00 ? 8  A B OP2    1 
ATOM 974  O "O5'"  . A B 1 8  ? 2.792   6.741   -1.778  1.00 0.00 ? 8  A B "O5'"  1 
ATOM 975  C "C5'"  . A B 1 8  ? 3.720   6.313   -0.817  1.00 0.00 ? 8  A B "C5'"  1 
ATOM 976  C "C4'"  . A B 1 8  ? 3.145   5.055   -0.198  1.00 0.00 ? 8  A B "C4'"  1 
ATOM 977  O "O4'"  . A B 1 8  ? 1.976   5.282   0.574   1.00 0.00 ? 8  A B "O4'"  1 
ATOM 978  C "C3'"  . A B 1 8  ? 2.842   3.989   -1.248  1.00 0.00 ? 8  A B "C3'"  1 
ATOM 979  O "O3'"  . A B 1 8  ? 4.011   3.283   -1.677  1.00 0.00 ? 8  A B "O3'"  1 
ATOM 980  C "C2'"  . A B 1 8  ? 1.996   3.140   -0.271  1.00 0.00 ? 8  A B "C2'"  1 
ATOM 981  O "O2'"  . A B 1 8  ? 2.850   2.374   0.569   1.00 0.00 ? 8  A B "O2'"  1 
ATOM 982  C "C1'"  . A B 1 8  ? 1.169   4.117   0.593   1.00 0.00 ? 8  A B "C1'"  1 
ATOM 983  N N9     . A B 1 8  ? -0.211  4.555   0.205   1.00 0.00 ? 8  A B N9     1 
ATOM 984  C C8     . A B 1 8  ? -0.578  5.523   -0.703  1.00 0.00 ? 8  A B C8     1 
ATOM 985  N N7     . A B 1 8  ? -1.841  5.869   -0.673  1.00 0.00 ? 8  A B N7     1 
ATOM 986  C C5     . A B 1 8  ? -2.353  5.104   0.373   1.00 0.00 ? 8  A B C5     1 
ATOM 987  C C6     . A B 1 8  ? -3.595  5.062   1.051   1.00 0.00 ? 8  A B C6     1 
ATOM 988  N N6     . A B 1 8  ? -4.724  5.637   0.683   1.00 0.00 ? 8  A B N6     1 
ATOM 989  N N1     . A B 1 8  ? -3.709  4.463   2.236   1.00 0.00 ? 8  A B N1     1 
ATOM 990  C C2     . A B 1 8  ? -2.664  3.791   2.701   1.00 0.00 ? 8  A B C2     1 
ATOM 991  N N3     . A B 1 8  ? -1.478  3.646   2.102   1.00 0.00 ? 8  A B N3     1 
ATOM 992  C C4     . A B 1 8  ? -1.368  4.332   0.929   1.00 0.00 ? 8  A B C4     1 
ATOM 993  H "H5'"  . A B 1 8  ? 3.881   7.080   -0.057  1.00 0.00 ? 8  A B "H5'"  1 
ATOM 994  H "H5''" . A B 1 8  ? 4.671   6.066   -1.293  1.00 0.00 ? 8  A B "H5''" 1 
ATOM 995  H "H4'"  . A B 1 8  ? 3.920   4.657   0.445   1.00 0.00 ? 8  A B "H4'"  1 
ATOM 996  H "H3'"  . A B 1 8  ? 2.226   4.369   -2.066  1.00 0.00 ? 8  A B "H3'"  1 
ATOM 997  H "H2'"  . A B 1 8  ? 1.384   2.434   -0.769  1.00 0.00 ? 8  A B "H2'"  1 
ATOM 998  H "HO2'" . A B 1 8  ? 3.490   1.940   -0.009  1.00 0.00 ? 8  A B "HO2'" 1 
ATOM 999  H "H1'"  . A B 1 8  ? 1.103   3.690   1.614   1.00 0.00 ? 8  A B "H1'"  1 
ATOM 1000 H H8     . A B 1 8  ? 0.132   5.970   -1.386  1.00 0.00 ? 8  A B H8     1 
ATOM 1001 H H61    . A B 1 8  ? -5.427  5.496   1.384   1.00 0.00 ? 8  A B H61    1 
ATOM 1002 H H62    . A B 1 8  ? -4.917  5.796   -0.315  1.00 0.00 ? 8  A B H62    1 
ATOM 1003 H H2     . A B 1 8  ? -2.758  3.429   3.725   1.00 0.00 ? 8  A B H2     1 
ATOM 1004 P P      . A B 1 9  ? 4.297   3.035   -3.252  1.00 0.00 ? 9  A B P      1 
ATOM 1005 O OP1    . A B 1 9  ? 5.515   2.202   -3.294  1.00 0.00 ? 9  A B OP1    1 
ATOM 1006 O OP2    . A B 1 9  ? 4.375   4.378   -3.868  1.00 0.00 ? 9  A B OP2    1 
ATOM 1007 O "O5'"  . A B 1 9  ? 3.126   2.198   -3.959  1.00 0.00 ? 9  A B "O5'"  1 
ATOM 1008 C "C5'"  . A B 1 9  ? 2.846   2.450   -5.340  1.00 0.00 ? 9  A B "C5'"  1 
ATOM 1009 C "C4'"  . A B 1 9  ? 1.536   1.852   -5.874  1.00 0.00 ? 9  A B "C4'"  1 
ATOM 1010 O "O4'"  . A B 1 9  ? 1.584   0.527   -6.361  1.00 0.00 ? 9  A B "O4'"  1 
ATOM 1011 C "C3'"  . A B 1 9  ? 0.455   1.904   -4.814  1.00 0.00 ? 9  A B "C3'"  1 
ATOM 1012 O "O3'"  . A B 1 9  ? 0.064   3.258   -4.791  1.00 0.00 ? 9  A B "O3'"  1 
ATOM 1013 C "C2'"  . A B 1 9  ? -0.572  0.933   -5.382  1.00 0.00 ? 9  A B "C2'"  1 
ATOM 1014 O "O2'"  . A B 1 9  ? -1.494  1.466   -6.318  1.00 0.00 ? 9  A B "O2'"  1 
ATOM 1015 C "C1'"  . A B 1 9  ? 0.318   -0.068  -6.097  1.00 0.00 ? 9  A B "C1'"  1 
ATOM 1016 N N9     . A B 1 9  ? 0.491   -1.372  -5.452  1.00 0.00 ? 9  A B N9     1 
ATOM 1017 C C8     . A B 1 9  ? 1.610   -2.114  -5.501  1.00 0.00 ? 9  A B C8     1 
ATOM 1018 N N7     . A B 1 9  ? 1.479   -3.398  -5.441  1.00 0.00 ? 9  A B N7     1 
ATOM 1019 C C5     . A B 1 9  ? 0.158   -3.498  -5.107  1.00 0.00 ? 9  A B C5     1 
ATOM 1020 C C6     . A B 1 9  ? -0.630  -4.583  -4.731  1.00 0.00 ? 9  A B C6     1 
ATOM 1021 N N6     . A B 1 9  ? -0.259  -5.837  -4.678  1.00 0.00 ? 9  A B N6     1 
ATOM 1022 N N1     . A B 1 9  ? -1.865  -4.382  -4.374  1.00 0.00 ? 9  A B N1     1 
ATOM 1023 C C2     . A B 1 9  ? -2.317  -3.142  -4.390  1.00 0.00 ? 9  A B C2     1 
ATOM 1024 N N3     . A B 1 9  ? -1.733  -2.019  -4.754  1.00 0.00 ? 9  A B N3     1 
ATOM 1025 C C4     . A B 1 9  ? -0.458  -2.273  -5.090  1.00 0.00 ? 9  A B C4     1 
ATOM 1026 H "H5'"  . A B 1 9  ? 3.676   2.102   -5.955  1.00 0.00 ? 9  A B "H5'"  1 
ATOM 1027 H "H5''" . A B 1 9  ? 2.756   3.529   -5.477  1.00 0.00 ? 9  A B "H5''" 1 
ATOM 1028 H "H4'"  . A B 1 9  ? 1.204   2.475   -6.706  1.00 0.00 ? 9  A B "H4'"  1 
ATOM 1029 H "H3'"  . A B 1 9  ? 0.829   1.542   -3.856  1.00 0.00 ? 9  A B "H3'"  1 
ATOM 1030 H "H2'"  . A B 1 9  ? -1.065  0.418   -4.562  1.00 0.00 ? 9  A B "H2'"  1 
ATOM 1031 H "HO2'" . A B 1 9  ? -2.261  1.817   -5.831  1.00 0.00 ? 9  A B "HO2'" 1 
ATOM 1032 H "H1'"  . A B 1 9  ? -0.169  -0.275  -7.046  1.00 0.00 ? 9  A B "H1'"  1 
ATOM 1033 H H8     . A B 1 9  ? 2.519   -1.631  -5.602  1.00 0.00 ? 9  A B H8     1 
ATOM 1034 H H61    . A B 1 9  ? -0.987  -6.475  -4.415  1.00 0.00 ? 9  A B H61    1 
ATOM 1035 H H62    . A B 1 9  ? 0.664   -6.144  -4.924  1.00 0.00 ? 9  A B H62    1 
ATOM 1036 H H2     . A B 1 9  ? -3.276  -3.039  -3.996  1.00 0.00 ? 9  A B H2     1 
ATOM 1037 P P      . G B 1 10 ? -0.623  3.922   -3.529  1.00 0.00 ? 10 G B P      1 
ATOM 1038 O OP1    . G B 1 10 ? -0.335  5.369   -3.589  1.00 0.00 ? 10 G B OP1    1 
ATOM 1039 O OP2    . G B 1 10 ? -0.262  3.124   -2.344  1.00 0.00 ? 10 G B OP2    1 
ATOM 1040 O "O5'"  . G B 1 10 ? -2.169  3.707   -3.827  1.00 0.00 ? 10 G B "O5'"  1 
ATOM 1041 C "C5'"  . G B 1 10 ? -2.714  4.191   -5.030  1.00 0.00 ? 10 G B "C5'"  1 
ATOM 1042 C "C4'"  . G B 1 10 ? -4.080  3.562   -5.235  1.00 0.00 ? 10 G B "C4'"  1 
ATOM 1043 O "O4'"  . G B 1 10 ? -3.947  2.141   -5.268  1.00 0.00 ? 10 G B "O4'"  1 
ATOM 1044 C "C3'"  . G B 1 10 ? -5.108  3.824   -4.142  1.00 0.00 ? 10 G B "C3'"  1 
ATOM 1045 O "O3'"  . G B 1 10 ? -5.674  5.113   -4.278  1.00 0.00 ? 10 G B "O3'"  1 
ATOM 1046 C "C2'"  . G B 1 10 ? -6.098  2.684   -4.355  1.00 0.00 ? 10 G B "C2'"  1 
ATOM 1047 O "O2'"  . G B 1 10 ? -6.953  2.838   -5.476  1.00 0.00 ? 10 G B "O2'"  1 
ATOM 1048 C "C1'"  . G B 1 10 ? -5.150  1.579   -4.754  1.00 0.00 ? 10 G B "C1'"  1 
ATOM 1049 N N9     . G B 1 10 ? -5.035  0.491   -3.794  1.00 0.00 ? 10 G B N9     1 
ATOM 1050 C C8     . G B 1 10 ? -4.211  0.368   -2.742  1.00 0.00 ? 10 G B C8     1 
ATOM 1051 N N7     . G B 1 10 ? -4.390  -0.724  -2.037  1.00 0.00 ? 10 G B N7     1 
ATOM 1052 C C5     . G B 1 10 ? -5.391  -1.409  -2.747  1.00 0.00 ? 10 G B C5     1 
ATOM 1053 C C6     . G B 1 10 ? -6.046  -2.681  -2.559  1.00 0.00 ? 10 G B C6     1 
ATOM 1054 O O6     . G B 1 10 ? -5.966  -3.484  -1.622  1.00 0.00 ? 10 G B O6     1 
ATOM 1055 N N1     . G B 1 10 ? -6.880  -3.015  -3.621  1.00 0.00 ? 10 G B N1     1 
ATOM 1056 C C2     . G B 1 10 ? -7.193  -2.173  -4.641  1.00 0.00 ? 10 G B C2     1 
ATOM 1057 N N2     . G B 1 10 ? -7.996  -2.602  -5.577  1.00 0.00 ? 10 G B N2     1 
ATOM 1058 N N3     . G B 1 10 ? -6.694  -0.956  -4.790  1.00 0.00 ? 10 G B N3     1 
ATOM 1059 C C4     . G B 1 10 ? -5.772  -0.654  -3.835  1.00 0.00 ? 10 G B C4     1 
ATOM 1060 H "H5'"  . G B 1 10 ? -2.075  3.945   -5.878  1.00 0.00 ? 10 G B "H5'"  1 
ATOM 1061 H "H5''" . G B 1 10 ? -2.811  5.276   -4.972  1.00 0.00 ? 10 G B "H5''" 1 
ATOM 1062 H "H4'"  . G B 1 10 ? -4.499  3.901   -6.182  1.00 0.00 ? 10 G B "H4'"  1 
ATOM 1063 H "H3'"  . G B 1 10 ? -4.625  3.714   -3.168  1.00 0.00 ? 10 G B "H3'"  1 
ATOM 1064 H "H2'"  . G B 1 10 ? -6.650  2.455   -3.444  1.00 0.00 ? 10 G B "H2'"  1 
ATOM 1065 H "HO2'" . G B 1 10 ? -7.873  2.667   -5.199  1.00 0.00 ? 10 G B "HO2'" 1 
ATOM 1066 H "H1'"  . G B 1 10 ? -5.648  1.062   -5.526  1.00 0.00 ? 10 G B "H1'"  1 
ATOM 1067 H H8     . G B 1 10 ? -3.529  1.181   -2.628  1.00 0.00 ? 10 G B H8     1 
ATOM 1068 H H1     . G B 1 10 ? -7.240  -3.958  -3.654  1.00 0.00 ? 10 G B H1     1 
ATOM 1069 H H21    . G B 1 10 ? -8.224  -3.603  -5.594  1.00 0.00 ? 10 G B H21    1 
ATOM 1070 H H22    . G B 1 10 ? -8.192  -1.977  -6.333  1.00 0.00 ? 10 G B H22    1 
ATOM 1071 P P      . C B 1 11 ? -6.492  5.797   -3.101  1.00 0.00 ? 11 C B P      1 
ATOM 1072 O OP1    . C B 1 11 ? -6.784  7.184   -3.516  1.00 0.00 ? 11 C B OP1    1 
ATOM 1073 O OP2    . C B 1 11 ? -5.887  5.537   -1.775  1.00 0.00 ? 11 C B OP2    1 
ATOM 1074 O "O5'"  . C B 1 11 ? -7.828  4.904   -3.151  1.00 0.00 ? 11 C B "O5'"  1 
ATOM 1075 C "C5'"  . C B 1 11 ? -8.706  4.966   -4.267  1.00 0.00 ? 11 C B "C5'"  1 
ATOM 1076 C "C4'"  . C B 1 11 ? -9.793  3.873   -4.239  1.00 0.00 ? 11 C B "C4'"  1 
ATOM 1077 O "O4'"  . C B 1 11 ? -9.453  2.517   -4.571  1.00 0.00 ? 11 C B "O4'"  1 
ATOM 1078 C "C3'"  . C B 1 11 ? -10.448 3.799   -2.877  1.00 0.00 ? 11 C B "C3'"  1 
ATOM 1079 O "O3'"  . C B 1 11 ? -11.195 4.982   -2.651  1.00 0.00 ? 11 C B "O3'"  1 
ATOM 1080 C "C2'"  . C B 1 11 ? -11.256 2.516   -3.023  1.00 0.00 ? 11 C B "C2'"  1 
ATOM 1081 O "O2'"  . C B 1 11 ? -12.452 2.794   -3.723  1.00 0.00 ? 11 C B "O2'"  1 
ATOM 1082 C "C1'"  . C B 1 11 ? -10.343 1.631   -3.863  1.00 0.00 ? 11 C B "C1'"  1 
ATOM 1083 N N1     . C B 1 11 ? -9.687  0.499   -3.130  1.00 0.00 ? 11 C B N1     1 
ATOM 1084 C C2     . C B 1 11 ? -10.178 -0.824  -3.241  1.00 0.00 ? 11 C B C2     1 
ATOM 1085 O O2     . C B 1 11 ? -11.013 -1.175  -4.075  1.00 0.00 ? 11 C B O2     1 
ATOM 1086 N N3     . C B 1 11 ? -9.727  -1.782  -2.390  1.00 0.00 ? 11 C B N3     1 
ATOM 1087 C C4     . C B 1 11 ? -8.761  -1.482  -1.544  1.00 0.00 ? 11 C B C4     1 
ATOM 1088 N N4     . C B 1 11 ? -8.392  -2.367  -0.672  1.00 0.00 ? 11 C B N4     1 
ATOM 1089 C C5     . C B 1 11 ? -8.140  -0.220  -1.481  1.00 0.00 ? 11 C B C5     1 
ATOM 1090 C C6     . C B 1 11 ? -8.659  0.741   -2.260  1.00 0.00 ? 11 C B C6     1 
ATOM 1091 H "H5'"  . C B 1 11 ? -8.157  4.915   -5.206  1.00 0.00 ? 11 C B "H5'"  1 
ATOM 1092 H "H5''" . C B 1 11 ? -9.203  5.938   -4.244  1.00 0.00 ? 11 C B "H5''" 1 
ATOM 1093 H "H4'"  . C B 1 11 ? -10.562 4.181   -4.949  1.00 0.00 ? 11 C B "H4'"  1 
ATOM 1094 H "H3'"  . C B 1 11 ? -9.677  3.643   -2.124  1.00 0.00 ? 11 C B "H3'"  1 
ATOM 1095 H "H2'"  . C B 1 11 ? -11.453 2.024   -2.082  1.00 0.00 ? 11 C B "H2'"  1 
ATOM 1096 H "HO2'" . C B 1 11 ? -12.677 3.710   -3.517  1.00 0.00 ? 11 C B "HO2'" 1 
ATOM 1097 H "H1'"  . C B 1 11 ? -11.053 1.182   -4.533  1.00 0.00 ? 11 C B "H1'"  1 
ATOM 1098 H H41    . C B 1 11 ? -8.920  -3.221  -0.515  1.00 0.00 ? 11 C B H41    1 
ATOM 1099 H H42    . C B 1 11 ? -7.755  -2.038  0.040   1.00 0.00 ? 11 C B H42    1 
ATOM 1100 H H5     . C B 1 11 ? -7.354  0.008   -0.775  1.00 0.00 ? 11 C B H5     1 
ATOM 1101 H H6     . C B 1 11 ? -8.270  1.712   -2.112  1.00 0.00 ? 11 C B H6     1 
ATOM 1102 P P      . G B 1 12 ? -11.194 5.652   -1.206  1.00 0.00 ? 12 G B P      1 
ATOM 1103 O OP1    . G B 1 12 ? -11.844 6.977   -1.176  1.00 0.00 ? 12 G B OP1    1 
ATOM 1104 O OP2    . G B 1 12 ? -9.871  5.480   -0.567  1.00 0.00 ? 12 G B OP2    1 
ATOM 1105 O "O5'"  . G B 1 12 ? -12.184 4.686   -0.456  1.00 0.00 ? 12 G B "O5'"  1 
ATOM 1106 C "C5'"  . G B 1 12 ? -13.555 4.586   -0.806  1.00 0.00 ? 12 G B "C5'"  1 
ATOM 1107 C "C4'"  . G B 1 12 ? -14.151 3.446   0.011   1.00 0.00 ? 12 G B "C4'"  1 
ATOM 1108 O "O4'"  . G B 1 12 ? -13.553 2.210   -0.362  1.00 0.00 ? 12 G B "O4'"  1 
ATOM 1109 C "C3'"  . G B 1 12 ? -13.838 3.635   1.495   1.00 0.00 ? 12 G B "C3'"  1 
ATOM 1110 O "O3'"  . G B 1 12 ? -14.707 4.516   2.192   1.00 0.00 ? 12 G B "O3'"  1 
ATOM 1111 C "C2'"  . G B 1 12 ? -13.924 2.206   1.985   1.00 0.00 ? 12 G B "C2'"  1 
ATOM 1112 O "O2'"  . G B 1 12 ? -15.284 1.811   2.086   1.00 0.00 ? 12 G B "O2'"  1 
ATOM 1113 C "C1'"  . G B 1 12 ? -13.298 1.461   0.822   1.00 0.00 ? 12 G B "C1'"  1 
ATOM 1114 N N9     . G B 1 12 ? -11.843 1.261   0.974   1.00 0.00 ? 12 G B N9     1 
ATOM 1115 C C8     . G B 1 12 ? -10.777 1.874   0.362   1.00 0.00 ? 12 G B C8     1 
ATOM 1116 N N7     . G B 1 12 ? -9.623  1.329   0.627   1.00 0.00 ? 12 G B N7     1 
ATOM 1117 C C5     . G B 1 12 ? -9.959  0.191   1.368   1.00 0.00 ? 12 G B C5     1 
ATOM 1118 C C6     . G B 1 12 ? -9.189  -0.947  1.803   1.00 0.00 ? 12 G B C6     1 
ATOM 1119 O O6     . G B 1 12 ? -7.984  -1.186  1.697   1.00 0.00 ? 12 G B O6     1 
ATOM 1120 N N1     . G B 1 12 ? -9.973  -1.934  2.361   1.00 0.00 ? 12 G B N1     1 
ATOM 1121 C C2     . G B 1 12 ? -11.302 -1.817  2.622   1.00 0.00 ? 12 G B C2     1 
ATOM 1122 N N2     . G B 1 12 ? -11.933 -2.805  3.211   1.00 0.00 ? 12 G B N2     1 
ATOM 1123 N N3     . G B 1 12 ? -12.037 -0.774  2.264   1.00 0.00 ? 12 G B N3     1 
ATOM 1124 C C4     . G B 1 12 ? -11.314 0.176   1.608   1.00 0.00 ? 12 G B C4     1 
ATOM 1125 H "H5'"  . G B 1 12 ? -13.670 4.363   -1.868  1.00 0.00 ? 12 G B "H5'"  1 
ATOM 1126 H "H5''" . G B 1 12 ? -14.075 5.516   -0.576  1.00 0.00 ? 12 G B "H5''" 1 
ATOM 1127 H "H4'"  . G B 1 12 ? -15.231 3.391   -0.135  1.00 0.00 ? 12 G B "H4'"  1 
ATOM 1128 H "H3'"  . G B 1 12 ? -12.801 3.941   1.623   1.00 0.00 ? 12 G B "H3'"  1 
ATOM 1129 H "H2'"  . G B 1 12 ? -13.383 2.044   2.917   1.00 0.00 ? 12 G B "H2'"  1 
ATOM 1130 H "HO2'" . G B 1 12 ? -15.775 2.601   2.337   1.00 0.00 ? 12 G B "HO2'" 1 
ATOM 1131 H "H1'"  . G B 1 12 ? -13.731 0.470   0.837   1.00 0.00 ? 12 G B "H1'"  1 
ATOM 1132 H H8     . G B 1 12 ? -10.879 2.689   -0.341  1.00 0.00 ? 12 G B H8     1 
ATOM 1133 H H1     . G B 1 12 ? -9.620  -2.860  2.463   1.00 0.00 ? 12 G B H1     1 
ATOM 1134 H H21    . G B 1 12 ? -11.547 -3.739  3.408   1.00 0.00 ? 12 G B H21    1 
ATOM 1135 H H22    . G B 1 12 ? -12.910 -2.630  3.344   1.00 0.00 ? 12 G B H22    1 
ATOM 1136 P P      . C B 1 13 ? -14.085 5.361   3.399   1.00 0.00 ? 13 C B P      1 
ATOM 1137 O OP1    . C B 1 13 ? -15.114 6.140   4.122   1.00 0.00 ? 13 C B OP1    1 
ATOM 1138 O OP2    . C B 1 13 ? -12.883 6.059   2.891   1.00 0.00 ? 13 C B OP2    1 
ATOM 1139 O "O5'"  . C B 1 13 ? -13.661 4.165   4.361   1.00 0.00 ? 13 C B "O5'"  1 
ATOM 1140 C "C5'"  . C B 1 13 ? -14.648 3.364   4.991   1.00 0.00 ? 13 C B "C5'"  1 
ATOM 1141 C "C4'"  . C B 1 13 ? -14.039 2.310   5.911   1.00 0.00 ? 13 C B "C4'"  1 
ATOM 1142 O "O4'"  . C B 1 13 ? -13.460 1.142   5.335   1.00 0.00 ? 13 C B "O4'"  1 
ATOM 1143 C "C3'"  . C B 1 13 ? -12.987 2.930   6.810   1.00 0.00 ? 13 C B "C3'"  1 
ATOM 1144 O "O3'"  . C B 1 13 ? -13.641 3.806   7.713   1.00 0.00 ? 13 C B "O3'"  1 
ATOM 1145 C "C2'"  . C B 1 13 ? -12.406 1.659   7.399   1.00 0.00 ? 13 C B "C2'"  1 
ATOM 1146 O "O2'"  . C B 1 13 ? -13.217 1.208   8.468   1.00 0.00 ? 13 C B "O2'"  1 
ATOM 1147 C "C1'"  . C B 1 13 ? -12.444 0.689   6.232   1.00 0.00 ? 13 C B "C1'"  1 
ATOM 1148 N N1     . C B 1 13 ? -11.113 0.401   5.600   1.00 0.00 ? 13 C B N1     1 
ATOM 1149 C C2     . C B 1 13 ? -10.384 -0.698  6.079   1.00 0.00 ? 13 C B C2     1 
ATOM 1150 O O2     . C B 1 13 ? -10.899 -1.508  6.843   1.00 0.00 ? 13 C B O2     1 
ATOM 1151 N N3     . C B 1 13 ? -9.107  -0.934  5.677   1.00 0.00 ? 13 C B N3     1 
ATOM 1152 C C4     . C B 1 13 ? -8.534  -0.071  4.862   1.00 0.00 ? 13 C B C4     1 
ATOM 1153 N N4     . C B 1 13 ? -7.363  -0.406  4.365   1.00 0.00 ? 13 C B N4     1 
ATOM 1154 C C5     . C B 1 13 ? -9.246  1.031   4.301   1.00 0.00 ? 13 C B C5     1 
ATOM 1155 C C6     . C B 1 13 ? -10.562 1.195   4.625   1.00 0.00 ? 13 C B C6     1 
ATOM 1156 H "H5'"  . C B 1 13 ? -15.292 2.874   4.267   1.00 0.00 ? 13 C B "H5'"  1 
ATOM 1157 H "H5''" . C B 1 13 ? -15.282 4.009   5.601   1.00 0.00 ? 13 C B "H5''" 1 
ATOM 1158 H "H4'"  . C B 1 13 ? -14.847 1.960   6.557   1.00 0.00 ? 13 C B "H4'"  1 
ATOM 1159 H "H3'"  . C B 1 13 ? -12.227 3.426   6.203   1.00 0.00 ? 13 C B "H3'"  1 
ATOM 1160 H "H2'"  . C B 1 13 ? -11.392 1.753   7.712   1.00 0.00 ? 13 C B "H2'"  1 
ATOM 1161 H "HO2'" . C B 1 13 ? -13.512 1.997   8.938   1.00 0.00 ? 13 C B "HO2'" 1 
ATOM 1162 H "H1'"  . C B 1 13 ? -12.750 -0.201  6.755   1.00 0.00 ? 13 C B "H1'"  1 
ATOM 1163 H H41    . C B 1 13 ? -6.955  -1.321  4.536   1.00 0.00 ? 13 C B H41    1 
ATOM 1164 H H42    . C B 1 13 ? -6.994  0.151   3.618   1.00 0.00 ? 13 C B H42    1 
ATOM 1165 H H5     . C B 1 13 ? -8.745  1.657   3.589   1.00 0.00 ? 13 C B H5     1 
ATOM 1166 H H6     . C B 1 13 ? -11.205 1.906   4.100   1.00 0.00 ? 13 C B H6     1 
ATOM 1167 P P      . G B 1 14 ? -12.999 5.210   8.105   1.00 0.00 ? 14 G B P      1 
ATOM 1168 O OP1    . G B 1 14 ? -14.108 6.052   8.586   1.00 0.00 ? 14 G B OP1    1 
ATOM 1169 O OP2    . G B 1 14 ? -12.280 5.719   6.923   1.00 0.00 ? 14 G B OP2    1 
ATOM 1170 O "O5'"  . G B 1 14 ? -11.994 4.812   9.273   1.00 0.00 ? 14 G B "O5'"  1 
ATOM 1171 C "C5'"  . G B 1 14 ? -12.489 4.461   10.551  1.00 0.00 ? 14 G B "C5'"  1 
ATOM 1172 C "C4'"  . G B 1 14 ? -11.385 3.881   11.436  1.00 0.00 ? 14 G B "C4'"  1 
ATOM 1173 O "O4'"  . G B 1 14 ? -11.131 2.525   11.074  1.00 0.00 ? 14 G B "O4'"  1 
ATOM 1174 C "C3'"  . G B 1 14 ? -10.039 4.607   11.349  1.00 0.00 ? 14 G B "C3'"  1 
ATOM 1175 O "O3'"  . G B 1 14 ? -9.950  5.778   12.149  1.00 0.00 ? 14 G B "O3'"  1 
ATOM 1176 C "C2'"  . G B 1 14 ? -9.136  3.497   11.876  1.00 0.00 ? 14 G B "C2'"  1 
ATOM 1177 O "O2'"  . G B 1 14 ? -9.241  3.421   13.286  1.00 0.00 ? 14 G B "O2'"  1 
ATOM 1178 C "C1'"  . G B 1 14 ? -9.745  2.248   11.242  1.00 0.00 ? 14 G B "C1'"  1 
ATOM 1179 N N9     . G B 1 14 ? -9.118  2.008   9.922   1.00 0.00 ? 14 G B N9     1 
ATOM 1180 C C8     . G B 1 14 ? -9.451  2.565   8.715   1.00 0.00 ? 14 G B C8     1 
ATOM 1181 N N7     . G B 1 14 ? -8.649  2.271   7.735   1.00 0.00 ? 14 G B N7     1 
ATOM 1182 C C5     . G B 1 14 ? -7.725  1.413   8.329   1.00 0.00 ? 14 G B C5     1 
ATOM 1183 C C6     . G B 1 14 ? -6.599  0.726   7.775   1.00 0.00 ? 14 G B C6     1 
ATOM 1184 O O6     . G B 1 14 ? -6.088  0.828   6.669   1.00 0.00 ? 14 G B O6     1 
ATOM 1185 N N1     . G B 1 14 ? -6.035  -0.183  8.638   1.00 0.00 ? 14 G B N1     1 
ATOM 1186 C C2     . G B 1 14 ? -6.404  -0.330  9.939   1.00 0.00 ? 14 G B C2     1 
ATOM 1187 N N2     . G B 1 14 ? -5.781  -1.256  10.638  1.00 0.00 ? 14 G B N2     1 
ATOM 1188 N N3     . G B 1 14 ? -7.383  0.370   10.526  1.00 0.00 ? 14 G B N3     1 
ATOM 1189 C C4     . G B 1 14 ? -8.030  1.206   9.657   1.00 0.00 ? 14 G B C4     1 
ATOM 1190 H "H5'"  . G B 1 14 ? -13.292 3.729   10.460  1.00 0.00 ? 14 G B "H5'"  1 
ATOM 1191 H "H5''" . G B 1 14 ? -12.887 5.358   11.026  1.00 0.00 ? 14 G B "H5''" 1 
ATOM 1192 H "H4'"  . G B 1 14 ? -11.722 3.897   12.472  1.00 0.00 ? 14 G B "H4'"  1 
ATOM 1193 H "H3'"  . G B 1 14 ? -9.794  4.819   10.308  1.00 0.00 ? 14 G B "H3'"  1 
ATOM 1194 H "H2'"  . G B 1 14 ? -8.107  3.644   11.561  1.00 0.00 ? 14 G B "H2'"  1 
ATOM 1195 H "HO2'" . G B 1 14 ? -9.423  4.324   13.579  1.00 0.00 ? 14 G B "HO2'" 1 
ATOM 1196 H "H1'"  . G B 1 14 ? -9.579  1.384   11.889  1.00 0.00 ? 14 G B "H1'"  1 
ATOM 1197 H H8     . G B 1 14 ? -10.358 3.133   8.561   1.00 0.00 ? 14 G B H8     1 
ATOM 1198 H H1     . G B 1 14 ? -5.377  -0.830  8.228   1.00 0.00 ? 14 G B H1     1 
ATOM 1199 H H21    . G B 1 14 ? -5.087  -1.893  10.229  1.00 0.00 ? 14 G B H21    1 
ATOM 1200 H H22    . G B 1 14 ? -6.090  -1.356  11.586  1.00 0.00 ? 14 G B H22    1 
ATOM 1201 P P      . C B 1 15 ? -8.948  6.967   11.741  1.00 0.00 ? 15 C B P      1 
ATOM 1202 O OP1    . C B 1 15 ? -9.159  8.104   12.659  1.00 0.00 ? 15 C B OP1    1 
ATOM 1203 O OP2    . C B 1 15 ? -9.153  7.281   10.313  1.00 0.00 ? 15 C B OP2    1 
ATOM 1204 O "O5'"  . C B 1 15 ? -7.478  6.379   11.932  1.00 0.00 ? 15 C B "O5'"  1 
ATOM 1205 C "C5'"  . C B 1 15 ? -6.988  6.043   13.215  1.00 0.00 ? 15 C B "C5'"  1 
ATOM 1206 C "C4'"  . C B 1 15 ? -5.673  5.270   13.103  1.00 0.00 ? 15 C B "C4'"  1 
ATOM 1207 O "O4'"  . C B 1 15 ? -5.952  4.098   12.333  1.00 0.00 ? 15 C B "O4'"  1 
ATOM 1208 C "C3'"  . C B 1 15 ? -4.501  5.951   12.389  1.00 0.00 ? 15 C B "C3'"  1 
ATOM 1209 O "O3'"  . C B 1 15 ? -3.597  6.665   13.219  1.00 0.00 ? 15 C B "O3'"  1 
ATOM 1210 C "C2'"  . C B 1 15 ? -3.733  4.702   11.974  1.00 0.00 ? 15 C B "C2'"  1 
ATOM 1211 O "O2'"  . C B 1 15 ? -3.076  4.153   13.105  1.00 0.00 ? 15 C B "O2'"  1 
ATOM 1212 C "C1'"  . C B 1 15 ? -4.821  3.746   11.552  1.00 0.00 ? 15 C B "C1'"  1 
ATOM 1213 N N1     . C B 1 15 ? -5.014  3.778   10.072  1.00 0.00 ? 15 C B N1     1 
ATOM 1214 C C2     . C B 1 15 ? -4.054  3.107   9.316   1.00 0.00 ? 15 C B C2     1 
ATOM 1215 O O2     . C B 1 15 ? -3.142  2.503   9.868   1.00 0.00 ? 15 C B O2     1 
ATOM 1216 N N3     . C B 1 15 ? -4.103  3.102   7.965   1.00 0.00 ? 15 C B N3     1 
ATOM 1217 C C4     . C B 1 15 ? -5.088  3.741   7.356   1.00 0.00 ? 15 C B C4     1 
ATOM 1218 N N4     . C B 1 15 ? -5.084  3.687   6.041   1.00 0.00 ? 15 C B N4     1 
ATOM 1219 C C5     . C B 1 15 ? -6.112  4.432   8.079   1.00 0.00 ? 15 C B C5     1 
ATOM 1220 C C6     . C B 1 15 ? -6.040  4.438   9.438   1.00 0.00 ? 15 C B C6     1 
ATOM 1221 H "H5'"  . C B 1 15 ? -7.710  5.426   13.746  1.00 0.00 ? 15 C B "H5'"  1 
ATOM 1222 H "H5''" . C B 1 15 ? -6.821  6.956   13.787  1.00 0.00 ? 15 C B "H5''" 1 
ATOM 1223 H "H4'"  . C B 1 15 ? -5.348  4.970   14.100  1.00 0.00 ? 15 C B "H4'"  1 
ATOM 1224 H "H3'"  . C B 1 15 ? -4.843  6.520   11.521  1.00 0.00 ? 15 C B "H3'"  1 
ATOM 1225 H "H2'"  . C B 1 15 ? -3.017  4.886   11.179  1.00 0.00 ? 15 C B "H2'"  1 
ATOM 1226 H "HO2'" . C B 1 15 ? -2.871  4.923   13.655  1.00 0.00 ? 15 C B "HO2'" 1 
ATOM 1227 H "H1'"  . C B 1 15 ? -4.454  2.759   11.811  1.00 0.00 ? 15 C B "H1'"  1 
ATOM 1228 H H41    . C B 1 15 ? -4.419  3.028   5.648   1.00 0.00 ? 15 C B H41    1 
ATOM 1229 H H42    . C B 1 15 ? -5.856  4.048   5.521   1.00 0.00 ? 15 C B H42    1 
ATOM 1230 H H5     . C B 1 15 ? -6.922  4.943   7.583   1.00 0.00 ? 15 C B H5     1 
ATOM 1231 H H6     . C B 1 15 ? -6.782  4.965   10.024  1.00 0.00 ? 15 C B H6     1 
ATOM 1232 P P      . A B 1 16 ? -2.632  7.773   12.580  1.00 0.00 ? 16 A B P      1 
ATOM 1233 O OP1    . A B 1 16 ? -1.761  8.325   13.635  1.00 0.00 ? 16 A B OP1    1 
ATOM 1234 O OP2    . A B 1 16 ? -3.444  8.780   11.871  1.00 0.00 ? 16 A B OP2    1 
ATOM 1235 O "O5'"  . A B 1 16 ? -1.700  7.033   11.507  1.00 0.00 ? 16 A B "O5'"  1 
ATOM 1236 C "C5'"  . A B 1 16 ? -0.669  6.108   11.833  1.00 0.00 ? 16 A B "C5'"  1 
ATOM 1237 C "C4'"  . A B 1 16 ? 0.077   5.718   10.547  1.00 0.00 ? 16 A B "C4'"  1 
ATOM 1238 O "O4'"  . A B 1 16 ? -0.797  5.107   9.578   1.00 0.00 ? 16 A B "O4'"  1 
ATOM 1239 C "C3'"  . A B 1 16 ? 0.633   6.984   9.911   1.00 0.00 ? 16 A B "C3'"  1 
ATOM 1240 O "O3'"  . A B 1 16 ? 1.920   7.348   10.423  1.00 0.00 ? 16 A B "O3'"  1 
ATOM 1241 C "C2'"  . A B 1 16 ? 0.661   6.490   8.482   1.00 0.00 ? 16 A B "C2'"  1 
ATOM 1242 O "O2'"  . A B 1 16 ? 1.789   5.645   8.296   1.00 0.00 ? 16 A B "O2'"  1 
ATOM 1243 C "C1'"  . A B 1 16 ? -0.585  5.613   8.243   1.00 0.00 ? 16 A B "C1'"  1 
ATOM 1244 N N9     . A B 1 16 ? -1.880  6.268   7.779   1.00 0.00 ? 16 A B N9     1 
ATOM 1245 C C8     . A B 1 16 ? -2.960  6.375   8.578   1.00 0.00 ? 16 A B C8     1 
ATOM 1246 N N7     . A B 1 16 ? -4.055  6.896   8.120   1.00 0.00 ? 16 A B N7     1 
ATOM 1247 C C5     . A B 1 16 ? -3.723  7.054   6.788   1.00 0.00 ? 16 A B C5     1 
ATOM 1248 C C6     . A B 1 16 ? -4.476  7.455   5.660   1.00 0.00 ? 16 A B C6     1 
ATOM 1249 N N6     . A B 1 16 ? -5.733  7.857   5.696   1.00 0.00 ? 16 A B N6     1 
ATOM 1250 N N1     . A B 1 16 ? -3.952  7.407   4.437   1.00 0.00 ? 16 A B N1     1 
ATOM 1251 C C2     . A B 1 16 ? -2.717  6.955   4.346   1.00 0.00 ? 16 A B C2     1 
ATOM 1252 N N3     . A B 1 16 ? -1.887  6.580   5.311   1.00 0.00 ? 16 A B N3     1 
ATOM 1253 C C4     . A B 1 16 ? -2.435  6.627   6.548   1.00 0.00 ? 16 A B C4     1 
ATOM 1254 H "H5'"  . A B 1 16 ? -1.062  5.212   12.300  1.00 0.00 ? 16 A B "H5'"  1 
ATOM 1255 H "H5''" . A B 1 16 ? 0.035   6.581   12.520  1.00 0.00 ? 16 A B "H5''" 1 
ATOM 1256 H "H4'"  . A B 1 16 ? 0.901   5.039   10.773  1.00 0.00 ? 16 A B "H4'"  1 
ATOM 1257 H "H3'"  . A B 1 16 ? -0.064  7.819   9.978   1.00 0.00 ? 16 A B "H3'"  1 
ATOM 1258 H "H2'"  . A B 1 16 ? 0.705   7.375   7.864   1.00 0.00 ? 16 A B "H2'"  1 
ATOM 1259 H "HO2'" . A B 1 16 ? 2.585   6.202   8.390   1.00 0.00 ? 16 A B "HO2'" 1 
ATOM 1260 H "H1'"  . A B 1 16 ? -0.330  4.797   7.562   1.00 0.00 ? 16 A B "H1'"  1 
ATOM 1261 H H8     . A B 1 16 ? -2.822  5.948   9.509   1.00 0.00 ? 16 A B H8     1 
ATOM 1262 H H61    . A B 1 16 ? -6.144  8.102   4.816   1.00 0.00 ? 16 A B H61    1 
ATOM 1263 H H62    . A B 1 16 ? -6.209  7.885   6.584   1.00 0.00 ? 16 A B H62    1 
ATOM 1264 H H2     . A B 1 16 ? -2.248  6.909   3.383   1.00 0.00 ? 16 A B H2     1 
ATOM 1265 P P      . C B 1 17 ? 2.868   8.398   9.659   1.00 0.00 ? 17 C B P      1 
ATOM 1266 O OP1    . C B 1 17 ? 3.892   8.986   10.540  1.00 0.00 ? 17 C B OP1    1 
ATOM 1267 O OP2    . C B 1 17 ? 2.085   9.356   8.859   1.00 0.00 ? 17 C B OP2    1 
ATOM 1268 O "O5'"  . C B 1 17 ? 3.705   7.581   8.563   1.00 0.00 ? 17 C B "O5'"  1 
ATOM 1269 C "C5'"  . C B 1 17 ? 4.786   6.697   8.863   1.00 0.00 ? 17 C B "C5'"  1 
ATOM 1270 C "C4'"  . C B 1 17 ? 5.516   6.365   7.543   1.00 0.00 ? 17 C B "C4'"  1 
ATOM 1271 O "O4'"  . C B 1 17 ? 4.605   5.773   6.633   1.00 0.00 ? 17 C B "O4'"  1 
ATOM 1272 C "C3'"  . C B 1 17 ? 5.950   7.664   6.870   1.00 0.00 ? 17 C B "C3'"  1 
ATOM 1273 O "O3'"  . C B 1 17 ? 7.158   8.202   7.381   1.00 0.00 ? 17 C B "O3'"  1 
ATOM 1274 C "C2'"  . C B 1 17 ? 5.952   7.258   5.399   1.00 0.00 ? 17 C B "C2'"  1 
ATOM 1275 O "O2'"  . C B 1 17 ? 7.028   6.426   4.999   1.00 0.00 ? 17 C B "O2'"  1 
ATOM 1276 C "C1'"  . C B 1 17 ? 4.724   6.365   5.331   1.00 0.00 ? 17 C B "C1'"  1 
ATOM 1277 N N1     . C B 1 17 ? 3.463   7.097   5.080   1.00 0.00 ? 17 C B N1     1 
ATOM 1278 C C2     . C B 1 17 ? 3.286   7.914   3.968   1.00 0.00 ? 17 C B C2     1 
ATOM 1279 O O2     . C B 1 17 ? 4.104   7.950   3.058   1.00 0.00 ? 17 C B O2     1 
ATOM 1280 N N3     . C B 1 17 ? 2.088   8.530   3.789   1.00 0.00 ? 17 C B N3     1 
ATOM 1281 C C4     . C B 1 17 ? 1.099   8.281   4.635   1.00 0.00 ? 17 C B C4     1 
ATOM 1282 N N4     . C B 1 17 ? -0.070  8.669   4.226   1.00 0.00 ? 17 C B N4     1 
ATOM 1283 C C5     . C B 1 17 ? 1.151   7.215   5.561   1.00 0.00 ? 17 C B C5     1 
ATOM 1284 C C6     . C B 1 17 ? 2.343   6.593   5.652   1.00 0.00 ? 17 C B C6     1 
ATOM 1285 H "H5'"  . C B 1 17 ? 4.416   5.781   9.328   1.00 0.00 ? 17 C B "H5'"  1 
ATOM 1286 H "H5''" . C B 1 17 ? 5.489   7.184   9.543   1.00 0.00 ? 17 C B "H5''" 1 
ATOM 1287 H "H4'"  . C B 1 17 ? 6.379   5.718   7.702   1.00 0.00 ? 17 C B "H4'"  1 
ATOM 1288 H "H3'"  . C B 1 17 ? 5.161   8.406   6.974   1.00 0.00 ? 17 C B "H3'"  1 
ATOM 1289 H "H2'"  . C B 1 17 ? 5.870   8.123   4.755   1.00 0.00 ? 17 C B "H2'"  1 
ATOM 1290 H "HO2'" . C B 1 17 ? 7.212   6.605   4.069   1.00 0.00 ? 17 C B "HO2'" 1 
ATOM 1291 H "H1'"  . C B 1 17 ? 4.767   5.667   4.517   1.00 0.00 ? 17 C B "H1'"  1 
ATOM 1292 H H41    . C B 1 17 ? -0.036  9.352   3.482   1.00 0.00 ? 17 C B H41    1 
ATOM 1293 H H42    . C B 1 17 ? -0.888  8.394   4.749   1.00 0.00 ? 17 C B H42    1 
ATOM 1294 H H5     . C B 1 17 ? 0.278   6.791   6.061   1.00 0.00 ? 17 C B H5     1 
ATOM 1295 H H6     . C B 1 17 ? 2.446   5.590   6.045   1.00 0.00 ? 17 C B H6     1 
ATOM 1296 P P      . G B 1 18 ? 7.514   9.745   7.172   1.00 0.00 ? 18 G B P      1 
ATOM 1297 O OP1    . G B 1 18 ? 8.825   10.053  7.777   1.00 0.00 ? 18 G B OP1    1 
ATOM 1298 O OP2    . G B 1 18 ? 6.376   10.564  7.672   1.00 0.00 ? 18 G B OP2    1 
ATOM 1299 O "O5'"  . G B 1 18 ? 7.644   9.928   5.591   1.00 0.00 ? 18 G B "O5'"  1 
ATOM 1300 C "C5'"  . G B 1 18 ? 8.624   9.199   4.866   1.00 0.00 ? 18 G B "C5'"  1 
ATOM 1301 C "C4'"  . G B 1 18 ? 8.441   9.331   3.348   1.00 0.00 ? 18 G B "C4'"  1 
ATOM 1302 O "O4'"  . G B 1 18 ? 7.157   8.875   2.921   1.00 0.00 ? 18 G B "O4'"  1 
ATOM 1303 C "C3'"  . G B 1 18 ? 8.527   10.778  2.903   1.00 0.00 ? 18 G B "C3'"  1 
ATOM 1304 O "O3'"  . G B 1 18 ? 9.885   11.111  2.679   1.00 0.00 ? 18 G B "O3'"  1 
ATOM 1305 C "C2'"  . G B 1 18 ? 7.752   10.737  1.594   1.00 0.00 ? 18 G B "C2'"  1 
ATOM 1306 O "O2'"  . G B 1 18 ? 8.582   10.206  0.577   1.00 0.00 ? 18 G B "O2'"  1 
ATOM 1307 C "C1'"  . G B 1 18 ? 6.634   9.755   1.919   1.00 0.00 ? 18 G B "C1'"  1 
ATOM 1308 N N9     . G B 1 18 ? 5.462   10.518  2.424   1.00 0.00 ? 18 G B N9     1 
ATOM 1309 C C8     . G B 1 18 ? 5.018   10.655  3.714   1.00 0.00 ? 18 G B C8     1 
ATOM 1310 N N7     . G B 1 18 ? 4.045   11.516  3.871   1.00 0.00 ? 18 G B N7     1 
ATOM 1311 C C5     . G B 1 18 ? 3.804   11.960  2.566   1.00 0.00 ? 18 G B C5     1 
ATOM 1312 C C6     . G B 1 18 ? 2.883   12.938  2.054   1.00 0.00 ? 18 G B C6     1 
ATOM 1313 O O6     . G B 1 18 ? 2.134   13.690  2.667   1.00 0.00 ? 18 G B O6     1 
ATOM 1314 N N1     . G B 1 18 ? 2.872   13.024  0.674   1.00 0.00 ? 18 G B N1     1 
ATOM 1315 C C2     . G B 1 18 ? 3.713   12.314  -0.126  1.00 0.00 ? 18 G B C2     1 
ATOM 1316 N N2     . G B 1 18 ? 3.556   12.453  -1.420  1.00 0.00 ? 18 G B N2     1 
ATOM 1317 N N3     . G B 1 18 ? 4.629   11.449  0.314   1.00 0.00 ? 18 G B N3     1 
ATOM 1318 C C4     . G B 1 18 ? 4.622   11.306  1.672   1.00 0.00 ? 18 G B C4     1 
ATOM 1319 H "H5'"  . G B 1 18 ? 8.623   8.151   5.149   1.00 0.00 ? 18 G B "H5'"  1 
ATOM 1320 H "H5''" . G B 1 18 ? 9.606   9.594   5.126   1.00 0.00 ? 18 G B "H5''" 1 
ATOM 1321 H "H4'"  . G B 1 18 ? 9.210   8.756   2.831   1.00 0.00 ? 18 G B "H4'"  1 
ATOM 1322 H "H3'"  . G B 1 18 ? 8.035   11.438  3.621   1.00 0.00 ? 18 G B "H3'"  1 
ATOM 1323 H "H2'"  . G B 1 18 ? 7.367   11.720  1.322   1.00 0.00 ? 18 G B "H2'"  1 
ATOM 1324 H "HO2'" . G B 1 18 ? 9.482   10.429  0.851   1.00 0.00 ? 18 G B "HO2'" 1 
ATOM 1325 H "H1'"  . G B 1 18 ? 6.340   9.221   1.018   1.00 0.00 ? 18 G B "H1'"  1 
ATOM 1326 H H8     . G B 1 18 ? 5.443   10.063  4.508   1.00 0.00 ? 18 G B H8     1 
ATOM 1327 H H1     . G B 1 18 ? 2.181   13.637  0.259   1.00 0.00 ? 18 G B H1     1 
ATOM 1328 H H21    . G B 1 18 ? 2.841   13.052  -1.801  1.00 0.00 ? 18 G B H21    1 
ATOM 1329 H H22    . G B 1 18 ? 4.132   11.850  -1.984  1.00 0.00 ? 18 G B H22    1 
ATOM 1330 P P      . U B 1 19 ? 10.413  12.561  3.037   1.00 0.00 ? 19 U B P      1 
ATOM 1331 O OP1    . U B 1 19 ? 11.855  12.625  2.725   1.00 0.00 ? 19 U B OP1    1 
ATOM 1332 O OP2    . U B 1 19 ? 10.067  12.843  4.444   1.00 0.00 ? 19 U B OP2    1 
ATOM 1333 O "O5'"  . U B 1 19 ? 9.580   13.491  2.052   1.00 0.00 ? 19 U B "O5'"  1 
ATOM 1334 C "C5'"  . U B 1 19 ? 9.848   13.519  0.660   1.00 0.00 ? 19 U B "C5'"  1 
ATOM 1335 C "C4'"  . U B 1 19 ? 8.850   14.430  -0.058  1.00 0.00 ? 19 U B "C4'"  1 
ATOM 1336 O "O4'"  . U B 1 19 ? 7.530   13.890  -0.092  1.00 0.00 ? 19 U B "O4'"  1 
ATOM 1337 C "C3'"  . U B 1 19 ? 8.751   15.786  0.624   1.00 0.00 ? 19 U B "C3'"  1 
ATOM 1338 O "O3'"  . U B 1 19 ? 9.851   16.603  0.258   1.00 0.00 ? 19 U B "O3'"  1 
ATOM 1339 C "C2'"  . U B 1 19 ? 7.385   16.253  0.138   1.00 0.00 ? 19 U B "C2'"  1 
ATOM 1340 O "O2'"  . U B 1 19 ? 7.359   16.886  -1.127  1.00 0.00 ? 19 U B "O2'"  1 
ATOM 1341 C "C1'"  . U B 1 19 ? 6.590   14.959  0.014   1.00 0.00 ? 19 U B "C1'"  1 
ATOM 1342 N N1     . U B 1 19 ? 5.684   14.908  1.176   1.00 0.00 ? 19 U B N1     1 
ATOM 1343 C C2     . U B 1 19 ? 4.538   15.718  1.134   1.00 0.00 ? 19 U B C2     1 
ATOM 1344 O O2     . U B 1 19 ? 4.083   16.183  0.093   1.00 0.00 ? 19 U B O2     1 
ATOM 1345 N N3     . U B 1 19 ? 3.928   16.006  2.338   1.00 0.00 ? 19 U B N3     1 
ATOM 1346 C C4     . U B 1 19 ? 4.327   15.526  3.564   1.00 0.00 ? 19 U B C4     1 
ATOM 1347 O O4     . U B 1 19 ? 3.686   15.827  4.566   1.00 0.00 ? 19 U B O4     1 
ATOM 1348 C C5     . U B 1 19 ? 5.504   14.676  3.510   1.00 0.00 ? 19 U B C5     1 
ATOM 1349 C C6     . U B 1 19 ? 6.140   14.391  2.356   1.00 0.00 ? 19 U B C6     1 
ATOM 1350 H "H5'"  . U B 1 19 ? 9.785   12.518  0.236   1.00 0.00 ? 19 U B "H5'"  1 
ATOM 1351 H "H5''" . U B 1 19 ? 10.857  13.905  0.499   1.00 0.00 ? 19 U B "H5''" 1 
ATOM 1352 H "H4'"  . U B 1 19 ? 9.181   14.591  -1.084  1.00 0.00 ? 19 U B "H4'"  1 
ATOM 1353 H "H3'"  . U B 1 19 ? 8.707   15.659  1.707   1.00 0.00 ? 19 U B "H3'"  1 
ATOM 1354 H "H2'"  . U B 1 19 ? 6.943   16.848  0.952   1.00 0.00 ? 19 U B "H2'"  1 
ATOM 1355 H "HO2'" . U B 1 19 ? 7.138   17.827  -0.985  1.00 0.00 ? 19 U B "HO2'" 1 
ATOM 1356 H "H1'"  . U B 1 19 ? 5.991   15.005  -0.897  1.00 0.00 ? 19 U B "H1'"  1 
ATOM 1357 H H3     . U B 1 19 ? 3.050   16.511  2.309   1.00 0.00 ? 19 U B H3     1 
ATOM 1358 H H5     . U B 1 19 ? 5.921   14.242  4.388   1.00 0.00 ? 19 U B H5     1 
ATOM 1359 H H6     . U B 1 19 ? 7.037   13.785  2.365   1.00 0.00 ? 19 U B H6     1 
ATOM 1360 P P      . U B 1 20 ? 10.245  17.889  1.107   1.00 0.00 ? 20 U B P      1 
ATOM 1361 O OP1    . U B 1 20 ? 11.579  18.374  0.700   1.00 0.00 ? 20 U B OP1    1 
ATOM 1362 O OP2    . U B 1 20 ? 10.106  17.592  2.547   1.00 0.00 ? 20 U B OP2    1 
ATOM 1363 O "O5'"  . U B 1 20 ? 9.134   18.943  0.680   1.00 0.00 ? 20 U B "O5'"  1 
ATOM 1364 C "C5'"  . U B 1 20 ? 9.081   19.467  -0.633  1.00 0.00 ? 20 U B "C5'"  1 
ATOM 1365 C "C4'"  . U B 1 20 ? 7.771   20.244  -0.797  1.00 0.00 ? 20 U B "C4'"  1 
ATOM 1366 O "O4'"  . U B 1 20 ? 6.657   19.373  -0.593  1.00 0.00 ? 20 U B "O4'"  1 
ATOM 1367 C "C3'"  . U B 1 20 ? 7.631   21.367  0.221   1.00 0.00 ? 20 U B "C3'"  1 
ATOM 1368 O "O3'"  . U B 1 20 ? 8.353   22.496  -0.244  1.00 0.00 ? 20 U B "O3'"  1 
ATOM 1369 C "C2'"  . U B 1 20 ? 6.107   21.506  0.301   1.00 0.00 ? 20 U B "C2'"  1 
ATOM 1370 O "O2'"  . U B 1 20 ? 5.511   22.319  -0.695  1.00 0.00 ? 20 U B "O2'"  1 
ATOM 1371 C "C1'"  . U B 1 20 ? 5.614   20.076  0.077   1.00 0.00 ? 20 U B "C1'"  1 
ATOM 1372 N N1     . U B 1 20 ? 5.216   19.498  1.387   1.00 0.00 ? 20 U B N1     1 
ATOM 1373 C C2     . U B 1 20 ? 3.873   19.638  1.772   1.00 0.00 ? 20 U B C2     1 
ATOM 1374 O O2     . U B 1 20 ? 2.978   19.939  0.987   1.00 0.00 ? 20 U B O2     1 
ATOM 1375 N N3     . U B 1 20 ? 3.580   19.474  3.114   1.00 0.00 ? 20 U B N3     1 
ATOM 1376 C C4     . U B 1 20 ? 4.507   19.243  4.106   1.00 0.00 ? 20 U B C4     1 
ATOM 1377 O O4     . U B 1 20 ? 4.156   19.155  5.274   1.00 0.00 ? 20 U B O4     1 
ATOM 1378 C C5     . U B 1 20 ? 5.866   19.128  3.636   1.00 0.00 ? 20 U B C5     1 
ATOM 1379 C C6     . U B 1 20 ? 6.181   19.224  2.326   1.00 0.00 ? 20 U B C6     1 
ATOM 1380 H "H5'"  . U B 1 20 ? 9.129   18.666  -1.371  1.00 0.00 ? 20 U B "H5'"  1 
ATOM 1381 H "H5''" . U B 1 20 ? 9.925   20.139  -0.791  1.00 0.00 ? 20 U B "H5''" 1 
ATOM 1382 H "H4'"  . U B 1 20 ? 7.712   20.675  -1.797  1.00 0.00 ? 20 U B "H4'"  1 
ATOM 1383 H "H3'"  . U B 1 20 ? 8.014   21.042  1.187   1.00 0.00 ? 20 U B "H3'"  1 
ATOM 1384 H "H2'"  . U B 1 20 ? 5.833   21.816  1.312   1.00 0.00 ? 20 U B "H2'"  1 
ATOM 1385 H "HO2'" . U B 1 20 ? 5.310   23.191  -0.310  1.00 0.00 ? 20 U B "HO2'" 1 
ATOM 1386 H "H1'"  . U B 1 20 ? 4.737   20.114  -0.574  1.00 0.00 ? 20 U B "H1'"  1 
ATOM 1387 H H3     . U B 1 20 ? 2.628   19.651  3.416   1.00 0.00 ? 20 U B H3     1 
ATOM 1388 H H5     . U B 1 20 ? 6.651   19.014  4.354   1.00 0.00 ? 20 U B H5     1 
ATOM 1389 H H6     . U B 1 20 ? 7.217   19.154  2.036   1.00 0.00 ? 20 U B H6     1 
ATOM 1390 P P      . G B 1 21 ? 8.775   23.690  0.724   1.00 0.00 ? 21 G B P      1 
ATOM 1391 O OP1    . G B 1 21 ? 9.870   24.475  0.120   1.00 0.00 ? 21 G B OP1    1 
ATOM 1392 O OP2    . G B 1 21 ? 9.059   23.157  2.072   1.00 0.00 ? 21 G B OP2    1 
ATOM 1393 O "O5'"  . G B 1 21 ? 7.457   24.574  0.778   1.00 0.00 ? 21 G B "O5'"  1 
ATOM 1394 C "C5'"  . G B 1 21 ? 6.910   25.138  -0.400  1.00 0.00 ? 21 G B "C5'"  1 
ATOM 1395 C "C4'"  . G B 1 21 ? 5.530   25.707  -0.072  1.00 0.00 ? 21 G B "C4'"  1 
ATOM 1396 O "O4'"  . G B 1 21 ? 4.725   24.647  0.429   1.00 0.00 ? 21 G B "O4'"  1 
ATOM 1397 C "C3'"  . G B 1 21 ? 5.557   26.771  1.015   1.00 0.00 ? 21 G B "C3'"  1 
ATOM 1398 O "O3'"  . G B 1 21 ? 5.861   28.012  0.402   1.00 0.00 ? 21 G B "O3'"  1 
ATOM 1399 C "C2'"  . G B 1 21 ? 4.158   26.635  1.634   1.00 0.00 ? 21 G B "C2'"  1 
ATOM 1400 O "O2'"  . G B 1 21 ? 3.122   27.307  0.942   1.00 0.00 ? 21 G B "O2'"  1 
ATOM 1401 C "C1'"  . G B 1 21 ? 3.911   25.135  1.491   1.00 0.00 ? 21 G B "C1'"  1 
ATOM 1402 N N9     . G B 1 21 ? 4.119   24.418  2.756   1.00 0.00 ? 21 G B N9     1 
ATOM 1403 C C8     . G B 1 21 ? 5.178   23.651  3.081   1.00 0.00 ? 21 G B C8     1 
ATOM 1404 N N7     . G B 1 21 ? 5.081   23.013  4.213   1.00 0.00 ? 21 G B N7     1 
ATOM 1405 C C5     . G B 1 21 ? 3.818   23.397  4.683   1.00 0.00 ? 21 G B C5     1 
ATOM 1406 C C6     . G B 1 21 ? 3.088   23.034  5.869   1.00 0.00 ? 21 G B C6     1 
ATOM 1407 O O6     . G B 1 21 ? 3.414   22.302  6.804   1.00 0.00 ? 21 G B O6     1 
ATOM 1408 N N1     . G B 1 21 ? 1.832   23.617  5.923   1.00 0.00 ? 21 G B N1     1 
ATOM 1409 C C2     . G B 1 21 ? 1.336   24.462  4.979   1.00 0.00 ? 21 G B C2     1 
ATOM 1410 N N2     . G B 1 21 ? 0.129   24.932  5.182   1.00 0.00 ? 21 G B N2     1 
ATOM 1411 N N3     . G B 1 21 ? 1.988   24.835  3.876   1.00 0.00 ? 21 G B N3     1 
ATOM 1412 C C4     . G B 1 21 ? 3.224   24.263  3.785   1.00 0.00 ? 21 G B C4     1 
ATOM 1413 H "H5'"  . G B 1 21 ? 6.824   24.390  -1.188  1.00 0.00 ? 21 G B "H5'"  1 
ATOM 1414 H "H5''" . G B 1 21 ? 7.561   25.940  -0.753  1.00 0.00 ? 21 G B "H5''" 1 
ATOM 1415 H "H4'"  . G B 1 21 ? 5.066   26.128  -0.966  1.00 0.00 ? 21 G B "H4'"  1 
ATOM 1416 H "H3'"  . G B 1 21 ? 6.306   26.515  1.764   1.00 0.00 ? 21 G B "H3'"  1 
ATOM 1417 H "H2'"  . G B 1 21 ? 4.170   26.932  2.681   1.00 0.00 ? 21 G B "H2'"  1 
ATOM 1418 H "HO2'" . G B 1 21 ? 2.835   28.054  1.495   1.00 0.00 ? 21 G B "HO2'" 1 
ATOM 1419 H "H1'"  . G B 1 21 ? 2.892   24.927  1.245   1.00 0.00 ? 21 G B "H1'"  1 
ATOM 1420 H H8     . G B 1 21 ? 5.958   23.619  2.357   1.00 0.00 ? 21 G B H8     1 
ATOM 1421 H H1     . G B 1 21 ? 1.299   23.390  6.750   1.00 0.00 ? 21 G B H1     1 
ATOM 1422 H H21    . G B 1 21 ? -0.385  24.656  6.026   1.00 0.00 ? 21 G B H21    1 
ATOM 1423 H H22    . G B 1 21 ? -0.229  25.581  4.509   1.00 0.00 ? 21 G B H22    1 
ATOM 1424 P P      . C B 1 22 ? 6.390   29.249  1.243   1.00 0.00 ? 22 C B P      1 
ATOM 1425 O OP1    . C B 1 22 ? 6.889   30.294  0.325   1.00 0.00 ? 22 C B OP1    1 
ATOM 1426 O OP2    . C B 1 22 ? 7.373   28.774  2.238   1.00 0.00 ? 22 C B OP2    1 
ATOM 1427 O "O5'"  . C B 1 22 ? 5.091   29.765  1.992   1.00 0.00 ? 22 C B "O5'"  1 
ATOM 1428 C "C5'"  . C B 1 22 ? 4.015   30.362  1.298   1.00 0.00 ? 22 C B "C5'"  1 
ATOM 1429 C "C4'"  . C B 1 22 ? 2.838   30.522  2.263   1.00 0.00 ? 22 C B "C4'"  1 
ATOM 1430 O "O4'"  . C B 1 22 ? 2.361   29.264  2.760   1.00 0.00 ? 22 C B "O4'"  1 
ATOM 1431 C "C3'"  . C B 1 22 ? 3.207   31.343  3.497   1.00 0.00 ? 22 C B "C3'"  1 
ATOM 1432 O "O3'"  . C B 1 22 ? 3.176   32.746  3.286   1.00 0.00 ? 22 C B "O3'"  1 
ATOM 1433 C "C2'"  . C B 1 22 ? 2.079   30.907  4.421   1.00 0.00 ? 22 C B "C2'"  1 
ATOM 1434 O "O2'"  . C B 1 22 ? 0.881   31.559  4.039   1.00 0.00 ? 22 C B "O2'"  1 
ATOM 1435 C "C1'"  . C B 1 22 ? 1.960   29.422  4.130   1.00 0.00 ? 22 C B "C1'"  1 
ATOM 1436 N N1     . C B 1 22 ? 2.790   28.548  5.018   1.00 0.00 ? 22 C B N1     1 
ATOM 1437 C C2     . C B 1 22 ? 2.178   27.799  6.038   1.00 0.00 ? 22 C B C2     1 
ATOM 1438 O O2     . C B 1 22 ? 1.008   27.987  6.367   1.00 0.00 ? 22 C B O2     1 
ATOM 1439 N N3     . C B 1 22 ? 2.889   26.856  6.714   1.00 0.00 ? 22 C B N3     1 
ATOM 1440 C C4     . C B 1 22 ? 4.172   26.679  6.430   1.00 0.00 ? 22 C B C4     1 
ATOM 1441 N N4     . C B 1 22 ? 4.821   25.741  7.077   1.00 0.00 ? 22 C B N4     1 
ATOM 1442 C C5     . C B 1 22 ? 4.861   27.497  5.490   1.00 0.00 ? 22 C B C5     1 
ATOM 1443 C C6     . C B 1 22 ? 4.139   28.410  4.811   1.00 0.00 ? 22 C B C6     1 
ATOM 1444 H "H5'"  . C B 1 22 ? 3.717   29.747  0.448   1.00 0.00 ? 22 C B "H5'"  1 
ATOM 1445 H "H5''" . C B 1 22 ? 4.324   31.343  0.930   1.00 0.00 ? 22 C B "H5''" 1 
ATOM 1446 H "H4'"  . C B 1 22 ? 2.021   31.025  1.742   1.00 0.00 ? 22 C B "H4'"  1 
ATOM 1447 H "H3'"  . C B 1 22 ? 4.172   31.001  3.891   1.00 0.00 ? 22 C B "H3'"  1 
ATOM 1448 H "H2'"  . C B 1 22 ? 2.269   31.096  5.461   1.00 0.00 ? 22 C B "H2'"  1 
ATOM 1449 H "HO2'" . C B 1 22 ? 1.152   32.424  3.703   1.00 0.00 ? 22 C B "HO2'" 1 
ATOM 1450 H "H1'"  . C B 1 22 ? 0.917   29.190  4.306   1.00 0.00 ? 22 C B "H1'"  1 
ATOM 1451 H H41    . C B 1 22 ? 4.339   25.243  7.832   1.00 0.00 ? 22 C B H41    1 
ATOM 1452 H H42    . C B 1 22 ? 5.782   25.552  6.874   1.00 0.00 ? 22 C B H42    1 
ATOM 1453 H H5     . C B 1 22 ? 5.915   27.451  5.295   1.00 0.00 ? 22 C B H5     1 
ATOM 1454 H H6     . C B 1 22 ? 4.650   29.014  4.087   1.00 0.00 ? 22 C B H6     1 
ATOM 1455 P P      . C B 1 23 ? 4.045   33.711  4.219   1.00 0.00 ? 23 C B P      1 
ATOM 1456 O OP1    . C B 1 23 ? 3.872   35.104  3.763   1.00 0.00 ? 23 C B OP1    1 
ATOM 1457 O OP2    . C B 1 23 ? 5.443   33.234  4.234   1.00 0.00 ? 23 C B OP2    1 
ATOM 1458 O "O5'"  . C B 1 23 ? 3.433   33.562  5.687   1.00 0.00 ? 23 C B "O5'"  1 
ATOM 1459 C "C5'"  . C B 1 23 ? 2.179   34.122  6.034   1.00 0.00 ? 23 C B "C5'"  1 
ATOM 1460 C "C4'"  . C B 1 23 ? 1.728   33.640  7.417   1.00 0.00 ? 23 C B "C4'"  1 
ATOM 1461 O "O4'"  . C B 1 23 ? 1.386   32.259  7.401   1.00 0.00 ? 23 C B "O4'"  1 
ATOM 1462 C "C3'"  . C B 1 23 ? 2.778   33.804  8.516   1.00 0.00 ? 23 C B "C3'"  1 
ATOM 1463 O "O3'"  . C B 1 23 ? 2.734   35.064  9.143   1.00 0.00 ? 23 C B "O3'"  1 
ATOM 1464 C "C2'"  . C B 1 23 ? 2.275   32.793  9.542   1.00 0.00 ? 23 C B "C2'"  1 
ATOM 1465 O "O2'"  . C B 1 23 ? 1.245   33.372  10.340  1.00 0.00 ? 23 C B "O2'"  1 
ATOM 1466 C "C1'"  . C B 1 23 ? 1.727   31.671  8.649   1.00 0.00 ? 23 C B "C1'"  1 
ATOM 1467 N N1     . C B 1 23 ? 2.776   30.623  8.491   1.00 0.00 ? 23 C B N1     1 
ATOM 1468 C C2     . C B 1 23 ? 2.885   29.655  9.489   1.00 0.00 ? 23 C B C2     1 
ATOM 1469 O O2     . C B 1 23 ? 2.028   29.547  10.364  1.00 0.00 ? 23 C B O2     1 
ATOM 1470 N N3     . C B 1 23 ? 3.984   28.863  9.550   1.00 0.00 ? 23 C B N3     1 
ATOM 1471 C C4     . C B 1 23 ? 4.962   29.027  8.673   1.00 0.00 ? 23 C B C4     1 
ATOM 1472 N N4     . C B 1 23 ? 6.020   28.269  8.818   1.00 0.00 ? 23 C B N4     1 
ATOM 1473 C C5     . C B 1 23 ? 4.892   29.991  7.627   1.00 0.00 ? 23 C B C5     1 
ATOM 1474 C C6     . C B 1 23 ? 3.771   30.744  7.556   1.00 0.00 ? 23 C B C6     1 
ATOM 1475 H "H5'"  . C B 1 23 ? 1.423   33.845  5.299   1.00 0.00 ? 23 C B "H5'"  1 
ATOM 1476 H "H5''" . C B 1 23 ? 2.270   35.209  6.047   1.00 0.00 ? 23 C B "H5''" 1 
ATOM 1477 H "H4'"  . C B 1 23 ? 0.838   34.200  7.708   1.00 0.00 ? 23 C B "H4'"  1 
ATOM 1478 H "H3'"  . C B 1 23 ? 3.779   33.532  8.165   1.00 0.00 ? 23 C B "H3'"  1 
ATOM 1479 H "HO3'" . C B 1 23 ? 2.072   34.901  9.839   1.00 0.00 ? 23 C B "HO3'" 1 
ATOM 1480 H "H2'"  . C B 1 23 ? 3.098   32.451  10.177  1.00 0.00 ? 23 C B "H2'"  1 
ATOM 1481 H "HO2'" . C B 1 23 ? 0.950   32.731  10.998  1.00 0.00 ? 23 C B "HO2'" 1 
ATOM 1482 H "H1'"  . C B 1 23 ? 0.837   31.227  9.104   1.00 0.00 ? 23 C B "H1'"  1 
ATOM 1483 H H41    . C B 1 23 ? 5.993   27.575  9.572   1.00 0.00 ? 23 C B H41    1 
ATOM 1484 H H42    . C B 1 23 ? 6.796   28.343  8.191   1.00 0.00 ? 23 C B H42    1 
ATOM 1485 H H5     . C B 1 23 ? 5.673   30.143  6.901   1.00 0.00 ? 23 C B H5     1 
ATOM 1486 H H6     . C B 1 23 ? 3.665   31.461  6.762   1.00 0.00 ? 23 C B H6     1 
# 
